data_5QH0
# 
_entry.id   5QH0 
# 
_audit_conform.dict_name       mmcif_pdbx.dic 
_audit_conform.dict_version    5.381 
_audit_conform.dict_location   http://mmcif.pdb.org/dictionaries/ascii/mmcif_pdbx.dic 
# 
loop_
_database_2.database_id 
_database_2.database_code 
_database_2.pdbx_database_accession 
_database_2.pdbx_DOI 
PDB   5QH0         pdb_00005qh0 10.2210/pdb5qh0/pdb 
WWPDB D_1001401937 ?            ?                   
# 
_pdbx_database_status.entry_id                        5QH0 
_pdbx_database_status.status_code                     REL 
_pdbx_database_status.status_code_sf                  REL 
_pdbx_database_status.status_code_mr                  ? 
_pdbx_database_status.status_code_cs                  ? 
_pdbx_database_status.recvd_initial_deposition_date   2018-05-15 
_pdbx_database_status.deposit_site                    RCSB 
_pdbx_database_status.process_site                    RCSB 
_pdbx_database_status.SG_entry                        ? 
_pdbx_database_status.pdb_format_compatible           Y 
_pdbx_database_status.methods_development_category    ? 
_pdbx_database_status.status_code_nmr_data            ? 
# 
loop_
_audit_author.name 
_audit_author.pdbx_ordinal 
_audit_author.identifier_ORCID 
'Krojer, T.'         1  ? 
'Talon, R.'          2  ? 
'Fairhead, M.'       3  ? 
'Diaz Saez, L.'      4  ? 
'Bradley, A.R.'      5  ? 
'Aimon, A.'          6  ? 
'Collins, P.'        7  ? 
'Brandao-Neto, J.'   8  ? 
'Douangamath, A.'    9  ? 
'Ruda, G.F.'         10 ? 
'Szommer, T.'        11 ? 
'Srikannathasan, V.' 12 ? 
'Elkins, J.'         13 ? 
'Spencer, J.'        14 ? 
'London, N.'         15 ? 
'Nelson, A.'         16 ? 
'Brennan, P.E.'      17 ? 
'Huber, K.'          18 ? 
'Bountra, C.'        19 ? 
'Arrowsmith, C.H.'   20 ? 
'Edwards, A.'        21 ? 
'von Delft, F.'      22 ? 
# 
_citation.id                        primary 
_citation.title                     'PanDDA analysis group deposition of models with modelled events (e.g. bound ligands)' 
_citation.journal_abbrev            'To Be Published' 
_citation.journal_volume            ? 
_citation.page_first                ? 
_citation.page_last                 ? 
_citation.year                      ? 
_citation.journal_id_ASTM           ? 
_citation.country                   ? 
_citation.journal_id_ISSN           ? 
_citation.journal_id_CSD            0353 
_citation.book_publisher            ? 
_citation.pdbx_database_id_PubMed   ? 
_citation.pdbx_database_id_DOI      ? 
# 
loop_
_citation_author.citation_id 
_citation_author.name 
_citation_author.identifier_ORCID 
_citation_author.ordinal 
primary 'Krojer, T.'         ? 1  
primary 'Talon, R.'          ? 2  
primary 'Fairhead, M.'       ? 3  
primary 'Diaz Saez, L.'      ? 4  
primary 'Bradley, A.R.'      ? 5  
primary 'Aimon, A.'          ? 6  
primary 'Collins, P.'        ? 7  
primary 'Brandao-Neto, J.'   ? 8  
primary 'Douangamath, A.'    ? 9  
primary 'Ruda, G.F.'         ? 10 
primary 'Szommer, T.'        ? 11 
primary 'Srikannathasan, V.' ? 12 
primary 'Elkins, J.'         ? 13 
primary 'Spencer, J.'        ? 14 
primary 'London, N.'         ? 15 
primary 'Nelson, A.'         ? 16 
primary 'Brennan, P.E.'      ? 17 
primary 'Huber, K.'          ? 18 
primary 'Bountra, C.'        ? 19 
primary 'Arrowsmith, C.H.'   ? 20 
primary 'Edwards, A.'        ? 21 
primary 'von Delft, F.'      ? 22 
# 
_cell.entry_id           5QH0 
_cell.length_a           123.960 
_cell.length_b           123.960 
_cell.length_c           40.911 
_cell.angle_alpha        90.000 
_cell.angle_beta         90.000 
_cell.angle_gamma        120.000 
_cell.Z_PDB              6 
_cell.pdbx_unique_axis   ? 
# 
_symmetry.entry_id                         5QH0 
_symmetry.space_group_name_H-M             'P 3 2 1' 
_symmetry.pdbx_full_space_group_name_H-M   ? 
_symmetry.cell_setting                     ? 
_symmetry.Int_Tables_number                150 
# 
loop_
_entity.id 
_entity.type 
_entity.src_method 
_entity.pdbx_description 
_entity.formula_weight 
_entity.pdbx_number_of_molecules 
_entity.pdbx_ec 
_entity.pdbx_mutation 
_entity.pdbx_fragment 
_entity.details 
1 polymer     man 'Peroxisomal coenzyme A diphosphatase NUDT7'    22197.600 1   3.6.1.- ? ? ? 
2 non-polymer syn 'ACETATE ION'                                   59.044    2   ?       ? ? ? 
3 non-polymer syn 'DIMETHYL SULFOXIDE'                            78.133    2   ?       ? ? ? 
4 non-polymer syn '2-(3-hydroxyphenyl)-N-(pyridin-3-yl)acetamide' 228.247   1   ?       ? ? ? 
5 water       nat water                                           18.015    161 ?       ? ? ? 
# 
_entity_name_com.entity_id   1 
_entity_name_com.name        'Nucleoside diphosphate-linked moiety X motif 7,Nudix motif 7' 
# 
_entity_poly.entity_id                      1 
_entity_poly.type                           'polypeptide(L)' 
_entity_poly.nstd_linkage                   no 
_entity_poly.nstd_monomer                   yes 
_entity_poly.pdbx_seq_one_letter_code       
;SMLDDAKARLRKYDIGGKYSHLPYNKYSVLLPLVAKEGKLHLLFTVRSEKLRRAPGEVCFPGGKRDPTDMDDAATALREA
QEEVGLR(HYP)HQVEVV(CSO)CLVPCLIDTDTLITPFVGLIDHNFQAQPNPAEVKDVFLVPLAYFLHPQVHDQHYVTR
LGHRFINHIFEYTNPEDGVTYQIKGMTANLAVLVAFIILEKKPT
;
_entity_poly.pdbx_seq_one_letter_code_can   
;SMLDDAKARLRKYDIGGKYSHLPYNKYSVLLPLVAKEGKLHLLFTVRSEKLRRAPGEVCFPGGKRDPTDMDDAATALREA
QEEVGLRPHQVEVVCCLVPCLIDTDTLITPFVGLIDHNFQAQPNPAEVKDVFLVPLAYFLHPQVHDQHYVTRLGHRFINH
IFEYTNPEDGVTYQIKGMTANLAVLVAFIILEKKPT
;
_entity_poly.pdbx_strand_id                 A 
_entity_poly.pdbx_target_identifier         ? 
# 
loop_
_entity_poly_seq.entity_id 
_entity_poly_seq.num 
_entity_poly_seq.mon_id 
_entity_poly_seq.hetero 
1 1   SER n 
1 2   MET n 
1 3   LEU n 
1 4   ASP n 
1 5   ASP n 
1 6   ALA n 
1 7   LYS n 
1 8   ALA n 
1 9   ARG n 
1 10  LEU n 
1 11  ARG n 
1 12  LYS n 
1 13  TYR n 
1 14  ASP n 
1 15  ILE n 
1 16  GLY n 
1 17  GLY n 
1 18  LYS n 
1 19  TYR n 
1 20  SER n 
1 21  HIS n 
1 22  LEU n 
1 23  PRO n 
1 24  TYR n 
1 25  ASN n 
1 26  LYS n 
1 27  TYR n 
1 28  SER n 
1 29  VAL n 
1 30  LEU n 
1 31  LEU n 
1 32  PRO n 
1 33  LEU n 
1 34  VAL n 
1 35  ALA n 
1 36  LYS n 
1 37  GLU n 
1 38  GLY n 
1 39  LYS n 
1 40  LEU n 
1 41  HIS n 
1 42  LEU n 
1 43  LEU n 
1 44  PHE n 
1 45  THR n 
1 46  VAL n 
1 47  ARG n 
1 48  SER n 
1 49  GLU n 
1 50  LYS n 
1 51  LEU n 
1 52  ARG n 
1 53  ARG n 
1 54  ALA n 
1 55  PRO n 
1 56  GLY n 
1 57  GLU n 
1 58  VAL n 
1 59  CYS n 
1 60  PHE n 
1 61  PRO n 
1 62  GLY n 
1 63  GLY n 
1 64  LYS n 
1 65  ARG n 
1 66  ASP n 
1 67  PRO n 
1 68  THR n 
1 69  ASP n 
1 70  MET n 
1 71  ASP n 
1 72  ASP n 
1 73  ALA n 
1 74  ALA n 
1 75  THR n 
1 76  ALA n 
1 77  LEU n 
1 78  ARG n 
1 79  GLU n 
1 80  ALA n 
1 81  GLN n 
1 82  GLU n 
1 83  GLU n 
1 84  VAL n 
1 85  GLY n 
1 86  LEU n 
1 87  ARG n 
1 88  HYP n 
1 89  HIS n 
1 90  GLN n 
1 91  VAL n 
1 92  GLU n 
1 93  VAL n 
1 94  VAL n 
1 95  CSO n 
1 96  CYS n 
1 97  LEU n 
1 98  VAL n 
1 99  PRO n 
1 100 CYS n 
1 101 LEU n 
1 102 ILE n 
1 103 ASP n 
1 104 THR n 
1 105 ASP n 
1 106 THR n 
1 107 LEU n 
1 108 ILE n 
1 109 THR n 
1 110 PRO n 
1 111 PHE n 
1 112 VAL n 
1 113 GLY n 
1 114 LEU n 
1 115 ILE n 
1 116 ASP n 
1 117 HIS n 
1 118 ASN n 
1 119 PHE n 
1 120 GLN n 
1 121 ALA n 
1 122 GLN n 
1 123 PRO n 
1 124 ASN n 
1 125 PRO n 
1 126 ALA n 
1 127 GLU n 
1 128 VAL n 
1 129 LYS n 
1 130 ASP n 
1 131 VAL n 
1 132 PHE n 
1 133 LEU n 
1 134 VAL n 
1 135 PRO n 
1 136 LEU n 
1 137 ALA n 
1 138 TYR n 
1 139 PHE n 
1 140 LEU n 
1 141 HIS n 
1 142 PRO n 
1 143 GLN n 
1 144 VAL n 
1 145 HIS n 
1 146 ASP n 
1 147 GLN n 
1 148 HIS n 
1 149 TYR n 
1 150 VAL n 
1 151 THR n 
1 152 ARG n 
1 153 LEU n 
1 154 GLY n 
1 155 HIS n 
1 156 ARG n 
1 157 PHE n 
1 158 ILE n 
1 159 ASN n 
1 160 HIS n 
1 161 ILE n 
1 162 PHE n 
1 163 GLU n 
1 164 TYR n 
1 165 THR n 
1 166 ASN n 
1 167 PRO n 
1 168 GLU n 
1 169 ASP n 
1 170 GLY n 
1 171 VAL n 
1 172 THR n 
1 173 TYR n 
1 174 GLN n 
1 175 ILE n 
1 176 LYS n 
1 177 GLY n 
1 178 MET n 
1 179 THR n 
1 180 ALA n 
1 181 ASN n 
1 182 LEU n 
1 183 ALA n 
1 184 VAL n 
1 185 LEU n 
1 186 VAL n 
1 187 ALA n 
1 188 PHE n 
1 189 ILE n 
1 190 ILE n 
1 191 LEU n 
1 192 GLU n 
1 193 LYS n 
1 194 LYS n 
1 195 PRO n 
1 196 THR n 
# 
_entity_src_gen.entity_id                          1 
_entity_src_gen.pdbx_src_id                        1 
_entity_src_gen.pdbx_alt_source_flag               sample 
_entity_src_gen.pdbx_seq_type                      'Biological sequence' 
_entity_src_gen.pdbx_beg_seq_num                   1 
_entity_src_gen.pdbx_end_seq_num                   196 
_entity_src_gen.gene_src_common_name               Human 
_entity_src_gen.gene_src_genus                     ? 
_entity_src_gen.pdbx_gene_src_gene                 NUDT7 
_entity_src_gen.gene_src_species                   ? 
_entity_src_gen.gene_src_strain                    ? 
_entity_src_gen.gene_src_tissue                    ? 
_entity_src_gen.gene_src_tissue_fraction           ? 
_entity_src_gen.gene_src_details                   ? 
_entity_src_gen.pdbx_gene_src_fragment             ? 
_entity_src_gen.pdbx_gene_src_scientific_name      'Homo sapiens' 
_entity_src_gen.pdbx_gene_src_ncbi_taxonomy_id     9606 
_entity_src_gen.pdbx_gene_src_variant              ? 
_entity_src_gen.pdbx_gene_src_cell_line            ? 
_entity_src_gen.pdbx_gene_src_atcc                 ? 
_entity_src_gen.pdbx_gene_src_organ                ? 
_entity_src_gen.pdbx_gene_src_organelle            ? 
_entity_src_gen.pdbx_gene_src_cell                 ? 
_entity_src_gen.pdbx_gene_src_cellular_location    ? 
_entity_src_gen.host_org_common_name               ? 
_entity_src_gen.pdbx_host_org_scientific_name      'Escherichia coli' 
_entity_src_gen.pdbx_host_org_ncbi_taxonomy_id     562 
_entity_src_gen.host_org_genus                     ? 
_entity_src_gen.pdbx_host_org_gene                 ? 
_entity_src_gen.pdbx_host_org_organ                ? 
_entity_src_gen.host_org_species                   ? 
_entity_src_gen.pdbx_host_org_tissue               ? 
_entity_src_gen.pdbx_host_org_tissue_fraction      ? 
_entity_src_gen.pdbx_host_org_strain               ? 
_entity_src_gen.pdbx_host_org_variant              ? 
_entity_src_gen.pdbx_host_org_cell_line            ? 
_entity_src_gen.pdbx_host_org_atcc                 ? 
_entity_src_gen.pdbx_host_org_culture_collection   ? 
_entity_src_gen.pdbx_host_org_cell                 ? 
_entity_src_gen.pdbx_host_org_organelle            ? 
_entity_src_gen.pdbx_host_org_cellular_location    ? 
_entity_src_gen.pdbx_host_org_vector_type          ? 
_entity_src_gen.pdbx_host_org_vector               ? 
_entity_src_gen.host_org_details                   ? 
_entity_src_gen.expression_system_id               ? 
_entity_src_gen.plasmid_name                       ? 
_entity_src_gen.plasmid_details                    ? 
_entity_src_gen.pdbx_description                   ? 
# 
_struct_ref.id                         1 
_struct_ref.db_name                    UNP 
_struct_ref.db_code                    NUDT7_HUMAN 
_struct_ref.pdbx_db_accession          P0C024 
_struct_ref.pdbx_db_isoform            ? 
_struct_ref.entity_id                  1 
_struct_ref.pdbx_seq_one_letter_code   
;SLLDDAKARLRKYDIGGKYSHLPYNKYSVLLPLVAKEGKLHLLFTVRSEKLRRAPGEVCFPGGKRDPTDMDDAATALREA
QEEVGLRPHQVEVVCCLVPCLIDTDTLITPFVGLIDHNFQAQPNPAEVKDVFLVPLAYFLHPQVHDQHYVTRLGHRFINH
IFEYTNPEDGVTYQIKGMTANLAVLVAFIILEKKPT
;
_struct_ref.pdbx_align_begin           14 
# 
_struct_ref_seq.align_id                      1 
_struct_ref_seq.ref_id                        1 
_struct_ref_seq.pdbx_PDB_id_code              5QH0 
_struct_ref_seq.pdbx_strand_id                A 
_struct_ref_seq.seq_align_beg                 1 
_struct_ref_seq.pdbx_seq_align_beg_ins_code   ? 
_struct_ref_seq.seq_align_end                 196 
_struct_ref_seq.pdbx_seq_align_end_ins_code   ? 
_struct_ref_seq.pdbx_db_accession             P0C024 
_struct_ref_seq.db_align_beg                  14 
_struct_ref_seq.pdbx_db_align_beg_ins_code    ? 
_struct_ref_seq.db_align_end                  209 
_struct_ref_seq.pdbx_db_align_end_ins_code    ? 
_struct_ref_seq.pdbx_auth_seq_align_beg       15 
_struct_ref_seq.pdbx_auth_seq_align_end       210 
# 
_struct_ref_seq_dif.align_id                     1 
_struct_ref_seq_dif.pdbx_pdb_id_code             5QH0 
_struct_ref_seq_dif.mon_id                       MET 
_struct_ref_seq_dif.pdbx_pdb_strand_id           A 
_struct_ref_seq_dif.seq_num                      2 
_struct_ref_seq_dif.pdbx_pdb_ins_code            ? 
_struct_ref_seq_dif.pdbx_seq_db_name             UNP 
_struct_ref_seq_dif.pdbx_seq_db_accession_code   P0C024 
_struct_ref_seq_dif.db_mon_id                    LEU 
_struct_ref_seq_dif.pdbx_seq_db_seq_num          15 
_struct_ref_seq_dif.details                      conflict 
_struct_ref_seq_dif.pdbx_auth_seq_num            16 
_struct_ref_seq_dif.pdbx_ordinal                 1 
# 
loop_
_chem_comp.id 
_chem_comp.type 
_chem_comp.mon_nstd_flag 
_chem_comp.name 
_chem_comp.pdbx_synonyms 
_chem_comp.formula 
_chem_comp.formula_weight 
ACT non-polymer         . 'ACETATE ION'                                   ?              'C2 H3 O2 -1'    59.044  
ALA 'L-peptide linking' y ALANINE                                         ?              'C3 H7 N O2'     89.093  
ARG 'L-peptide linking' y ARGININE                                        ?              'C6 H15 N4 O2 1' 175.209 
ASN 'L-peptide linking' y ASPARAGINE                                      ?              'C4 H8 N2 O3'    132.118 
ASP 'L-peptide linking' y 'ASPARTIC ACID'                                 ?              'C4 H7 N O4'     133.103 
CSO 'L-peptide linking' n S-HYDROXYCYSTEINE                               ?              'C3 H7 N O3 S'   137.158 
CYS 'L-peptide linking' y CYSTEINE                                        ?              'C3 H7 N O2 S'   121.158 
DMS non-polymer         . 'DIMETHYL SULFOXIDE'                            ?              'C2 H6 O S'      78.133  
GLN 'L-peptide linking' y GLUTAMINE                                       ?              'C5 H10 N2 O3'   146.144 
GLU 'L-peptide linking' y 'GLUTAMIC ACID'                                 ?              'C5 H9 N O4'     147.129 
GLY 'peptide linking'   y GLYCINE                                         ?              'C2 H5 N O2'     75.067  
H0P non-polymer         . '2-(3-hydroxyphenyl)-N-(pyridin-3-yl)acetamide' ?              'C13 H12 N2 O2'  228.247 
HIS 'L-peptide linking' y HISTIDINE                                       ?              'C6 H10 N3 O2 1' 156.162 
HOH non-polymer         . WATER                                           ?              'H2 O'           18.015  
HYP 'L-peptide linking' n 4-HYDROXYPROLINE                                HYDROXYPROLINE 'C5 H9 N O3'     131.130 
ILE 'L-peptide linking' y ISOLEUCINE                                      ?              'C6 H13 N O2'    131.173 
LEU 'L-peptide linking' y LEUCINE                                         ?              'C6 H13 N O2'    131.173 
LYS 'L-peptide linking' y LYSINE                                          ?              'C6 H15 N2 O2 1' 147.195 
MET 'L-peptide linking' y METHIONINE                                      ?              'C5 H11 N O2 S'  149.211 
PHE 'L-peptide linking' y PHENYLALANINE                                   ?              'C9 H11 N O2'    165.189 
PRO 'L-peptide linking' y PROLINE                                         ?              'C5 H9 N O2'     115.130 
SER 'L-peptide linking' y SERINE                                          ?              'C3 H7 N O3'     105.093 
THR 'L-peptide linking' y THREONINE                                       ?              'C4 H9 N O3'     119.119 
TYR 'L-peptide linking' y TYROSINE                                        ?              'C9 H11 N O3'    181.189 
VAL 'L-peptide linking' y VALINE                                          ?              'C5 H11 N O2'    117.146 
# 
_exptl.crystals_number   1 
_exptl.entry_id          5QH0 
_exptl.method            'X-RAY DIFFRACTION' 
# 
_exptl_crystal.id                    1 
_exptl_crystal.pdbx_mosaicity        0.080 
_exptl_crystal.pdbx_mosaicity_esd    ? 
_exptl_crystal.density_Matthews      4.09 
_exptl_crystal.density_diffrn        ? 
_exptl_crystal.density_meas          ? 
_exptl_crystal.density_meas_temp     ? 
_exptl_crystal.density_percent_sol   69.91 
_exptl_crystal.size_max              ? 
_exptl_crystal.size_mid              ? 
_exptl_crystal.size_min              ? 
_exptl_crystal.size_rad              ? 
_exptl_crystal.description           ? 
_exptl_crystal.preparation           ? 
# 
_exptl_crystal_grow.crystal_id      1 
_exptl_crystal_grow.method          'VAPOR DIFFUSION, SITTING DROP' 
_exptl_crystal_grow.pH              5.5 
_exptl_crystal_grow.temp            293 
_exptl_crystal_grow.pdbx_details    '0.1M bis-tris pH 5.5 -- 0.1M ammonium acetate -- 5%(w/v) PEG10K' 
_exptl_crystal_grow.temp_details    ? 
_exptl_crystal_grow.pdbx_pH_range   ? 
# 
_diffrn.id                     1 
_diffrn.ambient_temp           100 
_diffrn.crystal_id             1 
_diffrn.ambient_temp_details   ? 
# 
_diffrn_detector.detector               PIXEL 
_diffrn_detector.type                   'DECTRIS PILATUS 6M' 
_diffrn_detector.pdbx_collection_date   2017-05-11 
_diffrn_detector.diffrn_id              1 
_diffrn_detector.details                ? 
# 
_diffrn_radiation.diffrn_id                        1 
_diffrn_radiation.wavelength_id                    1 
_diffrn_radiation.pdbx_diffrn_protocol             'SINGLE WAVELENGTH' 
_diffrn_radiation.pdbx_monochromatic_or_laue_m_l   ? 
_diffrn_radiation.monochromator                    ? 
_diffrn_radiation.pdbx_scattering_type             x-ray 
# 
_diffrn_radiation_wavelength.id           1 
_diffrn_radiation_wavelength.wavelength   0.91587 
_diffrn_radiation_wavelength.wt           1.0 
# 
_diffrn_source.diffrn_id                   1 
_diffrn_source.source                      SYNCHROTRON 
_diffrn_source.type                        'DIAMOND BEAMLINE I04-1' 
_diffrn_source.pdbx_wavelength_list        0.91587 
_diffrn_source.pdbx_synchrotron_site       Diamond 
_diffrn_source.pdbx_synchrotron_beamline   I04-1 
_diffrn_source.pdbx_wavelength             ? 
# 
_reflns.entry_id                     5QH0 
_reflns.pdbx_diffrn_id               1 
_reflns.pdbx_ordinal                 1 
_reflns.observed_criterion_sigma_I   ? 
_reflns.observed_criterion_sigma_F   ? 
_reflns.d_resolution_low             29.770 
_reflns.d_resolution_high            1.570 
_reflns.number_obs                   50248 
_reflns.number_all                   ? 
_reflns.percent_possible_obs         99.800 
_reflns.pdbx_Rmerge_I_obs            0.048 
_reflns.pdbx_Rsym_value              ? 
_reflns.pdbx_netI_over_sigmaI        26.100 
_reflns.B_iso_Wilson_estimate        ? 
_reflns.pdbx_redundancy              11.200 
_reflns.pdbx_Rrim_I_all              0.050 
_reflns.pdbx_Rpim_I_all              0.015 
_reflns.pdbx_CC_half                 0.999 
_reflns.pdbx_netI_over_av_sigmaI     ? 
_reflns.pdbx_number_measured_all     565091 
_reflns.pdbx_scaling_rejects         0 
_reflns.pdbx_chi_squared             ? 
_reflns.Rmerge_F_all                 ? 
_reflns.Rmerge_F_obs                 ? 
_reflns.observed_criterion_F_max     ? 
_reflns.observed_criterion_F_min     ? 
_reflns.observed_criterion_I_max     ? 
_reflns.observed_criterion_I_min     ? 
_reflns.pdbx_d_res_high_opt          ? 
_reflns.pdbx_d_res_low_opt           ? 
_reflns.details                      ? 
# 
loop_
_reflns_shell.pdbx_diffrn_id 
_reflns_shell.pdbx_ordinal 
_reflns_shell.d_res_high 
_reflns_shell.d_res_low 
_reflns_shell.number_measured_obs 
_reflns_shell.number_measured_all 
_reflns_shell.number_unique_obs 
_reflns_shell.pdbx_rejects 
_reflns_shell.Rmerge_I_obs 
_reflns_shell.meanI_over_sigI_obs 
_reflns_shell.pdbx_Rsym_value 
_reflns_shell.pdbx_chi_squared 
_reflns_shell.pdbx_redundancy 
_reflns_shell.percent_possible_obs 
_reflns_shell.pdbx_netI_over_sigmaI_obs 
_reflns_shell.number_possible 
_reflns_shell.number_unique_all 
_reflns_shell.Rmerge_F_all 
_reflns_shell.Rmerge_F_obs 
_reflns_shell.Rmerge_I_all 
_reflns_shell.meanI_over_sigI_all 
_reflns_shell.percent_possible_all 
_reflns_shell.pdbx_Rrim_I_all 
_reflns_shell.pdbx_Rpim_I_all 
_reflns_shell.pdbx_CC_half 
1 1 1.570 1.610  ? 40431 ? ? 0.789 ? ? ? 11.300 ? 2.900  ? 3579 ? ? ? ? 97.900 0.827 0.244 0.886 
1 2 7.030 29.770 ? 6772  ? ? 0.040 ? ? ? 11.100 ? 70.900 ? 609  ? ? ? ? 98.700 0.042 0.013 0.998 
# 
_refine.entry_id                                 5QH0 
_refine.pdbx_refine_id                           'X-RAY DIFFRACTION' 
_refine.ls_d_res_high                            1.5700 
_refine.ls_d_res_low                             107.5800 
_refine.pdbx_ls_sigma_F                          0.000 
_refine.pdbx_data_cutoff_high_absF               ? 
_refine.pdbx_data_cutoff_low_absF                ? 
_refine.ls_percent_reflns_obs                    99.8000 
_refine.ls_number_reflns_obs                     47602 
_refine.ls_number_reflns_all                     ? 
_refine.pdbx_ls_cross_valid_method               THROUGHOUT 
_refine.ls_matrix_type                           ? 
_refine.pdbx_R_Free_selection_details            RANDOM 
_refine.details                                  
'HYDROGENS HAVE BEEN ADDED IN THE RIDING POSITIONS U VALUES      : REFINED INDIVIDUALLY' 
_refine.ls_R_factor_all                          ? 
_refine.ls_R_factor_obs                          0.1964 
_refine.ls_R_factor_R_work                       0.1958 
_refine.ls_wR_factor_R_work                      ? 
_refine.ls_R_factor_R_free                       0.2059 
_refine.ls_wR_factor_R_free                      ? 
_refine.ls_percent_reflns_R_free                 5.3000 
_refine.ls_number_reflns_R_free                  2645 
_refine.ls_number_reflns_R_work                  ? 
_refine.ls_R_factor_R_free_error                 ? 
_refine.B_iso_mean                               31.3730 
_refine.solvent_model_param_bsol                 ? 
_refine.solvent_model_param_ksol                 ? 
_refine.pdbx_isotropic_thermal_model             ? 
_refine.aniso_B[1][1]                            0.3600 
_refine.aniso_B[2][2]                            0.3600 
_refine.aniso_B[3][3]                            -1.1800 
_refine.aniso_B[1][2]                            0.1800 
_refine.aniso_B[1][3]                            0.0000 
_refine.aniso_B[2][3]                            -0.0000 
_refine.correlation_coeff_Fo_to_Fc               0.9620 
_refine.correlation_coeff_Fo_to_Fc_free          0.9620 
_refine.overall_SU_R_Cruickshank_DPI             ? 
_refine.pdbx_overall_SU_R_free_Cruickshank_DPI   ? 
_refine.pdbx_overall_SU_R_Blow_DPI               ? 
_refine.pdbx_overall_SU_R_free_Blow_DPI          ? 
_refine.overall_SU_R_free                        ? 
_refine.pdbx_overall_ESU_R                       0.0640 
_refine.pdbx_overall_ESU_R_Free                  0.0620 
_refine.overall_SU_ML                            0.0460 
_refine.overall_SU_B                             1.2950 
_refine.solvent_model_details                    MASK 
_refine.pdbx_solvent_vdw_probe_radii             1.2000 
_refine.pdbx_solvent_ion_probe_radii             0.8000 
_refine.pdbx_solvent_shrinkage_radii             0.8000 
_refine.ls_number_parameters                     ? 
_refine.ls_number_restraints                     ? 
_refine.pdbx_starting_model                      5T3P 
_refine.pdbx_method_to_determine_struct          'FOURIER SYNTHESIS' 
_refine.pdbx_stereochemistry_target_values       'MAXIMUM LIKELIHOOD' 
_refine.pdbx_stereochem_target_val_spec_case     ? 
_refine.overall_FOM_work_R_set                   ? 
_refine.B_iso_max                                105.280 
_refine.B_iso_min                                14.690 
_refine.pdbx_overall_phase_error                 ? 
_refine.occupancy_max                            ? 
_refine.occupancy_min                            ? 
_refine.pdbx_diffrn_id                           1 
_refine.pdbx_TLS_residual_ADP_flag               ? 
_refine.pdbx_ls_sigma_I                          ? 
_refine.pdbx_data_cutoff_high_rms_absF           ? 
_refine.ls_R_factor_R_free_error_details         ? 
# 
_refine_hist.cycle_id                         final 
_refine_hist.pdbx_refine_id                   'X-RAY DIFFRACTION' 
_refine_hist.d_res_high                       1.5700 
_refine_hist.d_res_low                        107.5800 
_refine_hist.pdbx_number_atoms_ligand         33 
_refine_hist.number_atoms_solvent             161 
_refine_hist.number_atoms_total               1661 
_refine_hist.pdbx_number_residues_total       186 
_refine_hist.pdbx_B_iso_mean_ligand           46.50 
_refine_hist.pdbx_B_iso_mean_solvent          41.96 
_refine_hist.pdbx_number_atoms_protein        1467 
_refine_hist.pdbx_number_atoms_nucleic_acid   0 
# 
loop_
_refine_ls_restr.pdbx_refine_id 
_refine_ls_restr.type 
_refine_ls_restr.number 
_refine_ls_restr.dev_ideal 
_refine_ls_restr.dev_ideal_target 
_refine_ls_restr.weight 
_refine_ls_restr.pdbx_restraint_function 
'X-RAY DIFFRACTION' r_bond_refined_d       1557 0.011  0.019  ? ? 
'X-RAY DIFFRACTION' r_bond_other_d         1466 0.002  0.020  ? ? 
'X-RAY DIFFRACTION' r_angle_refined_deg    2116 1.560  1.989  ? ? 
'X-RAY DIFFRACTION' r_angle_other_deg      3402 0.925  2.990  ? ? 
'X-RAY DIFFRACTION' r_dihedral_angle_1_deg 190  5.938  5.000  ? ? 
'X-RAY DIFFRACTION' r_dihedral_angle_2_deg 67   33.784 24.179 ? ? 
'X-RAY DIFFRACTION' r_dihedral_angle_3_deg 255  13.744 15.000 ? ? 
'X-RAY DIFFRACTION' r_dihedral_angle_4_deg 8    15.655 15.000 ? ? 
'X-RAY DIFFRACTION' r_chiral_restr         240  0.094  0.200  ? ? 
'X-RAY DIFFRACTION' r_gen_planes_refined   1718 0.008  0.021  ? ? 
'X-RAY DIFFRACTION' r_gen_planes_other     301  0.002  0.020  ? ? 
'X-RAY DIFFRACTION' r_mcbond_it            759  2.107  2.795  ? ? 
'X-RAY DIFFRACTION' r_mcbond_other         756  2.087  2.783  ? ? 
'X-RAY DIFFRACTION' r_mcangle_it           948  3.329  4.157  ? ? 
# 
_refine_ls_shell.d_res_high                       1.5720 
_refine_ls_shell.d_res_low                        1.6130 
_refine_ls_shell.pdbx_total_number_of_bins_used   20 
_refine_ls_shell.percent_reflns_obs               98.2000 
_refine_ls_shell.number_reflns_R_work             3448 
_refine_ls_shell.R_factor_all                     ? 
_refine_ls_shell.R_factor_R_work                  0.2720 
_refine_ls_shell.R_factor_R_free                  0.3170 
_refine_ls_shell.percent_reflns_R_free            ? 
_refine_ls_shell.number_reflns_R_free             146 
_refine_ls_shell.R_factor_R_free_error            ? 
_refine_ls_shell.number_reflns_all                3594 
_refine_ls_shell.number_reflns_obs                ? 
_refine_ls_shell.pdbx_refine_id                   'X-RAY DIFFRACTION' 
# 
_struct.entry_id                  5QH0 
_struct.title                     
;PanDDA analysis group deposition of models with modelled events (e.g. bound ligands) -- Crystal Structure of NUDT7 in complex with NUOOA000180
;
_struct.pdbx_model_details        ? 
_struct.pdbx_CASP_flag            ? 
_struct.pdbx_model_type_details   ? 
# 
_struct_keywords.entry_id        5QH0 
_struct_keywords.text            'PanDDA, SGC - Diamond I04-1 fragment screening, NUDIX domain, XChemExplorer, HYDROLASE' 
_struct_keywords.pdbx_keywords   HYDROLASE 
# 
loop_
_struct_asym.id 
_struct_asym.pdbx_blank_PDB_chainid_flag 
_struct_asym.pdbx_modified 
_struct_asym.entity_id 
_struct_asym.details 
A N N 1 ? 
B N N 2 ? 
C N N 2 ? 
D N N 3 ? 
E N N 3 ? 
F N N 4 ? 
G N N 5 ? 
# 
loop_
_struct_conf.conf_type_id 
_struct_conf.id 
_struct_conf.pdbx_PDB_helix_id 
_struct_conf.beg_label_comp_id 
_struct_conf.beg_label_asym_id 
_struct_conf.beg_label_seq_id 
_struct_conf.pdbx_beg_PDB_ins_code 
_struct_conf.end_label_comp_id 
_struct_conf.end_label_asym_id 
_struct_conf.end_label_seq_id 
_struct_conf.pdbx_end_PDB_ins_code 
_struct_conf.beg_auth_comp_id 
_struct_conf.beg_auth_asym_id 
_struct_conf.beg_auth_seq_id 
_struct_conf.end_auth_comp_id 
_struct_conf.end_auth_asym_id 
_struct_conf.end_auth_seq_id 
_struct_conf.pdbx_PDB_helix_class 
_struct_conf.details 
_struct_conf.pdbx_PDB_helix_length 
HELX_P HELX_P1 AA1 SER A 1   ? LYS A 12  ? SER A 15  LYS A 26  1 ? 12 
HELX_P HELX_P2 AA2 ASP A 71  ? GLY A 85  ? ASP A 85  GLY A 99  1 ? 15 
HELX_P HELX_P3 AA3 ARG A 87  ? HIS A 89  ? ARG A 101 HIS A 103 5 ? 3  
HELX_P HELX_P4 AA4 ALA A 137 ? HIS A 141 ? ALA A 151 HIS A 155 5 ? 5  
HELX_P HELX_P5 AA5 LYS A 176 ? GLU A 192 ? LYS A 190 GLU A 206 1 ? 17 
# 
_struct_conf_type.id          HELX_P 
_struct_conf_type.criteria    ? 
_struct_conf_type.reference   ? 
# 
loop_
_struct_conn.id 
_struct_conn.conn_type_id 
_struct_conn.pdbx_leaving_atom_flag 
_struct_conn.pdbx_PDB_id 
_struct_conn.ptnr1_label_asym_id 
_struct_conn.ptnr1_label_comp_id 
_struct_conn.ptnr1_label_seq_id 
_struct_conn.ptnr1_label_atom_id 
_struct_conn.pdbx_ptnr1_label_alt_id 
_struct_conn.pdbx_ptnr1_PDB_ins_code 
_struct_conn.pdbx_ptnr1_standard_comp_id 
_struct_conn.ptnr1_symmetry 
_struct_conn.ptnr2_label_asym_id 
_struct_conn.ptnr2_label_comp_id 
_struct_conn.ptnr2_label_seq_id 
_struct_conn.ptnr2_label_atom_id 
_struct_conn.pdbx_ptnr2_label_alt_id 
_struct_conn.pdbx_ptnr2_PDB_ins_code 
_struct_conn.ptnr1_auth_asym_id 
_struct_conn.ptnr1_auth_comp_id 
_struct_conn.ptnr1_auth_seq_id 
_struct_conn.ptnr2_auth_asym_id 
_struct_conn.ptnr2_auth_comp_id 
_struct_conn.ptnr2_auth_seq_id 
_struct_conn.ptnr2_symmetry 
_struct_conn.pdbx_ptnr3_label_atom_id 
_struct_conn.pdbx_ptnr3_label_seq_id 
_struct_conn.pdbx_ptnr3_label_comp_id 
_struct_conn.pdbx_ptnr3_label_asym_id 
_struct_conn.pdbx_ptnr3_label_alt_id 
_struct_conn.pdbx_ptnr3_PDB_ins_code 
_struct_conn.details 
_struct_conn.pdbx_dist_value 
_struct_conn.pdbx_value_order 
_struct_conn.pdbx_role 
covale1 covale both ? A ARG 87 C ? ? ? 1_555 A HYP 88 N ? ? A ARG 101 A HYP 102 1_555 ? ? ? ? ? ? ? 1.349 ? ? 
covale2 covale both ? A HYP 88 C ? ? ? 1_555 A HIS 89 N ? ? A HYP 102 A HIS 103 1_555 ? ? ? ? ? ? ? 1.335 ? ? 
covale3 covale both ? A VAL 94 C ? ? ? 1_555 A CSO 95 N ? ? A VAL 108 A CSO 109 1_555 ? ? ? ? ? ? ? 1.327 ? ? 
covale4 covale both ? A CSO 95 C ? ? ? 1_555 A CYS 96 N ? ? A CSO 109 A CYS 110 1_555 ? ? ? ? ? ? ? 1.323 ? ? 
# 
_struct_conn_type.id          covale 
_struct_conn_type.criteria    ? 
_struct_conn_type.reference   ? 
# 
loop_
_struct_sheet.id 
_struct_sheet.type 
_struct_sheet.number_strands 
_struct_sheet.details 
AA1 ? 4 ? 
AA2 ? 4 ? 
AA3 ? 3 ? 
AA4 ? 3 ? 
# 
loop_
_struct_sheet_order.sheet_id 
_struct_sheet_order.range_id_1 
_struct_sheet_order.range_id_2 
_struct_sheet_order.offset 
_struct_sheet_order.sense 
AA1 1 2 ? anti-parallel 
AA1 2 3 ? parallel      
AA1 3 4 ? anti-parallel 
AA2 1 2 ? anti-parallel 
AA2 2 3 ? parallel      
AA2 3 4 ? anti-parallel 
AA3 1 2 ? anti-parallel 
AA3 2 3 ? anti-parallel 
AA4 1 2 ? anti-parallel 
AA4 2 3 ? anti-parallel 
# 
loop_
_struct_sheet_range.sheet_id 
_struct_sheet_range.id 
_struct_sheet_range.beg_label_comp_id 
_struct_sheet_range.beg_label_asym_id 
_struct_sheet_range.beg_label_seq_id 
_struct_sheet_range.pdbx_beg_PDB_ins_code 
_struct_sheet_range.end_label_comp_id 
_struct_sheet_range.end_label_asym_id 
_struct_sheet_range.end_label_seq_id 
_struct_sheet_range.pdbx_end_PDB_ins_code 
_struct_sheet_range.beg_auth_comp_id 
_struct_sheet_range.beg_auth_asym_id 
_struct_sheet_range.beg_auth_seq_id 
_struct_sheet_range.end_auth_comp_id 
_struct_sheet_range.end_auth_asym_id 
_struct_sheet_range.end_auth_seq_id 
AA1 1 VAL A 91  ? CYS A 96  ? VAL A 105 CYS A 110 
AA1 2 THR A 106 ? ILE A 115 ? THR A 120 ILE A 129 
AA1 3 ASN A 25  ? LYS A 36  ? ASN A 39  LYS A 50  
AA1 4 LYS A 39  ? ARG A 47  ? LYS A 53  ARG A 61  
AA2 1 CYS A 100 ? ILE A 102 ? CYS A 114 ILE A 116 
AA2 2 THR A 106 ? ILE A 115 ? THR A 120 ILE A 129 
AA2 3 ASN A 25  ? LYS A 36  ? ASN A 39  LYS A 50  
AA2 4 GLY A 62  ? LYS A 64  ? GLY A 76  LYS A 78  
AA3 1 VAL A 128 ? PRO A 135 ? VAL A 142 PRO A 149 
AA3 2 LYS A 39  ? ARG A 47  ? LYS A 53  ARG A 61  
AA3 3 VAL A 58  ? CYS A 59  ? VAL A 72  CYS A 73  
AA4 1 GLN A 143 ? ASP A 146 ? GLN A 157 ASP A 160 
AA4 2 HIS A 160 ? THR A 165 ? HIS A 174 THR A 179 
AA4 3 THR A 172 ? ILE A 175 ? THR A 186 ILE A 189 
# 
loop_
_pdbx_struct_sheet_hbond.sheet_id 
_pdbx_struct_sheet_hbond.range_id_1 
_pdbx_struct_sheet_hbond.range_id_2 
_pdbx_struct_sheet_hbond.range_1_label_atom_id 
_pdbx_struct_sheet_hbond.range_1_label_comp_id 
_pdbx_struct_sheet_hbond.range_1_label_asym_id 
_pdbx_struct_sheet_hbond.range_1_label_seq_id 
_pdbx_struct_sheet_hbond.range_1_PDB_ins_code 
_pdbx_struct_sheet_hbond.range_1_auth_atom_id 
_pdbx_struct_sheet_hbond.range_1_auth_comp_id 
_pdbx_struct_sheet_hbond.range_1_auth_asym_id 
_pdbx_struct_sheet_hbond.range_1_auth_seq_id 
_pdbx_struct_sheet_hbond.range_2_label_atom_id 
_pdbx_struct_sheet_hbond.range_2_label_comp_id 
_pdbx_struct_sheet_hbond.range_2_label_asym_id 
_pdbx_struct_sheet_hbond.range_2_label_seq_id 
_pdbx_struct_sheet_hbond.range_2_PDB_ins_code 
_pdbx_struct_sheet_hbond.range_2_auth_atom_id 
_pdbx_struct_sheet_hbond.range_2_auth_comp_id 
_pdbx_struct_sheet_hbond.range_2_auth_asym_id 
_pdbx_struct_sheet_hbond.range_2_auth_seq_id 
AA1 1 2 N GLU A 92  ? N GLU A 106 O LEU A 114 ? O LEU A 128 
AA1 2 3 O PHE A 111 ? O PHE A 125 N LEU A 31  ? N LEU A 45  
AA1 3 4 N LYS A 36  ? N LYS A 50  O LYS A 39  ? O LYS A 53  
AA2 1 2 N CYS A 100 ? N CYS A 114 O ILE A 108 ? O ILE A 122 
AA2 2 3 O PHE A 111 ? O PHE A 125 N LEU A 31  ? N LEU A 45  
AA2 3 4 N SER A 28  ? N SER A 42  O GLY A 63  ? O GLY A 77  
AA3 1 2 O PHE A 132 ? O PHE A 146 N PHE A 44  ? N PHE A 58  
AA3 2 3 N THR A 45  ? N THR A 59  O CYS A 59  ? O CYS A 73  
AA4 1 2 N HIS A 145 ? N HIS A 159 O ILE A 161 ? O ILE A 175 
AA4 2 3 N TYR A 164 ? N TYR A 178 O TYR A 173 ? O TYR A 187 
# 
loop_
_struct_site.id 
_struct_site.pdbx_evidence_code 
_struct_site.pdbx_auth_asym_id 
_struct_site.pdbx_auth_comp_id 
_struct_site.pdbx_auth_seq_id 
_struct_site.pdbx_auth_ins_code 
_struct_site.pdbx_num_residues 
_struct_site.details 
AC1 Software A ACT 301 ? 4  'binding site for residue ACT A 301' 
AC2 Software A ACT 302 ? 2  'binding site for residue ACT A 302' 
AC3 Software A DMS 303 ? 5  'binding site for residue DMS A 303' 
AC4 Software A DMS 304 ? 5  'binding site for residue DMS A 304' 
AC5 Software A H0P 305 ? 12 'binding site for residue H0P A 305' 
# 
loop_
_struct_site_gen.id 
_struct_site_gen.site_id 
_struct_site_gen.pdbx_num_res 
_struct_site_gen.label_comp_id 
_struct_site_gen.label_asym_id 
_struct_site_gen.label_seq_id 
_struct_site_gen.pdbx_auth_ins_code 
_struct_site_gen.auth_comp_id 
_struct_site_gen.auth_asym_id 
_struct_site_gen.auth_seq_id 
_struct_site_gen.label_atom_id 
_struct_site_gen.label_alt_id 
_struct_site_gen.symmetry 
_struct_site_gen.details 
1  AC1 4  GLY A 56  ? GLY A 70  . ? 1_555 ? 
2  AC1 4  TYR A 173 ? TYR A 187 . ? 1_555 ? 
3  AC1 4  GLN A 174 ? GLN A 188 . ? 1_555 ? 
4  AC1 4  HOH G .   ? HOH A 471 . ? 1_555 ? 
5  AC2 2  HYP A 88  ? HYP A 102 . ? 1_555 ? 
6  AC2 2  VAL A 91  ? VAL A 105 . ? 1_555 ? 
7  AC3 5  GLY A 85  ? GLY A 99  . ? 1_555 ? 
8  AC3 5  GLN A 90  ? GLN A 104 . ? 1_555 ? 
9  AC3 5  PHE A 119 ? PHE A 133 . ? 1_555 ? 
10 AC3 5  GLN A 120 ? GLN A 134 . ? 1_555 ? 
11 AC3 5  GLN A 122 ? GLN A 136 . ? 1_555 ? 
12 AC4 5  ASP A 116 ? ASP A 130 . ? 1_555 ? 
13 AC4 5  HIS A 117 ? HIS A 131 . ? 1_555 ? 
14 AC4 5  ASP A 130 ? ASP A 144 . ? 2_545 ? 
15 AC4 5  TYR A 173 ? TYR A 187 . ? 2_545 ? 
16 AC4 5  HOH G .   ? HOH A 437 . ? 2_545 ? 
17 AC5 12 VAL A 29  ? VAL A 43  . ? 1_555 ? 
18 AC5 12 THR A 45  ? THR A 59  . ? 1_555 ? 
19 AC5 12 ARG A 47  ? ARG A 61  . ? 1_555 ? 
20 AC5 12 CYS A 59  ? CYS A 73  . ? 1_555 ? 
21 AC5 12 PHE A 60  ? PHE A 74  . ? 1_555 ? 
22 AC5 12 GLY A 62  ? GLY A 76  . ? 1_555 ? 
23 AC5 12 GLY A 63  ? GLY A 77  . ? 1_555 ? 
24 AC5 12 GLU A 83  ? GLU A 97  . ? 1_555 ? 
25 AC5 12 GLU A 127 ? GLU A 141 . ? 1_555 ? 
26 AC5 12 VAL A 128 ? VAL A 142 . ? 1_555 ? 
27 AC5 12 MET A 178 ? MET A 192 . ? 1_555 ? 
28 AC5 12 HOH G .   ? HOH A 411 . ? 1_555 ? 
# 
_atom_sites.entry_id                    5QH0 
_atom_sites.fract_transf_matrix[1][1]   -0.00127235 
_atom_sites.fract_transf_matrix[1][2]   0.00075315 
_atom_sites.fract_transf_matrix[1][3]   0.00919714 
_atom_sites.fract_transf_matrix[2][1]   -0.00213765 
_atom_sites.fract_transf_matrix[2][2]   -0.00753701 
_atom_sites.fract_transf_matrix[2][3]   0.00503917 
_atom_sites.fract_transf_matrix[3][1]   0.02378269 
_atom_sites.fract_transf_matrix[3][2]   -0.00430953 
_atom_sites.fract_transf_matrix[3][3]   0.00364306 
_atom_sites.fract_transf_vector[1]      0.135867 
_atom_sites.fract_transf_vector[2]      -0.434161 
_atom_sites.fract_transf_vector[3]      1.978758 
# 
loop_
_atom_type.symbol 
C 
N 
O 
S 
# 
loop_
_atom_site.group_PDB 
_atom_site.id 
_atom_site.type_symbol 
_atom_site.label_atom_id 
_atom_site.label_alt_id 
_atom_site.label_comp_id 
_atom_site.label_asym_id 
_atom_site.label_entity_id 
_atom_site.label_seq_id 
_atom_site.pdbx_PDB_ins_code 
_atom_site.Cartn_x 
_atom_site.Cartn_y 
_atom_site.Cartn_z 
_atom_site.occupancy 
_atom_site.B_iso_or_equiv 
_atom_site.pdbx_formal_charge 
_atom_site.auth_seq_id 
_atom_site.auth_comp_id 
_atom_site.auth_asym_id 
_atom_site.auth_atom_id 
_atom_site.pdbx_PDB_model_num 
ATOM   1    N N   . SER A 1 1   ? 14.454  16.238  8.217   1.00 41.31  ? 15  SER A N   1 
ATOM   2    C CA  . SER A 1 1   ? 13.810  15.179  9.047   1.00 38.64  ? 15  SER A CA  1 
ATOM   3    C C   . SER A 1 1   ? 13.480  13.961  8.180   1.00 37.15  ? 15  SER A C   1 
ATOM   4    O O   . SER A 1 1   ? 13.429  14.069  6.944   1.00 39.51  ? 15  SER A O   1 
ATOM   5    C CB  . SER A 1 1   ? 12.545  15.721  9.721   1.00 38.83  ? 15  SER A CB  1 
ATOM   6    O OG  . SER A 1 1   ? 11.438  15.823  8.828   1.00 38.36  ? 15  SER A OG  1 
ATOM   7    N N   . MET A 1 2   ? 13.265  12.825  8.843   1.00 36.40  ? 16  MET A N   1 
ATOM   8    C CA  . MET A 1 2   ? 12.995  11.548  8.182   1.00 35.40  ? 16  MET A CA  1 
ATOM   9    C C   . MET A 1 2   ? 11.758  11.687  7.293   1.00 35.51  ? 16  MET A C   1 
ATOM   10   O O   . MET A 1 2   ? 11.765  11.259  6.126   1.00 33.46  ? 16  MET A O   1 
ATOM   11   C CB  . MET A 1 2   ? 12.803  10.414  9.201   1.00 36.08  ? 16  MET A CB  1 
ATOM   12   C CG  . MET A 1 2   ? 12.220  9.110   8.648   1.00 37.34  ? 16  MET A CG  1 
ATOM   13   S SD  . MET A 1 2   ? 12.358  7.679   9.752   1.00 41.17  ? 16  MET A SD  1 
ATOM   14   C CE  . MET A 1 2   ? 11.117  7.977   10.989  1.00 39.24  ? 16  MET A CE  1 
ATOM   15   N N   . LEU A 1 3   ? 10.718  12.311  7.831   1.00 35.39  ? 17  LEU A N   1 
ATOM   16   C CA  . LEU A 1 3   ? 9.462   12.402  7.102   1.00 34.14  ? 17  LEU A CA  1 
ATOM   17   C C   . LEU A 1 3   ? 9.519   13.409  5.980   1.00 35.37  ? 17  LEU A C   1 
ATOM   18   O O   . LEU A 1 3   ? 8.980   13.149  4.902   1.00 35.03  ? 17  LEU A O   1 
ATOM   19   C CB  . LEU A 1 3   ? 8.301   12.715  8.043   1.00 34.10  ? 17  LEU A CB  1 
ATOM   20   C CG  . LEU A 1 3   ? 7.975   11.578  9.001   1.00 36.81  ? 17  LEU A CG  1 
ATOM   21   C CD1 . LEU A 1 3   ? 6.861   11.992  9.956   1.00 35.78  ? 17  LEU A CD1 1 
ATOM   22   C CD2 . LEU A 1 3   ? 7.617   10.301  8.256   1.00 38.46  ? 17  LEU A CD2 1 
ATOM   23   N N   . ASP A 1 4   ? 10.172  14.548  6.210   1.00 34.97  ? 18  ASP A N   1 
ATOM   24   C CA  . ASP A 1 4   ? 10.358  15.529  5.153   1.00 37.23  ? 18  ASP A CA  1 
ATOM   25   C C   . ASP A 1 4   ? 11.237  14.977  4.028   1.00 34.41  ? 18  ASP A C   1 
ATOM   26   O O   . ASP A 1 4   ? 10.992  15.261  2.864   1.00 33.25  ? 18  ASP A O   1 
ATOM   27   C CB  . ASP A 1 4   ? 10.955  16.827  5.697   1.00 41.81  ? 18  ASP A CB  1 
ATOM   28   C CG  . ASP A 1 4   ? 9.947   17.652  6.497   1.00 46.88  ? 18  ASP A CG  1 
ATOM   29   O OD1 . ASP A 1 4   ? 8.744   17.293  6.571   1.00 48.87  ? 18  ASP A OD1 1 
ATOM   30   O OD2 . ASP A 1 4   ? 10.377  18.679  7.053   1.00 52.02  ? 18  ASP A OD2 1 
ATOM   31   N N   . ASP A 1 5   ? 12.246  14.196  4.393   1.00 33.76  ? 19  ASP A N   1 
ATOM   32   C CA  . ASP A 1 5   ? 13.116  13.539  3.433   1.00 32.16  ? 19  ASP A CA  1 
ATOM   33   C C   . ASP A 1 5   ? 12.327  12.499  2.601   1.00 30.55  ? 19  ASP A C   1 
ATOM   34   O O   . ASP A 1 5   ? 12.466  12.464  1.379   1.00 29.42  ? 19  ASP A O   1 
ATOM   35   C CB  . ASP A 1 5   ? 14.299  12.864  4.153   1.00 35.73  ? 19  ASP A CB  1 
ATOM   36   C CG  . ASP A 1 5   ? 15.355  13.863  4.647   1.00 40.65  ? 19  ASP A CG  1 
ATOM   37   O OD1 . ASP A 1 5   ? 15.314  15.059  4.283   1.00 44.68  ? 19  ASP A OD1 1 
ATOM   38   O OD2 . ASP A 1 5   ? 16.240  13.431  5.418   1.00 46.41  ? 19  ASP A OD2 1 
ATOM   39   N N   . ALA A 1 6   ? 11.495  11.702  3.256   1.00 26.95  ? 20  ALA A N   1 
ATOM   40   C CA  . ALA A 1 6   ? 10.666  10.706  2.540   1.00 27.13  ? 20  ALA A CA  1 
ATOM   41   C C   . ALA A 1 6   ? 9.707   11.369  1.553   1.00 27.17  ? 20  ALA A C   1 
ATOM   42   O O   . ALA A 1 6   ? 9.594   10.954  0.369   1.00 24.24  ? 20  ALA A O   1 
ATOM   43   C CB  . ALA A 1 6   ? 9.900   9.831   3.506   1.00 28.20  ? 20  ALA A CB  1 
ATOM   44   N N   . LYS A 1 7   ? 9.017   12.415  2.009   1.00 26.06  ? 21  LYS A N   1 
ATOM   45   C CA  . LYS A 1 7   ? 8.091   13.133  1.125   1.00 27.37  ? 21  LYS A CA  1 
ATOM   46   C C   . LYS A 1 7   ? 8.805   13.787  -0.061  1.00 24.54  ? 21  LYS A C   1 
ATOM   47   O O   . LYS A 1 7   ? 8.311   13.739  -1.193  1.00 25.23  ? 21  LYS A O   1 
ATOM   48   C CB  . LYS A 1 7   ? 7.313   14.192  1.899   1.00 30.03  ? 21  LYS A CB  1 
ATOM   49   C CG  . LYS A 1 7   ? 6.404   13.600  2.939   1.00 33.58  ? 21  LYS A CG  1 
ATOM   50   C CD  . LYS A 1 7   ? 5.510   14.683  3.558   1.00 38.59  ? 21  LYS A CD  1 
ATOM   51   C CE  . LYS A 1 7   ? 5.989   15.181  4.916   1.00 42.49  ? 21  LYS A CE  1 
ATOM   52   N NZ  . LYS A 1 7   ? 4.917   16.030  5.531   1.00 45.63  ? 21  LYS A NZ  1 
ATOM   53   N N   . ALA A 1 8   ? 9.967   14.381  0.191   1.00 25.98  ? 22  ALA A N   1 
ATOM   54   C CA  . ALA A 1 8   ? 10.759  14.992  -0.875  1.00 27.01  ? 22  ALA A CA  1 
ATOM   55   C C   . ALA A 1 8   ? 11.151  13.952  -1.951  1.00 25.05  ? 22  ALA A C   1 
ATOM   56   O O   . ALA A 1 8   ? 11.042  14.221  -3.170  1.00 27.51  ? 22  ALA A O   1 
ATOM   57   C CB  . ALA A 1 8   ? 11.993  15.669  -0.299  1.00 28.68  ? 22  ALA A CB  1 
ATOM   58   N N   . ARG A 1 9   ? 11.537  12.751  -1.499  1.00 23.32  ? 23  ARG A N   1 
ATOM   59   C CA  . ARG A 1 9   ? 11.914  11.670  -2.413  1.00 23.07  ? 23  ARG A CA  1 
ATOM   60   C C   . ARG A 1 9   ? 10.686  11.246  -3.214  1.00 22.69  ? 23  ARG A C   1 
ATOM   61   O O   . ARG A 1 9   ? 10.746  11.133  -4.431  1.00 24.07  ? 23  ARG A O   1 
ATOM   62   C CB  . ARG A 1 9   ? 12.457  10.446  -1.682  1.00 24.60  ? 23  ARG A CB  1 
ATOM   63   C CG  . ARG A 1 9   ? 13.866  10.586  -1.106  1.00 28.68  ? 23  ARG A CG  1 
ATOM   64   C CD  . ARG A 1 9   ? 14.899  10.578  -2.189  1.00 31.62  ? 23  ARG A CD  1 
ATOM   65   N NE  . ARG A 1 9   ? 16.255  10.531  -1.613  1.00 32.37  ? 23  ARG A NE  1 
ATOM   66   C CZ  . ARG A 1 9   ? 16.887  9.426   -1.194  1.00 33.38  ? 23  ARG A CZ  1 
ATOM   67   N NH1 . ARG A 1 9   ? 16.341  8.215   -1.292  1.00 27.97  ? 23  ARG A NH1 1 
ATOM   68   N NH2 . ARG A 1 9   ? 18.132  9.535   -0.699  1.00 33.62  ? 23  ARG A NH2 1 
ATOM   69   N N   . LEU A 1 10  ? 9.578   10.998  -2.517  1.00 20.91  ? 24  LEU A N   1 
ATOM   70   C CA  . LEU A 1 10  ? 8.368   10.539  -3.172  1.00 21.87  ? 24  LEU A CA  1 
ATOM   71   C C   . LEU A 1 10  ? 7.855   11.489  -4.228  1.00 22.82  ? 24  LEU A C   1 
ATOM   72   O O   . LEU A 1 10  ? 7.378   11.032  -5.284  1.00 23.32  ? 24  LEU A O   1 
ATOM   73   C CB  . LEU A 1 10  ? 7.272   10.294  -2.139  1.00 21.66  ? 24  LEU A CB  1 
ATOM   74   C CG  . LEU A 1 10  ? 7.475   9.088   -1.218  1.00 22.40  ? 24  LEU A CG  1 
ATOM   75   C CD1 . LEU A 1 10  ? 6.626   9.203   0.062   1.00 23.44  ? 24  LEU A CD1 1 
ATOM   76   C CD2 . LEU A 1 10  ? 7.198   7.785   -1.931  1.00 23.26  ? 24  LEU A CD2 1 
ATOM   77   N N   . ARG A 1 11  ? 7.917   12.787  -3.956  1.00 22.77  ? 25  ARG A N   1 
ATOM   78   C CA  . ARG A 1 11  ? 7.391   13.780  -4.906  1.00 25.90  ? 25  ARG A CA  1 
ATOM   79   C C   . ARG A 1 11  ? 8.088   13.735  -6.270  1.00 26.47  ? 25  ARG A C   1 
ATOM   80   O O   . ARG A 1 11  ? 7.455   14.026  -7.284  1.00 26.86  ? 25  ARG A O   1 
ATOM   81   C CB  . ARG A 1 11  ? 7.427   15.182  -4.313  1.00 29.31  ? 25  ARG A CB  1 
ATOM   82   C CG  . ARG A 1 11  ? 6.387   15.376  -3.228  1.00 33.30  ? 25  ARG A CG  1 
ATOM   83   C CD  . ARG A 1 11  ? 6.410   16.788  -2.676  1.00 38.38  ? 25  ARG A CD  1 
ATOM   84   N NE  . ARG A 1 11  ? 5.657   16.877  -1.422  1.00 43.02  ? 25  ARG A NE  1 
ATOM   85   C CZ  . ARG A 1 11  ? 6.147   17.251  -0.231  1.00 47.73  ? 25  ARG A CZ  1 
ATOM   86   N NH1 . ARG A 1 11  ? 7.437   17.605  -0.067  1.00 47.99  ? 25  ARG A NH1 1 
ATOM   87   N NH2 . ARG A 1 11  ? 5.323   17.281  0.818   1.00 47.68  ? 25  ARG A NH2 1 
ATOM   88   N N   . LYS A 1 12  ? 9.345   13.310  -6.293  1.00 26.06  ? 26  LYS A N   1 
ATOM   89   C CA  . LYS A 1 12  ? 10.094  13.194  -7.541  1.00 28.03  ? 26  LYS A CA  1 
ATOM   90   C C   . LYS A 1 12  ? 9.577   12.090  -8.476  1.00 26.53  ? 26  LYS A C   1 
ATOM   91   O O   . LYS A 1 12  ? 9.910   12.099  -9.658  1.00 28.30  ? 26  LYS A O   1 
ATOM   92   C CB  . LYS A 1 12  ? 11.580  12.982  -7.240  1.00 30.16  ? 26  LYS A CB  1 
ATOM   93   C CG  . LYS A 1 12  ? 12.224  14.185  -6.562  1.00 34.99  ? 26  LYS A CG  1 
ATOM   94   C CD  . LYS A 1 12  ? 13.716  13.982  -6.356  1.00 39.03  ? 26  LYS A CD  1 
ATOM   95   C CE  . LYS A 1 12  ? 14.335  15.069  -5.484  1.00 44.97  ? 26  LYS A CE  1 
ATOM   96   N NZ  . LYS A 1 12  ? 14.817  16.217  -6.300  1.00 50.48  ? 26  LYS A NZ  1 
ATOM   97   N N   . TYR A 1 13  ? 8.779   11.143  -7.959  1.00 23.60  ? 27  TYR A N   1 
ATOM   98   C CA  . TYR A 1 13  ? 8.236   10.046  -8.721  1.00 22.62  ? 27  TYR A CA  1 
ATOM   99   C C   . TYR A 1 13  ? 6.737   10.185  -8.984  1.00 21.33  ? 27  TYR A C   1 
ATOM   100  O O   . TYR A 1 13  ? 6.149   9.287   -9.580  1.00 23.74  ? 27  TYR A O   1 
ATOM   101  C CB  . TYR A 1 13  ? 8.519   8.725   -8.021  1.00 22.12  ? 27  TYR A CB  1 
ATOM   102  C CG  . TYR A 1 13  ? 9.994   8.470   -7.854  1.00 22.25  ? 27  TYR A CG  1 
ATOM   103  C CD1 . TYR A 1 13  ? 10.672  9.027   -6.769  1.00 21.51  ? 27  TYR A CD1 1 
ATOM   104  C CD2 . TYR A 1 13  ? 10.695  7.680   -8.743  1.00 24.10  ? 27  TYR A CD2 1 
ATOM   105  C CE1 . TYR A 1 13  ? 12.020  8.822   -6.599  1.00 23.57  ? 27  TYR A CE1 1 
ATOM   106  C CE2 . TYR A 1 13  ? 12.065  7.457   -8.586  1.00 24.57  ? 27  TYR A CE2 1 
ATOM   107  C CZ  . TYR A 1 13  ? 12.706  8.029   -7.486  1.00 25.21  ? 27  TYR A CZ  1 
ATOM   108  O OH  . TYR A 1 13  ? 14.062  7.838   -7.287  1.00 27.41  ? 27  TYR A OH  1 
ATOM   109  N N   . ASP A 1 14  ? 6.163   11.303  -8.569  1.00 23.37  ? 28  ASP A N   1 
ATOM   110  C CA  . ASP A 1 14  ? 4.717   11.568  -8.711  1.00 24.91  ? 28  ASP A CA  1 
ATOM   111  C C   . ASP A 1 14  ? 4.408   11.692  -10.200 1.00 29.86  ? 28  ASP A C   1 
ATOM   112  O O   . ASP A 1 14  ? 5.062   12.454  -10.905 1.00 32.93  ? 28  ASP A O   1 
ATOM   113  C CB  . ASP A 1 14  ? 4.373   12.853  -7.973  1.00 26.33  ? 28  ASP A CB  1 
ATOM   114  C CG  . ASP A 1 14  ? 2.876   13.083  -7.768  1.00 28.79  ? 28  ASP A CG  1 
ATOM   115  O OD1 . ASP A 1 14  ? 2.038   12.190  -7.947  1.00 29.44  ? 28  ASP A OD1 1 
ATOM   116  O OD2 . ASP A 1 14  ? 2.576   14.192  -7.306  1.00 36.61  ? 28  ASP A OD2 1 
ATOM   117  N N   . ILE A 1 15  ? 3.476   10.884  -10.679 1.00 30.05  ? 29  ILE A N   1 
ATOM   118  C CA  . ILE A 1 15  ? 3.006   11.057  -12.052 1.00 35.68  ? 29  ILE A CA  1 
ATOM   119  C C   . ILE A 1 15  ? 1.763   11.952  -12.089 1.00 36.49  ? 29  ILE A C   1 
ATOM   120  O O   . ILE A 1 15  ? 1.341   12.367  -13.155 1.00 42.52  ? 29  ILE A O   1 
ATOM   121  C CB  . ILE A 1 15  ? 2.808   9.704   -12.745 1.00 38.74  ? 29  ILE A CB  1 
ATOM   122  C CG1 . ILE A 1 15  ? 1.622   8.940   -12.169 1.00 40.97  ? 29  ILE A CG1 1 
ATOM   123  C CG2 . ILE A 1 15  ? 4.103   8.872   -12.668 1.00 41.68  ? 29  ILE A CG2 1 
ATOM   124  C CD1 . ILE A 1 15  ? 0.806   8.262   -13.246 1.00 44.04  ? 29  ILE A CD1 1 
ATOM   125  N N   . GLY A 1 16  ? 1.171   12.231  -10.926 1.00 38.81  ? 30  GLY A N   1 
ATOM   126  C CA  . GLY A 1 16  ? -0.026  13.070  -10.848 1.00 39.33  ? 30  GLY A CA  1 
ATOM   127  C C   . GLY A 1 16  ? -1.223  12.405  -11.515 1.00 38.69  ? 30  GLY A C   1 
ATOM   128  O O   . GLY A 1 16  ? -1.397  11.181  -11.425 1.00 39.49  ? 30  GLY A O   1 
ATOM   129  N N   . GLY A 1 17  ? -2.034  13.219  -12.202 1.00 39.24  ? 31  GLY A N   1 
ATOM   130  C CA  . GLY A 1 17  ? -3.257  12.754  -12.872 1.00 35.70  ? 31  GLY A CA  1 
ATOM   131  C C   . GLY A 1 17  ? -3.105  12.384  -14.338 1.00 34.98  ? 31  GLY A C   1 
ATOM   132  O O   . GLY A 1 17  ? -4.103  12.187  -15.025 1.00 30.27  ? 31  GLY A O   1 
ATOM   133  N N   . LYS A 1 18  ? -1.857  12.238  -14.777 1.00 37.82  ? 32  LYS A N   1 
ATOM   134  C CA  . LYS A 1 18  ? -1.495  11.995  -16.172 1.00 36.55  ? 32  LYS A CA  1 
ATOM   135  C C   . LYS A 1 18  ? -2.333  10.862  -16.830 1.00 34.40  ? 32  LYS A C   1 
ATOM   136  O O   . LYS A 1 18  ? -2.919  11.061  -17.880 1.00 37.71  ? 32  LYS A O   1 
ATOM   137  C CB  . LYS A 1 18  ? 0.034   11.742  -16.230 1.00 38.02  ? 32  LYS A CB  1 
ATOM   138  C CG  . LYS A 1 18  ? 0.668   11.761  -17.607 1.00 40.83  ? 32  LYS A CG  1 
ATOM   139  C CD  . LYS A 1 18  ? 2.189   11.881  -17.526 1.00 40.20  ? 32  LYS A CD  1 
ATOM   140  C CE  . LYS A 1 18  ? 2.645   13.303  -17.256 1.00 41.95  ? 32  LYS A CE  1 
ATOM   141  N NZ  . LYS A 1 18  ? 4.133   13.406  -17.305 1.00 43.78  ? 32  LYS A NZ  1 
ATOM   142  N N   . TYR A 1 19  ? -2.456  9.727   -16.155 1.00 30.33  ? 33  TYR A N   1 
ATOM   143  C CA  . TYR A 1 19  ? -3.155  8.551   -16.678 1.00 27.12  ? 33  TYR A CA  1 
ATOM   144  C C   . TYR A 1 19  ? -4.598  8.390   -16.135 1.00 26.22  ? 33  TYR A C   1 
ATOM   145  O O   . TYR A 1 19  ? -5.285  7.427   -16.476 1.00 26.83  ? 33  TYR A O   1 
ATOM   146  C CB  . TYR A 1 19  ? -2.346  7.299   -16.324 1.00 26.85  ? 33  TYR A CB  1 
ATOM   147  C CG  . TYR A 1 19  ? -1.082  7.178   -17.150 1.00 25.33  ? 33  TYR A CG  1 
ATOM   148  C CD1 . TYR A 1 19  ? -0.011  8.054   -16.967 1.00 25.59  ? 33  TYR A CD1 1 
ATOM   149  C CD2 . TYR A 1 19  ? -0.990  6.233   -18.142 1.00 24.82  ? 33  TYR A CD2 1 
ATOM   150  C CE1 . TYR A 1 19  ? 1.143   7.975   -17.757 1.00 24.84  ? 33  TYR A CE1 1 
ATOM   151  C CE2 . TYR A 1 19  ? 0.157   6.118   -18.910 1.00 23.93  ? 33  TYR A CE2 1 
ATOM   152  C CZ  . TYR A 1 19  ? 1.206   6.987   -18.741 1.00 24.46  ? 33  TYR A CZ  1 
ATOM   153  O OH  . TYR A 1 19  ? 2.347   6.872   -19.489 1.00 23.45  ? 33  TYR A OH  1 
ATOM   154  N N   . SER A 1 20  ? -5.057  9.363   -15.339 1.00 25.15  ? 34  SER A N   1 
ATOM   155  C CA  . SER A 1 20  ? -6.282  9.169   -14.561 1.00 24.25  ? 34  SER A CA  1 
ATOM   156  C C   . SER A 1 20  ? -7.598  9.212   -15.339 1.00 24.00  ? 34  SER A C   1 
ATOM   157  O O   . SER A 1 20  ? -8.588  8.670   -14.860 1.00 25.93  ? 34  SER A O   1 
ATOM   158  C CB  . SER A 1 20  ? -6.338  10.218  -13.454 1.00 25.49  ? 34  SER A CB  1 
ATOM   159  O OG  . SER A 1 20  ? -6.487  11.524  -14.000 1.00 31.22  ? 34  SER A OG  1 
ATOM   160  N N   A HIS A 1 21  ? -7.641  9.828   -16.517 0.35 19.24  ? 35  HIS A N   1 
ATOM   161  N N   B HIS A 1 21  ? -7.612  9.867   -16.502 0.15 22.16  ? 35  HIS A N   1 
ATOM   162  C CA  A HIS A 1 21  ? -8.921  9.917   -17.249 0.35 19.49  ? 35  HIS A CA  1 
ATOM   163  C CA  B HIS A 1 21  ? -8.839  10.002  -17.301 0.15 22.24  ? 35  HIS A CA  1 
ATOM   164  C C   A HIS A 1 21  ? -9.087  8.790   -18.256 0.35 19.73  ? 35  HIS A C   1 
ATOM   165  C C   B HIS A 1 21  ? -9.012  8.901   -18.349 0.15 21.84  ? 35  HIS A C   1 
ATOM   166  O O   A HIS A 1 21  ? -10.158 8.655   -18.838 0.35 18.46  ? 35  HIS A O   1 
ATOM   167  O O   B HIS A 1 21  ? -10.021 8.900   -19.050 0.15 20.95  ? 35  HIS A O   1 
ATOM   168  C CB  A HIS A 1 21  ? -9.012  11.184  -18.054 0.35 19.53  ? 35  HIS A CB  1 
ATOM   169  C CB  B HIS A 1 21  ? -8.883  11.363  -18.007 0.15 22.85  ? 35  HIS A CB  1 
ATOM   170  C CG  A HIS A 1 21  ? -8.222  11.097  -19.307 0.35 20.06  ? 35  HIS A CG  1 
ATOM   171  C CG  B HIS A 1 21  ? -8.863  12.535  -17.074 0.15 23.43  ? 35  HIS A CG  1 
ATOM   172  N ND1 A HIS A 1 21  ? -6.884  11.399  -19.340 0.35 20.70  ? 35  HIS A ND1 1 
ATOM   173  N ND1 B HIS A 1 21  ? -8.617  12.407  -15.724 0.15 24.37  ? 35  HIS A ND1 1 
ATOM   174  C CD2 A HIS A 1 21  ? -8.539  10.634  -20.537 0.35 19.94  ? 35  HIS A CD2 1 
ATOM   175  C CD2 B HIS A 1 21  ? -9.001  13.862  -17.303 0.15 24.37  ? 35  HIS A CD2 1 
ATOM   176  C CE1 A HIS A 1 21  ? -6.420  11.183  -20.555 0.35 18.72  ? 35  HIS A CE1 1 
ATOM   177  C CE1 B HIS A 1 21  ? -8.632  13.599  -15.158 0.15 23.91  ? 35  HIS A CE1 1 
ATOM   178  N NE2 A HIS A 1 21  ? -7.400  10.710  -21.297 0.35 20.19  ? 35  HIS A NE2 1 
ATOM   179  N NE2 B HIS A 1 21  ? -8.858  14.500  -16.096 0.15 24.62  ? 35  HIS A NE2 1 
ATOM   180  N N   . LEU A 1 22  ? -8.043  7.987   -18.480 1.00 22.32  ? 36  LEU A N   1 
ATOM   181  C CA  . LEU A 1 22  ? -8.131  6.917   -19.490 1.00 22.68  ? 36  LEU A CA  1 
ATOM   182  C C   . LEU A 1 22  ? -9.258  5.949   -19.159 1.00 24.17  ? 36  LEU A C   1 
ATOM   183  O O   . LEU A 1 22  ? -9.520  5.659   -17.981 1.00 23.61  ? 36  LEU A O   1 
ATOM   184  C CB  . LEU A 1 22  ? -6.813  6.172   -19.642 1.00 22.76  ? 36  LEU A CB  1 
ATOM   185  C CG  . LEU A 1 22  ? -5.678  6.989   -20.242 1.00 22.76  ? 36  LEU A CG  1 
ATOM   186  C CD1 . LEU A 1 22  ? -4.374  6.283   -19.990 1.00 24.58  ? 36  LEU A CD1 1 
ATOM   187  C CD2 . LEU A 1 22  ? -5.888  7.194   -21.738 1.00 24.36  ? 36  LEU A CD2 1 
ATOM   188  N N   . PRO A 1 23  ? -9.966  5.439   -20.177 1.00 24.66  ? 37  PRO A N   1 
ATOM   189  C CA  . PRO A 1 23  ? -11.236 4.744   -19.944 1.00 25.12  ? 37  PRO A CA  1 
ATOM   190  C C   . PRO A 1 23  ? -11.124 3.284   -19.501 1.00 25.18  ? 37  PRO A C   1 
ATOM   191  O O   . PRO A 1 23  ? -11.599 2.352   -20.148 1.00 28.17  ? 37  PRO A O   1 
ATOM   192  C CB  . PRO A 1 23  ? -11.939 4.890   -21.321 1.00 26.78  ? 37  PRO A CB  1 
ATOM   193  C CG  . PRO A 1 23  ? -10.806 4.817   -22.268 1.00 26.55  ? 37  PRO A CG  1 
ATOM   194  C CD  . PRO A 1 23  ? -9.696  5.607   -21.628 1.00 26.68  ? 37  PRO A CD  1 
ATOM   195  N N   . TYR A 1 24  ? -10.499 3.062   -18.339 1.00 23.21  ? 38  TYR A N   1 
ATOM   196  C CA  . TYR A 1 24  ? -10.314 1.758   -17.801 1.00 21.76  ? 38  TYR A CA  1 
ATOM   197  C C   . TYR A 1 24  ? -11.337 1.419   -16.717 1.00 21.41  ? 38  TYR A C   1 
ATOM   198  O O   . TYR A 1 24  ? -12.004 2.319   -16.197 1.00 23.04  ? 38  TYR A O   1 
ATOM   199  C CB  . TYR A 1 24  ? -8.928  1.711   -17.134 1.00 22.09  ? 38  TYR A CB  1 
ATOM   200  C CG  . TYR A 1 24  ? -7.795  1.541   -18.123 1.00 21.86  ? 38  TYR A CG  1 
ATOM   201  C CD1 . TYR A 1 24  ? -7.509  0.298   -18.614 1.00 23.08  ? 38  TYR A CD1 1 
ATOM   202  C CD2 . TYR A 1 24  ? -7.017  2.599   -18.493 1.00 22.18  ? 38  TYR A CD2 1 
ATOM   203  C CE1 . TYR A 1 24  ? -6.459  0.106   -19.504 1.00 23.85  ? 38  TYR A CE1 1 
ATOM   204  C CE2 . TYR A 1 24  ? -5.945  2.426   -19.373 1.00 21.51  ? 38  TYR A CE2 1 
ATOM   205  C CZ  . TYR A 1 24  ? -5.694  1.193   -19.865 1.00 22.42  ? 38  TYR A CZ  1 
ATOM   206  O OH  . TYR A 1 24  ? -4.643  1.045   -20.772 1.00 24.75  ? 38  TYR A OH  1 
ATOM   207  N N   . ASN A 1 25  ? -11.410 0.154   -16.369 1.00 21.54  ? 39  ASN A N   1 
ATOM   208  C CA  . ASN A 1 25  ? -11.970 -0.222  -15.046 1.00 23.28  ? 39  ASN A CA  1 
ATOM   209  C C   . ASN A 1 25  ? -10.937 0.234   -14.014 1.00 22.29  ? 39  ASN A C   1 
ATOM   210  O O   . ASN A 1 25  ? -9.792  -0.193  -14.083 1.00 22.13  ? 39  ASN A O   1 
ATOM   211  C CB  . ASN A 1 25  ? -12.187 -1.706  -14.947 1.00 25.01  ? 39  ASN A CB  1 
ATOM   212  C CG  . ASN A 1 25  ? -13.263 -2.210  -15.899 1.00 28.94  ? 39  ASN A CG  1 
ATOM   213  O OD1 . ASN A 1 25  ? -14.372 -1.679  -15.949 1.00 34.88  ? 39  ASN A OD1 1 
ATOM   214  N ND2 . ASN A 1 25  ? -12.935 -3.237  -16.652 1.00 33.38  ? 39  ASN A ND2 1 
ATOM   215  N N   . LYS A 1 26  ? -11.333 1.100   -13.085 1.00 22.18  ? 40  LYS A N   1 
ATOM   216  C CA  . LYS A 1 26  ? -10.363 1.850   -12.263 1.00 20.88  ? 40  LYS A CA  1 
ATOM   217  C C   . LYS A 1 26  ? -10.429 1.414   -10.804 1.00 21.92  ? 40  LYS A C   1 
ATOM   218  O O   . LYS A 1 26  ? -11.500 1.367   -10.202 1.00 22.60  ? 40  LYS A O   1 
ATOM   219  C CB  . LYS A 1 26  ? -10.555 3.333   -12.426 1.00 21.72  ? 40  LYS A CB  1 
ATOM   220  C CG  . LYS A 1 26  ? -10.143 3.874   -13.815 1.00 22.82  ? 40  LYS A CG  1 
ATOM   221  C CD  . LYS A 1 26  ? -10.519 5.310   -14.063 1.00 23.81  ? 40  LYS A CD  1 
ATOM   222  C CE  . LYS A 1 26  ? -9.832  6.293   -13.139 1.00 23.67  ? 40  LYS A CE  1 
ATOM   223  N NZ  . LYS A 1 26  ? -8.344  6.081   -13.100 1.00 23.48  ? 40  LYS A NZ  1 
ATOM   224  N N   . TYR A 1 27  ? -9.258  1.098   -10.260 1.00 21.60  ? 41  TYR A N   1 
ATOM   225  C CA  . TYR A 1 27  ? -9.065  0.788   -8.824  1.00 20.98  ? 41  TYR A CA  1 
ATOM   226  C C   . TYR A 1 27  ? -7.932  1.648   -8.308  1.00 21.20  ? 41  TYR A C   1 
ATOM   227  O O   . TYR A 1 27  ? -7.021  1.997   -9.058  1.00 20.23  ? 41  TYR A O   1 
ATOM   228  C CB  . TYR A 1 27  ? -8.662  -0.667  -8.619  1.00 21.19  ? 41  TYR A CB  1 
ATOM   229  C CG  . TYR A 1 27  ? -9.710  -1.655  -8.961  1.00 23.39  ? 41  TYR A CG  1 
ATOM   230  C CD1 . TYR A 1 27  ? -10.040 -1.891  -10.301 1.00 24.93  ? 41  TYR A CD1 1 
ATOM   231  C CD2 . TYR A 1 27  ? -10.388 -2.362  -7.980  1.00 24.26  ? 41  TYR A CD2 1 
ATOM   232  C CE1 . TYR A 1 27  ? -11.037 -2.795  -10.634 1.00 28.28  ? 41  TYR A CE1 1 
ATOM   233  C CE2 . TYR A 1 27  ? -11.370 -3.266  -8.312  1.00 26.89  ? 41  TYR A CE2 1 
ATOM   234  C CZ  . TYR A 1 27  ? -11.691 -3.472  -9.634  1.00 29.57  ? 41  TYR A CZ  1 
ATOM   235  O OH  . TYR A 1 27  ? -12.674 -4.383  -9.970  1.00 33.48  ? 41  TYR A OH  1 
ATOM   236  N N   . SER A 1 28  ? -7.954  1.993   -7.006  1.00 18.86  ? 42  SER A N   1 
ATOM   237  C CA  . SER A 1 28  ? -6.836  2.686   -6.368  1.00 18.63  ? 42  SER A CA  1 
ATOM   238  C C   . SER A 1 28  ? -6.412  1.887   -5.144  1.00 19.56  ? 42  SER A C   1 
ATOM   239  O O   . SER A 1 28  ? -7.216  1.195   -4.539  1.00 20.46  ? 42  SER A O   1 
ATOM   240  C CB  . SER A 1 28  ? -7.170  4.121   -5.949  1.00 19.80  ? 42  SER A CB  1 
ATOM   241  O OG  . SER A 1 28  ? -7.524  4.969   -7.039  1.00 20.84  ? 42  SER A OG  1 
ATOM   242  N N   . VAL A 1 29  ? -5.121  1.961   -4.833  1.00 17.57  ? 43  VAL A N   1 
ATOM   243  C CA  . VAL A 1 29  ? -4.607  1.426   -3.563  1.00 18.70  ? 43  VAL A CA  1 
ATOM   244  C C   . VAL A 1 29  ? -3.891  2.540   -2.837  1.00 18.06  ? 43  VAL A C   1 
ATOM   245  O O   . VAL A 1 29  ? -3.353  3.465   -3.426  1.00 19.11  ? 43  VAL A O   1 
ATOM   246  C CB  . VAL A 1 29  ? -3.718  0.181   -3.714  1.00 20.67  ? 43  VAL A CB  1 
ATOM   247  C CG1 . VAL A 1 29  ? -4.522  -0.975  -4.281  1.00 21.81  ? 43  VAL A CG1 1 
ATOM   248  C CG2 . VAL A 1 29  ? -2.481  0.464   -4.555  1.00 20.78  ? 43  VAL A CG2 1 
ATOM   249  N N   . LEU A 1 30  ? -3.896  2.432   -1.491  1.00 18.13  ? 44  LEU A N   1 
ATOM   250  C CA  . LEU A 1 30  ? -3.128  3.297   -0.634  1.00 19.23  ? 44  LEU A CA  1 
ATOM   251  C C   . LEU A 1 30  ? -1.939  2.524   -0.074  1.00 17.93  ? 44  LEU A C   1 
ATOM   252  O O   . LEU A 1 30  ? -2.112  1.440   0.463   1.00 18.70  ? 44  LEU A O   1 
ATOM   253  C CB  . LEU A 1 30  ? -3.999  3.809   0.522   1.00 19.07  ? 44  LEU A CB  1 
ATOM   254  C CG  . LEU A 1 30  ? -3.283  4.756   1.468   1.00 18.79  ? 44  LEU A CG  1 
ATOM   255  C CD1 . LEU A 1 30  ? -2.981  6.078   0.819   1.00 20.24  ? 44  LEU A CD1 1 
ATOM   256  C CD2 . LEU A 1 30  ? -4.122  4.984   2.722   1.00 21.06  ? 44  LEU A CD2 1 
ATOM   257  N N   . LEU A 1 31  ? -0.744  3.057   -0.273  1.00 18.13  ? 45  LEU A N   1 
ATOM   258  C CA  . LEU A 1 31  ? 0.488   2.512   0.285   1.00 18.82  ? 45  LEU A CA  1 
ATOM   259  C C   . LEU A 1 31  ? 0.744   3.354   1.566   1.00 17.10  ? 45  LEU A C   1 
ATOM   260  O O   . LEU A 1 31  ? 1.200   4.489   1.468   1.00 19.03  ? 45  LEU A O   1 
ATOM   261  C CB  . LEU A 1 31  ? 1.630   2.681   -0.721  1.00 20.38  ? 45  LEU A CB  1 
ATOM   262  C CG  . LEU A 1 31  ? 1.719   1.718   -1.947  1.00 25.87  ? 45  LEU A CG  1 
ATOM   263  C CD1 . LEU A 1 31  ? 0.473   1.080   -2.471  1.00 26.68  ? 45  LEU A CD1 1 
ATOM   264  C CD2 . LEU A 1 31  ? 2.562   2.304   -3.098  1.00 25.27  ? 45  LEU A CD2 1 
ATOM   265  N N   . PRO A 1 32  ? 0.349   2.839   2.744   1.00 18.12  ? 46  PRO A N   1 
ATOM   266  C CA  . PRO A 1 32  ? 0.316   3.663   3.942   1.00 18.12  ? 46  PRO A CA  1 
ATOM   267  C C   . PRO A 1 32  ? 1.640   3.548   4.720   1.00 17.12  ? 46  PRO A C   1 
ATOM   268  O O   . PRO A 1 32  ? 2.015   2.456   5.149   1.00 17.95  ? 46  PRO A O   1 
ATOM   269  C CB  . PRO A 1 32  ? -0.859  3.066   4.738   1.00 19.03  ? 46  PRO A CB  1 
ATOM   270  C CG  . PRO A 1 32  ? -1.419  1.936   3.905   1.00 19.17  ? 46  PRO A CG  1 
ATOM   271  C CD  . PRO A 1 32  ? -0.282  1.535   3.028   1.00 19.07  ? 46  PRO A CD  1 
ATOM   272  N N   . LEU A 1 33  ? 2.340   4.676   4.805   1.00 18.40  ? 47  LEU A N   1 
ATOM   273  C CA  . LEU A 1 33  ? 3.637   4.755   5.529   1.00 19.62  ? 47  LEU A CA  1 
ATOM   274  C C   . LEU A 1 33  ? 3.395   5.189   6.967   1.00 20.88  ? 47  LEU A C   1 
ATOM   275  O O   . LEU A 1 33  ? 2.813   6.239   7.183   1.00 20.77  ? 47  LEU A O   1 
ATOM   276  C CB  . LEU A 1 33  ? 4.568   5.767   4.882   1.00 21.93  ? 47  LEU A CB  1 
ATOM   277  C CG  . LEU A 1 33  ? 5.213   5.299   3.585   1.00 24.12  ? 47  LEU A CG  1 
ATOM   278  C CD1 . LEU A 1 33  ? 5.884   6.522   2.952   1.00 23.87  ? 47  LEU A CD1 1 
ATOM   279  C CD2 . LEU A 1 33  ? 6.228   4.201   3.848   1.00 23.96  ? 47  LEU A CD2 1 
ATOM   280  N N   . VAL A 1 34  ? 3.906   4.388   7.884   1.00 22.03  ? 48  VAL A N   1 
ATOM   281  C CA  . VAL A 1 34  ? 3.758   4.583   9.324   1.00 22.62  ? 48  VAL A CA  1 
ATOM   282  C C   . VAL A 1 34  ? 5.157   4.699   9.885   1.00 23.58  ? 48  VAL A C   1 
ATOM   283  O O   . VAL A 1 34  ? 5.993   3.844   9.595   1.00 23.17  ? 48  VAL A O   1 
ATOM   284  C CB  . VAL A 1 34  ? 3.048   3.350   9.917   1.00 24.54  ? 48  VAL A CB  1 
ATOM   285  C CG1 . VAL A 1 34  ? 3.022   3.393   11.438  1.00 26.74  ? 48  VAL A CG1 1 
ATOM   286  C CG2 . VAL A 1 34  ? 1.625   3.225   9.365   1.00 25.42  ? 48  VAL A CG2 1 
ATOM   287  N N   . ALA A 1 35  ? 5.406   5.746   10.683  1.00 23.43  ? 49  ALA A N   1 
ATOM   288  C CA  . ALA A 1 35  ? 6.698   5.870   11.364  1.00 24.67  ? 49  ALA A CA  1 
ATOM   289  C C   . ALA A 1 35  ? 6.567   5.347   12.790  1.00 27.92  ? 49  ALA A C   1 
ATOM   290  O O   . ALA A 1 35  ? 5.704   5.835   13.533  1.00 32.58  ? 49  ALA A O   1 
ATOM   291  C CB  . ALA A 1 35  ? 7.169   7.295   11.356  1.00 26.49  ? 49  ALA A CB  1 
ATOM   292  N N   . LYS A 1 36  ? 7.366   4.333   13.129  1.00 27.87  ? 50  LYS A N   1 
ATOM   293  C CA  . LYS A 1 36  ? 7.377   3.705   14.493  1.00 31.71  ? 50  LYS A CA  1 
ATOM   294  C C   . LYS A 1 36  ? 8.808   3.382   14.830  1.00 32.61  ? 50  LYS A C   1 
ATOM   295  O O   . LYS A 1 36  ? 9.574   2.934   13.971  1.00 27.70  ? 50  LYS A O   1 
ATOM   296  C CB  . LYS A 1 36  ? 6.594   2.384   14.565  1.00 36.61  ? 50  LYS A CB  1 
ATOM   297  C CG  . LYS A 1 36  ? 5.112   2.449   14.264  1.00 44.44  ? 50  LYS A CG  1 
ATOM   298  C CD  . LYS A 1 36  ? 4.269   3.087   15.360  1.00 49.04  ? 50  LYS A CD  1 
ATOM   299  C CE  . LYS A 1 36  ? 2.776   2.848   15.120  1.00 51.83  ? 50  LYS A CE  1 
ATOM   300  N NZ  . LYS A 1 36  ? 1.933   4.016   15.523  1.00 55.08  ? 50  LYS A NZ  1 
ATOM   301  N N   . GLU A 1 37  ? 9.194   3.568   16.097  1.00 31.28  ? 51  GLU A N   1 
ATOM   302  C CA  . GLU A 1 37  ? 10.533  3.156   16.542  1.00 34.07  ? 51  GLU A CA  1 
ATOM   303  C C   . GLU A 1 37  ? 11.650  3.712   15.678  1.00 30.43  ? 51  GLU A C   1 
ATOM   304  O O   . GLU A 1 37  ? 12.674  3.059   15.456  1.00 32.71  ? 51  GLU A O   1 
ATOM   305  C CB  . GLU A 1 37  ? 10.637  1.626   16.592  1.00 39.49  ? 51  GLU A CB  1 
ATOM   306  C CG  . GLU A 1 37  ? 9.499   0.941   17.321  1.00 45.28  ? 51  GLU A CG  1 
ATOM   307  C CD  . GLU A 1 37  ? 9.576   -0.569  17.234  1.00 53.54  ? 51  GLU A CD  1 
ATOM   308  O OE1 . GLU A 1 37  ? 8.943   -1.225  18.085  1.00 61.34  ? 51  GLU A OE1 1 
ATOM   309  O OE2 . GLU A 1 37  ? 10.255  -1.101  16.322  1.00 60.63  ? 51  GLU A OE2 1 
ATOM   310  N N   . GLY A 1 38  ? 11.461  4.944   15.214  1.00 27.90  ? 52  GLY A N   1 
ATOM   311  C CA  . GLY A 1 38  ? 12.420  5.658   14.446  1.00 26.71  ? 52  GLY A CA  1 
ATOM   312  C C   . GLY A 1 38  ? 12.643  5.151   13.021  1.00 28.85  ? 52  GLY A C   1 
ATOM   313  O O   . GLY A 1 38  ? 13.659  5.496   12.412  1.00 30.79  ? 52  GLY A O   1 
ATOM   314  N N   . LYS A 1 39  ? 11.707  4.348   12.500  1.00 26.43  ? 53  LYS A N   1 
ATOM   315  C CA  . LYS A 1 39  ? 11.848  3.775   11.136  1.00 26.46  ? 53  LYS A CA  1 
ATOM   316  C C   . LYS A 1 39  ? 10.508  3.834   10.417  1.00 23.50  ? 53  LYS A C   1 
ATOM   317  O O   . LYS A 1 39  ? 9.449   3.809   11.055  1.00 24.19  ? 53  LYS A O   1 
ATOM   318  C CB  . LYS A 1 39  ? 12.261  2.311   11.221  1.00 30.75  ? 53  LYS A CB  1 
ATOM   319  C CG  . LYS A 1 39  ? 13.443  2.021   12.137  1.00 38.58  ? 53  LYS A CG  1 
ATOM   320  C CD  . LYS A 1 39  ? 13.842  0.547   12.168  1.00 42.96  ? 53  LYS A CD  1 
ATOM   321  C CE  . LYS A 1 39  ? 12.687  -0.438  12.428  1.00 46.30  ? 53  LYS A CE  1 
ATOM   322  N NZ  . LYS A 1 39  ? 13.080  -1.864  12.231  1.00 46.06  ? 53  LYS A NZ  1 
ATOM   323  N N   . LEU A 1 40  ? 10.548  3.876   9.083   1.00 21.47  ? 54  LEU A N   1 
ATOM   324  C CA  . LEU A 1 40  ? 9.304   3.789   8.323   1.00 20.29  ? 54  LEU A CA  1 
ATOM   325  C C   . LEU A 1 40  ? 8.866   2.344   8.118   1.00 19.54  ? 54  LEU A C   1 
ATOM   326  O O   . LEU A 1 40  ? 9.699   1.446   7.950   1.00 20.49  ? 54  LEU A O   1 
ATOM   327  C CB  . LEU A 1 40  ? 9.471   4.453   6.950   1.00 21.57  ? 54  LEU A CB  1 
ATOM   328  C CG  . LEU A 1 40  ? 9.698   5.954   7.031   1.00 24.77  ? 54  LEU A CG  1 
ATOM   329  C CD1 . LEU A 1 40  ? 10.174  6.519   5.698   1.00 26.97  ? 54  LEU A CD1 1 
ATOM   330  C CD2 . LEU A 1 40  ? 8.447   6.646   7.506   1.00 25.87  ? 54  LEU A CD2 1 
ATOM   331  N N   . HIS A 1 41  ? 7.539   2.162   8.090   1.00 19.03  ? 55  HIS A N   1 
ATOM   332  C CA  . HIS A 1 41  ? 6.886   0.880   7.903   1.00 19.67  ? 55  HIS A CA  1 
ATOM   333  C C   . HIS A 1 41  ? 5.790   1.069   6.852   1.00 19.62  ? 55  HIS A C   1 
ATOM   334  O O   . HIS A 1 41  ? 5.290   2.160   6.670   1.00 20.90  ? 55  HIS A O   1 
ATOM   335  C CB  . HIS A 1 41  ? 6.207   0.360   9.170   1.00 21.47  ? 55  HIS A CB  1 
ATOM   336  C CG  . HIS A 1 41  ? 7.149   0.132   10.291  1.00 22.50  ? 55  HIS A CG  1 
ATOM   337  N ND1 . HIS A 1 41  ? 7.770   1.168   10.945  1.00 26.72  ? 55  HIS A ND1 1 
ATOM   338  C CD2 . HIS A 1 41  ? 7.591   -1.006  10.860  1.00 25.01  ? 55  HIS A CD2 1 
ATOM   339  C CE1 . HIS A 1 41  ? 8.583   0.669   11.863  1.00 25.35  ? 55  HIS A CE1 1 
ATOM   340  N NE2 . HIS A 1 41  ? 8.481   -0.643  11.840  1.00 27.37  ? 55  HIS A NE2 1 
ATOM   341  N N   . LEU A 1 42  ? 5.466   -0.004  6.158   1.00 18.50  ? 56  LEU A N   1 
ATOM   342  C CA  . LEU A 1 42  ? 4.253   -0.051  5.367   1.00 18.65  ? 56  LEU A CA  1 
ATOM   343  C C   . LEU A 1 42  ? 3.185   -0.851  6.082   1.00 18.82  ? 56  LEU A C   1 
ATOM   344  O O   . LEU A 1 42  ? 3.472   -1.881  6.676   1.00 19.21  ? 56  LEU A O   1 
ATOM   345  C CB  . LEU A 1 42  ? 4.515   -0.685  3.988   1.00 19.34  ? 56  LEU A CB  1 
ATOM   346  C CG  . LEU A 1 42  ? 5.157   0.264   2.969   1.00 20.31  ? 56  LEU A CG  1 
ATOM   347  C CD1 . LEU A 1 42  ? 5.729   -0.550  1.794   1.00 21.43  ? 56  LEU A CD1 1 
ATOM   348  C CD2 . LEU A 1 42  ? 4.167   1.304   2.465   1.00 21.38  ? 56  LEU A CD2 1 
ATOM   349  N N   . LEU A 1 43  ? 1.951   -0.403  5.953   1.00 17.92  ? 57  LEU A N   1 
ATOM   350  C CA  . LEU A 1 43  ? 0.778   -1.092  6.485   1.00 19.26  ? 57  LEU A CA  1 
ATOM   351  C C   . LEU A 1 43  ? 0.124   -1.940  5.403   1.00 20.47  ? 57  LEU A C   1 
ATOM   352  O O   . LEU A 1 43  ? -0.150  -1.432  4.321   1.00 19.77  ? 57  LEU A O   1 
ATOM   353  C CB  . LEU A 1 43  ? -0.215  -0.085  7.044   1.00 20.43  ? 57  LEU A CB  1 
ATOM   354  C CG  . LEU A 1 43  ? -1.505  -0.658  7.675   1.00 21.08  ? 57  LEU A CG  1 
ATOM   355  C CD1 . LEU A 1 43  ? -1.995  0.273   8.785   1.00 24.52  ? 57  LEU A CD1 1 
ATOM   356  C CD2 . LEU A 1 43  ? -2.594  -0.872  6.648   1.00 23.01  ? 57  LEU A CD2 1 
ATOM   357  N N   . PHE A 1 44  ? -0.107  -3.205  5.730   1.00 19.48  ? 58  PHE A N   1 
ATOM   358  C CA  . PHE A 1 44  ? -0.735  -4.169  4.850   1.00 19.92  ? 58  PHE A CA  1 
ATOM   359  C C   . PHE A 1 44  ? -2.000  -4.707  5.497   1.00 22.32  ? 58  PHE A C   1 
ATOM   360  O O   . PHE A 1 44  ? -2.142  -4.673  6.736   1.00 22.84  ? 58  PHE A O   1 
ATOM   361  C CB  . PHE A 1 44  ? 0.183   -5.344  4.613   1.00 20.43  ? 58  PHE A CB  1 
ATOM   362  C CG  . PHE A 1 44  ? 1.446   -4.997  3.901   1.00 19.93  ? 58  PHE A CG  1 
ATOM   363  C CD1 . PHE A 1 44  ? 2.549   -4.502  4.584   1.00 19.36  ? 58  PHE A CD1 1 
ATOM   364  C CD2 . PHE A 1 44  ? 1.542   -5.134  2.521   1.00 19.12  ? 58  PHE A CD2 1 
ATOM   365  C CE1 . PHE A 1 44  ? 3.721   -4.178  3.916   1.00 19.85  ? 58  PHE A CE1 1 
ATOM   366  C CE2 . PHE A 1 44  ? 2.710   -4.782  1.852   1.00 20.11  ? 58  PHE A CE2 1 
ATOM   367  C CZ  . PHE A 1 44  ? 3.816   -4.324  2.545   1.00 19.85  ? 58  PHE A CZ  1 
ATOM   368  N N   . THR A 1 45  ? -2.891  -5.226  4.654   1.00 21.85  ? 59  THR A N   1 
ATOM   369  C CA  . THR A 1 45  ? -4.072  -5.960  5.119   1.00 22.75  ? 59  THR A CA  1 
ATOM   370  C C   . THR A 1 45  ? -3.973  -7.406  4.669   1.00 24.65  ? 59  THR A C   1 
ATOM   371  O O   . THR A 1 45  ? -3.299  -7.734  3.697   1.00 25.14  ? 59  THR A O   1 
ATOM   372  C CB  . THR A 1 45  ? -5.395  -5.398  4.572   1.00 22.69  ? 59  THR A CB  1 
ATOM   373  O OG1 . THR A 1 45  ? -5.492  -5.644  3.157   1.00 26.22  ? 59  THR A OG1 1 
ATOM   374  C CG2 . THR A 1 45  ? -5.548  -3.953  4.834   1.00 23.44  ? 59  THR A CG2 1 
ATOM   375  N N   . VAL A 1 46  ? -4.617  -8.290  5.424   1.00 24.01  ? 60  VAL A N   1 
ATOM   376  C CA  . VAL A 1 46  ? -4.924  -9.608  4.945   1.00 25.00  ? 60  VAL A CA  1 
ATOM   377  C C   . VAL A 1 46  ? -6.415  -9.621  4.633   1.00 26.02  ? 60  VAL A C   1 
ATOM   378  O O   . VAL A 1 46  ? -7.243  -9.326  5.492   1.00 26.88  ? 60  VAL A O   1 
ATOM   379  C CB  . VAL A 1 46  ? -4.566  -10.696 5.971   1.00 25.87  ? 60  VAL A CB  1 
ATOM   380  C CG1 . VAL A 1 46  ? -4.952  -12.081 5.438   1.00 27.62  ? 60  VAL A CG1 1 
ATOM   381  C CG2 . VAL A 1 46  ? -3.087  -10.630 6.312   1.00 25.98  ? 60  VAL A CG2 1 
ATOM   382  N N   . ARG A 1 47  ? -6.741  -9.985  3.393   1.00 26.78  ? 61  ARG A N   1 
ATOM   383  C CA  . ARG A 1 47  ? -8.136  -9.974  2.945   1.00 29.69  ? 61  ARG A CA  1 
ATOM   384  C C   . ARG A 1 47  ? -8.929  -11.075 3.630   1.00 31.40  ? 61  ARG A C   1 
ATOM   385  O O   . ARG A 1 47  ? -8.399  -12.146 3.932   1.00 33.83  ? 61  ARG A O   1 
ATOM   386  C CB  . ARG A 1 47  ? -8.221  -10.166 1.435   1.00 32.05  ? 61  ARG A CB  1 
ATOM   387  C CG  . ARG A 1 47  ? -7.650  -9.008  0.657   1.00 35.55  ? 61  ARG A CG  1 
ATOM   388  C CD  . ARG A 1 47  ? -7.429  -9.413  -0.792  1.00 39.94  ? 61  ARG A CD  1 
ATOM   389  N NE  . ARG A 1 47  ? -8.685  -9.626  -1.495  1.00 42.93  ? 61  ARG A NE  1 
ATOM   390  C CZ  . ARG A 1 47  ? -9.471  -8.653  -1.954  1.00 45.63  ? 61  ARG A CZ  1 
ATOM   391  N NH1 . ARG A 1 47  ? -9.150  -7.369  -1.803  1.00 46.13  ? 61  ARG A NH1 1 
ATOM   392  N NH2 . ARG A 1 47  ? -10.601 -8.971  -2.586  1.00 50.75  ? 61  ARG A NH2 1 
ATOM   393  N N   . SER A 1 48  ? -10.184 -10.783 3.917   1.00 31.53  ? 62  SER A N   1 
ATOM   394  C CA  . SER A 1 48  ? -11.039 -11.762 4.578   1.00 36.94  ? 62  SER A CA  1 
ATOM   395  C C   . SER A 1 48  ? -11.177 -13.031 3.733   1.00 40.59  ? 62  SER A C   1 
ATOM   396  O O   . SER A 1 48  ? -11.151 -12.950 2.511   1.00 39.65  ? 62  SER A O   1 
ATOM   397  C CB  . SER A 1 48  ? -12.433 -11.188 4.810   1.00 39.75  ? 62  SER A CB  1 
ATOM   398  O OG  . SER A 1 48  ? -13.371 -12.252 4.915   1.00 43.54  ? 62  SER A OG  1 
ATOM   399  N N   . GLU A 1 49  ? -11.354 -14.178 4.394   1.00 48.60  ? 63  GLU A N   1 
ATOM   400  C CA  . GLU A 1 49  ? -11.728 -15.434 3.699   1.00 58.38  ? 63  GLU A CA  1 
ATOM   401  C C   . GLU A 1 49  ? -13.102 -15.344 3.007   1.00 61.43  ? 63  GLU A C   1 
ATOM   402  O O   . GLU A 1 49  ? -13.326 -16.030 2.012   1.00 65.91  ? 63  GLU A O   1 
ATOM   403  C CB  . GLU A 1 49  ? -11.725 -16.648 4.652   1.00 63.40  ? 63  GLU A CB  1 
ATOM   404  C CG  . GLU A 1 49  ? -10.472 -16.882 5.499   1.00 67.40  ? 63  GLU A CG  1 
ATOM   405  C CD  . GLU A 1 49  ? -9.165  -16.657 4.759   1.00 73.78  ? 63  GLU A CD  1 
ATOM   406  O OE1 . GLU A 1 49  ? -8.434  -17.631 4.484   1.00 77.77  ? 63  GLU A OE1 1 
ATOM   407  O OE2 . GLU A 1 49  ? -8.852  -15.491 4.463   1.00 85.76  ? 63  GLU A OE2 1 
ATOM   408  N N   . LYS A 1 50  ? -13.999 -14.500 3.536   1.00 68.56  ? 64  LYS A N   1 
ATOM   409  C CA  . LYS A 1 50  ? -15.338 -14.245 2.953   1.00 72.75  ? 64  LYS A CA  1 
ATOM   410  C C   . LYS A 1 50  ? -15.289 -13.718 1.509   1.00 71.82  ? 64  LYS A C   1 
ATOM   411  O O   . LYS A 1 50  ? -16.204 -13.980 0.726   1.00 70.92  ? 64  LYS A O   1 
ATOM   412  C CB  . LYS A 1 50  ? -16.128 -13.204 3.782   1.00 77.68  ? 64  LYS A CB  1 
ATOM   413  C CG  . LYS A 1 50  ? -16.315 -13.492 5.274   1.00 82.85  ? 64  LYS A CG  1 
ATOM   414  C CD  . LYS A 1 50  ? -17.781 -13.581 5.696   1.00 87.20  ? 64  LYS A CD  1 
ATOM   415  C CE  . LYS A 1 50  ? -18.406 -14.921 5.333   1.00 90.14  ? 64  LYS A CE  1 
ATOM   416  N NZ  . LYS A 1 50  ? -17.926 -16.031 6.206   1.00 91.82  ? 64  LYS A NZ  1 
ATOM   417  N N   . LEU A 1 51  ? -14.246 -12.957 1.174   1.00 69.20  ? 65  LEU A N   1 
ATOM   418  C CA  . LEU A 1 51  ? -14.206 -12.226 -0.090  1.00 67.85  ? 65  LEU A CA  1 
ATOM   419  C C   . LEU A 1 51  ? -14.107 -13.143 -1.303  1.00 71.16  ? 65  LEU A C   1 
ATOM   420  O O   . LEU A 1 51  ? -13.491 -14.211 -1.248  1.00 69.16  ? 65  LEU A O   1 
ATOM   421  C CB  . LEU A 1 51  ? -13.050 -11.218 -0.119  1.00 66.54  ? 65  LEU A CB  1 
ATOM   422  C CG  . LEU A 1 51  ? -13.040 -10.093 0.926   1.00 63.77  ? 65  LEU A CG  1 
ATOM   423  C CD1 . LEU A 1 51  ? -11.949 -9.083  0.595   1.00 62.78  ? 65  LEU A CD1 1 
ATOM   424  C CD2 . LEU A 1 51  ? -14.392 -9.398  1.037   1.00 62.37  ? 65  LEU A CD2 1 
ATOM   425  N N   . ARG A 1 52  ? -14.723 -12.686 -2.391  1.00 73.80  ? 66  ARG A N   1 
ATOM   426  C CA  . ARG A 1 52  ? -14.795 -13.412 -3.655  1.00 77.52  ? 66  ARG A CA  1 
ATOM   427  C C   . ARG A 1 52  ? -13.410 -13.523 -4.297  1.00 76.05  ? 66  ARG A C   1 
ATOM   428  O O   . ARG A 1 52  ? -12.940 -14.627 -4.576  1.00 72.47  ? 66  ARG A O   1 
ATOM   429  C CB  . ARG A 1 52  ? -15.779 -12.688 -4.583  1.00 82.11  ? 66  ARG A CB  1 
ATOM   430  C CG  . ARG A 1 52  ? -15.846 -13.149 -6.034  1.00 87.09  ? 66  ARG A CG  1 
ATOM   431  C CD  . ARG A 1 52  ? -17.114 -13.912 -6.398  1.00 90.88  ? 66  ARG A CD  1 
ATOM   432  N NE  . ARG A 1 52  ? -17.460 -13.700 -7.809  1.00 95.27  ? 66  ARG A NE  1 
ATOM   433  C CZ  . ARG A 1 52  ? -18.515 -14.229 -8.433  1.00 96.11  ? 66  ARG A CZ  1 
ATOM   434  N NH1 . ARG A 1 52  ? -19.360 -15.039 -7.797  1.00 96.77  ? 66  ARG A NH1 1 
ATOM   435  N NH2 . ARG A 1 52  ? -18.723 -13.946 -9.718  1.00 97.62  ? 66  ARG A NH2 1 
ATOM   436  N N   . ARG A 1 53  ? -12.766 -12.378 -4.513  1.00 77.19  ? 67  ARG A N   1 
ATOM   437  C CA  . ARG A 1 53  ? -11.454 -12.327 -5.169  1.00 76.55  ? 67  ARG A CA  1 
ATOM   438  C C   . ARG A 1 53  ? -10.329 -12.334 -4.124  1.00 68.83  ? 67  ARG A C   1 
ATOM   439  O O   . ARG A 1 53  ? -10.282 -11.460 -3.257  1.00 62.93  ? 67  ARG A O   1 
ATOM   440  C CB  . ARG A 1 53  ? -11.340 -11.081 -6.068  1.00 82.77  ? 67  ARG A CB  1 
ATOM   441  C CG  . ARG A 1 53  ? -10.930 -11.378 -7.513  1.00 90.31  ? 67  ARG A CG  1 
ATOM   442  C CD  . ARG A 1 53  ? -12.036 -12.040 -8.343  1.00 95.44  ? 67  ARG A CD  1 
ATOM   443  N NE  . ARG A 1 53  ? -13.367 -11.464 -8.111  1.00 99.61  ? 67  ARG A NE  1 
ATOM   444  C CZ  . ARG A 1 53  ? -13.777 -10.262 -8.528  1.00 102.13 ? 67  ARG A CZ  1 
ATOM   445  N NH1 . ARG A 1 53  ? -12.981 -9.462  -9.239  1.00 105.28 ? 67  ARG A NH1 1 
ATOM   446  N NH2 . ARG A 1 53  ? -15.011 -9.855  -8.236  1.00 101.99 ? 67  ARG A NH2 1 
ATOM   447  N N   . ALA A 1 54  ? -9.446  -13.330 -4.216  1.00 62.23  ? 68  ALA A N   1 
ATOM   448  C CA  . ALA A 1 54  ? -8.191  -13.395 -3.451  1.00 58.98  ? 68  ALA A CA  1 
ATOM   449  C C   . ALA A 1 54  ? -8.386  -13.458 -1.930  1.00 56.32  ? 68  ALA A C   1 
ATOM   450  O O   . ALA A 1 54  ? -7.791  -12.662 -1.191  1.00 52.13  ? 68  ALA A O   1 
ATOM   451  C CB  . ALA A 1 54  ? -7.278  -12.231 -3.836  1.00 57.66  ? 68  ALA A CB  1 
ATOM   452  N N   . PRO A 1 55  ? -9.199  -14.424 -1.453  1.00 53.02  ? 69  PRO A N   1 
ATOM   453  C CA  . PRO A 1 55  ? -9.423  -14.532 -0.016  1.00 49.53  ? 69  PRO A CA  1 
ATOM   454  C C   . PRO A 1 55  ? -8.135  -14.883 0.697   1.00 46.78  ? 69  PRO A C   1 
ATOM   455  O O   . PRO A 1 55  ? -7.363  -15.709 0.210   1.00 47.22  ? 69  PRO A O   1 
ATOM   456  C CB  . PRO A 1 55  ? -10.437 -15.676 0.100   1.00 51.41  ? 69  PRO A CB  1 
ATOM   457  C CG  . PRO A 1 55  ? -10.184 -16.513 -1.104  1.00 52.41  ? 69  PRO A CG  1 
ATOM   458  C CD  . PRO A 1 55  ? -9.834  -15.535 -2.189  1.00 51.55  ? 69  PRO A CD  1 
ATOM   459  N N   . GLY A 1 56  ? -7.875  -14.221 1.817   1.00 42.13  ? 70  GLY A N   1 
ATOM   460  C CA  . GLY A 1 56  ? -6.675  -14.492 2.601   1.00 38.28  ? 70  GLY A CA  1 
ATOM   461  C C   . GLY A 1 56  ? -5.353  -13.970 2.054   1.00 35.32  ? 70  GLY A C   1 
ATOM   462  O O   . GLY A 1 56  ? -4.325  -14.265 2.631   1.00 38.44  ? 70  GLY A O   1 
ATOM   463  N N   . GLU A 1 57  ? -5.371  -13.196 0.969   1.00 36.12  ? 71  GLU A N   1 
ATOM   464  C CA  . GLU A 1 57  ? -4.129  -12.640 0.401   1.00 34.12  ? 71  GLU A CA  1 
ATOM   465  C C   . GLU A 1 57  ? -3.765  -11.336 1.110   1.00 29.52  ? 71  GLU A C   1 
ATOM   466  O O   . GLU A 1 57  ? -4.641  -10.609 1.573   1.00 28.76  ? 71  GLU A O   1 
ATOM   467  C CB  . GLU A 1 57  ? -4.251  -12.358 -1.107  1.00 39.79  ? 71  GLU A CB  1 
ATOM   468  C CG  . GLU A 1 57  ? -3.858  -13.513 -2.034  1.00 45.55  ? 71  GLU A CG  1 
ATOM   469  C CD  . GLU A 1 57  ? -3.824  -13.113 -3.515  1.00 47.82  ? 71  GLU A CD  1 
ATOM   470  O OE1 . GLU A 1 57  ? -3.453  -11.960 -3.865  1.00 46.34  ? 71  GLU A OE1 1 
ATOM   471  O OE2 . GLU A 1 57  ? -4.191  -13.958 -4.357  1.00 54.98  ? 71  GLU A OE2 1 
ATOM   472  N N   . VAL A 1 58  ? -2.467  -11.050 1.115   1.00 26.41  ? 72  VAL A N   1 
ATOM   473  C CA  . VAL A 1 58  ? -1.937  -9.796  1.634   1.00 23.84  ? 72  VAL A CA  1 
ATOM   474  C C   . VAL A 1 58  ? -2.082  -8.748  0.532   1.00 22.83  ? 72  VAL A C   1 
ATOM   475  O O   . VAL A 1 58  ? -1.679  -8.995  -0.606  1.00 24.45  ? 72  VAL A O   1 
ATOM   476  C CB  . VAL A 1 58  ? -0.479  -9.953  2.084   1.00 25.53  ? 72  VAL A CB  1 
ATOM   477  C CG1 . VAL A 1 58  ? 0.140   -8.610  2.382   1.00 25.97  ? 72  VAL A CG1 1 
ATOM   478  C CG2 . VAL A 1 58  ? -0.381  -10.851 3.323   1.00 25.73  ? 72  VAL A CG2 1 
ATOM   479  N N   A CYS A 1 59  ? -2.636  -7.588  0.858   0.25 17.96  ? 73  CYS A N   1 
ATOM   480  N N   B CYS A 1 59  ? -2.645  -7.592  0.872   0.23 18.82  ? 73  CYS A N   1 
ATOM   481  C CA  A CYS A 1 59  ? -2.743  -6.515  -0.099  0.25 17.18  ? 73  CYS A CA  1 
ATOM   482  C CA  B CYS A 1 59  ? -2.870  -6.514  -0.070  0.23 18.29  ? 73  CYS A CA  1 
ATOM   483  C C   A CYS A 1 59  ? -2.842  -5.191  0.618   0.25 16.52  ? 73  CYS A C   1 
ATOM   484  C C   B CYS A 1 59  ? -2.695  -5.203  0.648   0.23 17.30  ? 73  CYS A C   1 
ATOM   485  O O   A CYS A 1 59  ? -3.168  -5.118  1.788   0.25 14.69  ? 73  CYS A O   1 
ATOM   486  O O   B CYS A 1 59  ? -2.616  -5.169  1.859   0.23 15.55  ? 73  CYS A O   1 
ATOM   487  C CB  A CYS A 1 59  ? -3.964  -6.696  -0.991  0.25 17.62  ? 73  CYS A CB  1 
ATOM   488  C CB  B CYS A 1 59  ? -4.291  -6.568  -0.613  0.23 19.33  ? 73  CYS A CB  1 
ATOM   489  S SG  A CYS A 1 59  ? -5.515  -6.398  -0.124  0.25 18.10  ? 73  CYS A SG  1 
ATOM   490  S SG  B CYS A 1 59  ? -4.666  -8.093  -1.480  0.23 21.00  ? 73  CYS A SG  1 
ATOM   491  N N   . PHE A 1 60  ? -2.583  -4.131  -0.117  1.00 18.65  ? 74  PHE A N   1 
ATOM   492  C CA  . PHE A 1 60  ? -2.725  -2.790  0.412   1.00 19.05  ? 74  PHE A CA  1 
ATOM   493  C C   . PHE A 1 60  ? -4.214  -2.447  0.491   1.00 19.79  ? 74  PHE A C   1 
ATOM   494  O O   . PHE A 1 60  ? -5.021  -2.967  -0.289  1.00 21.04  ? 74  PHE A O   1 
ATOM   495  C CB  . PHE A 1 60  ? -1.992  -1.786  -0.457  1.00 19.37  ? 74  PHE A CB  1 
ATOM   496  C CG  . PHE A 1 60  ? -0.499  -1.902  -0.363  1.00 20.55  ? 74  PHE A CG  1 
ATOM   497  C CD1 . PHE A 1 60  ? 0.166   -1.611  0.834   1.00 20.04  ? 74  PHE A CD1 1 
ATOM   498  C CD2 . PHE A 1 60  ? 0.264   -2.297  -1.454  1.00 21.03  ? 74  PHE A CD2 1 
ATOM   499  C CE1 . PHE A 1 60  ? 1.531   -1.745  0.951   1.00 20.77  ? 74  PHE A CE1 1 
ATOM   500  C CE2 . PHE A 1 60  ? 1.646   -2.422  -1.346  1.00 20.83  ? 74  PHE A CE2 1 
ATOM   501  C CZ  . PHE A 1 60  ? 2.282   -2.132  -0.151  1.00 21.18  ? 74  PHE A CZ  1 
ATOM   502  N N   . PRO A 1 61  ? -4.596  -1.527  1.400   1.00 19.37  ? 75  PRO A N   1 
ATOM   503  C CA  . PRO A 1 61  ? -5.971  -1.031  1.367   1.00 20.69  ? 75  PRO A CA  1 
ATOM   504  C C   . PRO A 1 61  ? -6.302  -0.408  0.000   1.00 21.56  ? 75  PRO A C   1 
ATOM   505  O O   . PRO A 1 61  ? -5.439  0.201   -0.634  1.00 20.83  ? 75  PRO A O   1 
ATOM   506  C CB  . PRO A 1 61  ? -5.992  0.053   2.449   1.00 21.88  ? 75  PRO A CB  1 
ATOM   507  C CG  . PRO A 1 61  ? -4.794  -0.191  3.276   1.00 21.25  ? 75  PRO A CG  1 
ATOM   508  C CD  . PRO A 1 61  ? -3.789  -0.935  2.475   1.00 20.12  ? 75  PRO A CD  1 
ATOM   509  N N   . GLY A 1 62  ? -7.540  -0.556  -0.429  1.00 21.93  ? 76  GLY A N   1 
ATOM   510  C CA  . GLY A 1 62  ? -7.939  0.015   -1.727  1.00 21.89  ? 76  GLY A CA  1 
ATOM   511  C C   . GLY A 1 62  ? -9.160  -0.673  -2.282  1.00 22.36  ? 76  GLY A C   1 
ATOM   512  O O   . GLY A 1 62  ? -9.753  -1.557  -1.666  1.00 22.60  ? 76  GLY A O   1 
ATOM   513  N N   . GLY A 1 63  ? -9.498  -0.319  -3.516  1.00 21.48  ? 77  GLY A N   1 
ATOM   514  C CA  . GLY A 1 63  ? -10.665 -0.882  -4.145  1.00 21.52  ? 77  GLY A CA  1 
ATOM   515  C C   . GLY A 1 63  ? -11.086 -0.132  -5.371  1.00 19.91  ? 77  GLY A C   1 
ATOM   516  O O   . GLY A 1 63  ? -10.395 0.775   -5.832  1.00 20.51  ? 77  GLY A O   1 
ATOM   517  N N   . LYS A 1 64  ? -12.303 -0.457  -5.839  1.00 21.08  ? 78  LYS A N   1 
ATOM   518  C CA  . LYS A 1 64  ? -12.809 0.090   -7.114  1.00 21.89  ? 78  LYS A CA  1 
ATOM   519  C C   . LYS A 1 64  ? -13.324 1.519   -6.980  1.00 20.58  ? 78  LYS A C   1 
ATOM   520  O O   . LYS A 1 64  ? -14.013 1.864   -6.006  1.00 21.48  ? 78  LYS A O   1 
ATOM   521  C CB  . LYS A 1 64  ? -13.914 -0.816  -7.668  1.00 24.62  ? 78  LYS A CB  1 
ATOM   522  C CG  . LYS A 1 64  ? -14.252 -0.497  -9.118  1.00 27.88  ? 78  LYS A CG  1 
ATOM   523  C CD  . LYS A 1 64  ? -15.152 -1.527  -9.773  1.00 33.87  ? 78  LYS A CD  1 
ATOM   524  C CE  . LYS A 1 64  ? -15.642 -1.043  -11.139 1.00 37.57  ? 78  LYS A CE  1 
ATOM   525  N NZ  . LYS A 1 64  ? -14.552 -0.539  -12.010 1.00 44.83  ? 78  LYS A NZ  1 
ATOM   526  N N   . ARG A 1 65  ? -13.027 2.365   -7.945  1.00 21.46  ? 79  ARG A N   1 
ATOM   527  C CA  . ARG A 1 65  ? -13.536 3.706   -7.944  1.00 21.12  ? 79  ARG A CA  1 
ATOM   528  C C   . ARG A 1 65  ? -15.063 3.620   -8.043  1.00 21.81  ? 79  ARG A C   1 
ATOM   529  O O   . ARG A 1 65  ? -15.600 2.698   -8.656  1.00 24.50  ? 79  ARG A O   1 
ATOM   530  C CB  . ARG A 1 65  ? -12.949 4.511   -9.094  1.00 23.04  ? 79  ARG A CB  1 
ATOM   531  C CG  . ARG A 1 65  ? -13.459 5.927   -9.174  1.00 24.17  ? 79  ARG A CG  1 
ATOM   532  C CD  . ARG A 1 65  ? -12.504 6.837   -9.907  1.00 26.32  ? 79  ARG A CD  1 
ATOM   533  N NE  . ARG A 1 65  ? -13.049 8.168   -10.127 1.00 25.90  ? 79  ARG A NE  1 
ATOM   534  C CZ  . ARG A 1 65  ? -12.367 9.190   -10.642 1.00 28.04  ? 79  ARG A CZ  1 
ATOM   535  N NH1 . ARG A 1 65  ? -11.090 9.045   -10.976 1.00 27.15  ? 79  ARG A NH1 1 
ATOM   536  N NH2 . ARG A 1 65  ? -12.956 10.369  -10.833 1.00 29.74  ? 79  ARG A NH2 1 
ATOM   537  N N   . ASP A 1 66  ? -15.721 4.548   -7.384  1.00 22.09  ? 80  ASP A N   1 
ATOM   538  C CA  . ASP A 1 66  ? -17.190 4.700   -7.512  1.00 21.51  ? 80  ASP A CA  1 
ATOM   539  C C   . ASP A 1 66  ? -17.553 6.112   -7.874  1.00 21.94  ? 80  ASP A C   1 
ATOM   540  O O   . ASP A 1 66  ? -16.731 7.008   -7.900  1.00 22.47  ? 80  ASP A O   1 
ATOM   541  C CB  . ASP A 1 66  ? -17.905 4.118   -6.270  1.00 21.83  ? 80  ASP A CB  1 
ATOM   542  C CG  . ASP A 1 66  ? -18.023 5.088   -5.101  1.00 21.04  ? 80  ASP A CG  1 
ATOM   543  O OD1 . ASP A 1 66  ? -17.745 6.288   -5.200  1.00 21.69  ? 80  ASP A OD1 1 
ATOM   544  O OD2 . ASP A 1 66  ? -18.496 4.571   -4.063  1.00 25.70  ? 80  ASP A OD2 1 
ATOM   545  N N   . PRO A 1 67  ? -18.853 6.366   -8.203  1.00 21.22  ? 81  PRO A N   1 
ATOM   546  C CA  . PRO A 1 67  ? -19.134 7.699   -8.694  1.00 21.87  ? 81  PRO A CA  1 
ATOM   547  C C   . PRO A 1 67  ? -18.939 8.839   -7.750  1.00 21.48  ? 81  PRO A C   1 
ATOM   548  O O   . PRO A 1 67  ? -18.786 9.966   -8.189  1.00 23.86  ? 81  PRO A O   1 
ATOM   549  C CB  . PRO A 1 67  ? -20.627 7.616   -9.118  1.00 23.62  ? 81  PRO A CB  1 
ATOM   550  C CG  . PRO A 1 67  ? -20.860 6.203   -9.341  1.00 22.88  ? 81  PRO A CG  1 
ATOM   551  C CD  . PRO A 1 67  ? -19.966 5.436   -8.405  1.00 24.31  ? 81  PRO A CD  1 
ATOM   552  N N   . THR A 1 68  ? -18.920 8.563   -6.436  1.00 22.56  ? 82  THR A N   1 
ATOM   553  C CA  . THR A 1 68  ? -18.756 9.622   -5.448  1.00 23.54  ? 82  THR A CA  1 
ATOM   554  C C   . THR A 1 68  ? -17.333 10.221  -5.443  1.00 24.10  ? 82  THR A C   1 
ATOM   555  O O   . THR A 1 68  ? -17.133 11.363  -5.050  1.00 25.33  ? 82  THR A O   1 
ATOM   556  C CB  . THR A 1 68  ? -19.055 9.175   -3.995  1.00 24.88  ? 82  THR A CB  1 
ATOM   557  O OG1 . THR A 1 68  ? -18.004 8.329   -3.480  1.00 25.83  ? 82  THR A OG1 1 
ATOM   558  C CG2 . THR A 1 68  ? -20.368 8.451   -3.864  1.00 25.13  ? 82  THR A CG2 1 
ATOM   559  N N   . ASP A 1 69  ? -16.352 9.438   -5.897  1.00 25.12  ? 83  ASP A N   1 
ATOM   560  C CA  . ASP A 1 69  ? -14.965 9.826   -5.744  1.00 23.36  ? 83  ASP A CA  1 
ATOM   561  C C   . ASP A 1 69  ? -14.618 11.026  -6.617  1.00 24.40  ? 83  ASP A C   1 
ATOM   562  O O   . ASP A 1 69  ? -14.810 10.967  -7.825  1.00 25.23  ? 83  ASP A O   1 
ATOM   563  C CB  . ASP A 1 69  ? -14.049 8.633   -6.117  1.00 22.51  ? 83  ASP A CB  1 
ATOM   564  C CG  . ASP A 1 69  ? -14.203 7.445   -5.219  1.00 20.66  ? 83  ASP A CG  1 
ATOM   565  O OD1 . ASP A 1 69  ? -14.418 7.612   -3.983  1.00 22.79  ? 83  ASP A OD1 1 
ATOM   566  O OD2 . ASP A 1 69  ? -14.042 6.285   -5.672  1.00 21.67  ? 83  ASP A OD2 1 
ATOM   567  N N   . MET A 1 70  ? -14.092 12.096  -6.033  1.00 24.64  ? 84  MET A N   1 
ATOM   568  C CA  . MET A 1 70  ? -13.671 13.266  -6.800  1.00 27.66  ? 84  MET A CA  1 
ATOM   569  C C   . MET A 1 70  ? -12.517 12.949  -7.757  1.00 27.85  ? 84  MET A C   1 
ATOM   570  O O   . MET A 1 70  ? -12.386 13.552  -8.822  1.00 29.14  ? 84  MET A O   1 
ATOM   571  C CB  . MET A 1 70  ? -13.239 14.402  -5.862  1.00 30.73  ? 84  MET A CB  1 
ATOM   572  C CG  . MET A 1 70  ? -14.351 15.011  -5.022  1.00 35.63  ? 84  MET A CG  1 
ATOM   573  S SD  . MET A 1 70  ? -15.508 15.932  -6.056  1.00 39.69  ? 84  MET A SD  1 
ATOM   574  C CE  . MET A 1 70  ? -14.504 17.239  -6.757  1.00 41.50  ? 84  MET A CE  1 
ATOM   575  N N   . ASP A 1 71  ? -11.672 12.008  -7.348  1.00 25.06  ? 85  ASP A N   1 
ATOM   576  C CA  . ASP A 1 71  ? -10.483 11.618  -8.094  1.00 25.45  ? 85  ASP A CA  1 
ATOM   577  C C   . ASP A 1 71  ? -9.987  10.236  -7.601  1.00 22.60  ? 85  ASP A C   1 
ATOM   578  O O   . ASP A 1 71  ? -10.610 9.609   -6.729  1.00 22.00  ? 85  ASP A O   1 
ATOM   579  C CB  . ASP A 1 71  ? -9.408  12.713  -8.000  1.00 26.59  ? 85  ASP A CB  1 
ATOM   580  C CG  . ASP A 1 71  ? -8.979  13.031  -6.589  1.00 27.62  ? 85  ASP A CG  1 
ATOM   581  O OD1 . ASP A 1 71  ? -9.160  12.212  -5.673  1.00 26.23  ? 85  ASP A OD1 1 
ATOM   582  O OD2 . ASP A 1 71  ? -8.429  14.133  -6.400  1.00 33.13  ? 85  ASP A OD2 1 
ATOM   583  N N   . ASP A 1 72  ? -8.881  9.742   -8.173  1.00 21.66  ? 86  ASP A N   1 
ATOM   584  C CA  . ASP A 1 72  ? -8.388  8.434   -7.840  1.00 20.29  ? 86  ASP A CA  1 
ATOM   585  C C   . ASP A 1 72  ? -7.851  8.359   -6.401  1.00 18.33  ? 86  ASP A C   1 
ATOM   586  O O   . ASP A 1 72  ? -7.923  7.291   -5.796  1.00 19.53  ? 86  ASP A O   1 
ATOM   587  C CB  . ASP A 1 72  ? -7.334  7.962   -8.869  1.00 21.14  ? 86  ASP A CB  1 
ATOM   588  C CG  . ASP A 1 72  ? -7.955  7.620   -10.194 1.00 24.22  ? 86  ASP A CG  1 
ATOM   589  O OD1 . ASP A 1 72  ? -9.110  7.107   -10.214 1.00 22.65  ? 86  ASP A OD1 1 
ATOM   590  O OD2 . ASP A 1 72  ? -7.281  7.850   -11.240 1.00 24.06  ? 86  ASP A OD2 1 
ATOM   591  N N   . ALA A 1 73  ? -7.319  9.464   -5.911  1.00 19.81  ? 87  ALA A N   1 
ATOM   592  C CA  . ALA A 1 73  ? -6.837  9.504   -4.510  1.00 19.96  ? 87  ALA A CA  1 
ATOM   593  C C   . ALA A 1 73  ? -8.016  9.296   -3.541  1.00 19.32  ? 87  ALA A C   1 
ATOM   594  O O   . ALA A 1 73  ? -7.926  8.536   -2.556  1.00 20.48  ? 87  ALA A O   1 
ATOM   595  C CB  . ALA A 1 73  ? -6.141  10.792  -4.214  1.00 20.72  ? 87  ALA A CB  1 
ATOM   596  N N   . ALA A 1 74  ? -9.141  9.915   -3.879  1.00 19.91  ? 88  ALA A N   1 
ATOM   597  C CA  . ALA A 1 74  ? -10.357 9.732   -3.074  1.00 20.93  ? 88  ALA A CA  1 
ATOM   598  C C   . ALA A 1 74  ? -10.804 8.295   -2.988  1.00 20.32  ? 88  ALA A C   1 
ATOM   599  O O   . ALA A 1 74  ? -11.234 7.842   -1.930  1.00 20.82  ? 88  ALA A O   1 
ATOM   600  C CB  . ALA A 1 74  ? -11.490 10.617  -3.597  1.00 21.80  ? 88  ALA A CB  1 
ATOM   601  N N   . THR A 1 75  ? -10.710 7.539   -4.091  1.00 18.62  ? 89  THR A N   1 
ATOM   602  C CA  . THR A 1 75  ? -10.987 6.138   -4.056  1.00 18.55  ? 89  THR A CA  1 
ATOM   603  C C   . THR A 1 75  ? -10.165 5.404   -2.977  1.00 20.05  ? 89  THR A C   1 
ATOM   604  O O   . THR A 1 75  ? -10.692 4.610   -2.161  1.00 19.74  ? 89  THR A O   1 
ATOM   605  C CB  . THR A 1 75  ? -10.714 5.472   -5.437  1.00 20.25  ? 89  THR A CB  1 
ATOM   606  O OG1 . THR A 1 75  ? -11.456 6.177   -6.453  1.00 20.96  ? 89  THR A OG1 1 
ATOM   607  C CG2 . THR A 1 75  ? -11.018 4.011   -5.404  1.00 19.92  ? 89  THR A CG2 1 
ATOM   608  N N   . ALA A 1 76  ? -8.854  5.639   -3.013  1.00 19.01  ? 90  ALA A N   1 
ATOM   609  C CA  . ALA A 1 76  ? -7.948  5.009   -2.070  1.00 19.16  ? 90  ALA A CA  1 
ATOM   610  C C   . ALA A 1 76  ? -8.331  5.332   -0.616  1.00 18.44  ? 90  ALA A C   1 
ATOM   611  O O   . ALA A 1 76  ? -8.363  4.432   0.198   1.00 19.99  ? 90  ALA A O   1 
ATOM   612  C CB  . ALA A 1 76  ? -6.521  5.440   -2.358  1.00 19.37  ? 90  ALA A CB  1 
ATOM   613  N N   . LEU A 1 77  ? -8.635  6.591   -0.357  1.00 19.99  ? 91  LEU A N   1 
ATOM   614  C CA  . LEU A 1 77  ? -8.963  7.032   1.002   1.00 21.37  ? 91  LEU A CA  1 
ATOM   615  C C   . LEU A 1 77  ? -10.306 6.496   1.465   1.00 21.85  ? 91  LEU A C   1 
ATOM   616  O O   . LEU A 1 77  ? -10.420 6.009   2.583   1.00 21.15  ? 91  LEU A O   1 
ATOM   617  C CB  . LEU A 1 77  ? -8.936  8.527   1.094   1.00 22.81  ? 91  LEU A CB  1 
ATOM   618  C CG  . LEU A 1 77  ? -7.580  9.221   0.881   1.00 25.73  ? 91  LEU A CG  1 
ATOM   619  C CD1 . LEU A 1 77  ? -7.694  10.666  1.333   1.00 29.43  ? 91  LEU A CD1 1 
ATOM   620  C CD2 . LEU A 1 77  ? -6.442  8.511   1.588   1.00 27.73  ? 91  LEU A CD2 1 
ATOM   621  N N   . ARG A 1 78  ? -11.297 6.486   0.574   1.00 21.54  ? 92  ARG A N   1 
ATOM   622  C CA  . ARG A 1 78  ? -12.623 5.928   0.942   1.00 21.12  ? 92  ARG A CA  1 
ATOM   623  C C   . ARG A 1 78  ? -12.532 4.458   1.288   1.00 21.80  ? 92  ARG A C   1 
ATOM   624  O O   . ARG A 1 78  ? -13.087 3.970   2.285   1.00 21.87  ? 92  ARG A O   1 
ATOM   625  C CB  . ARG A 1 78  ? -13.603 6.141   -0.212  1.00 21.21  ? 92  ARG A CB  1 
ATOM   626  C CG  . ARG A 1 78  ? -14.988 5.552   0.005   1.00 22.18  ? 92  ARG A CG  1 
ATOM   627  C CD  . ARG A 1 78  ? -15.957 5.912   -1.116  1.00 23.17  ? 92  ARG A CD  1 
ATOM   628  N NE  . ARG A 1 78  ? -15.435 5.511   -2.431  1.00 21.38  ? 92  ARG A NE  1 
ATOM   629  C CZ  . ARG A 1 78  ? -15.307 4.271   -2.872  1.00 21.64  ? 92  ARG A CZ  1 
ATOM   630  N NH1 . ARG A 1 78  ? -15.715 3.218   -2.182  1.00 24.66  ? 92  ARG A NH1 1 
ATOM   631  N NH2 . ARG A 1 78  ? -14.743 4.077   -4.079  1.00 22.44  ? 92  ARG A NH2 1 
ATOM   632  N N   . GLU A 1 79  ? -11.814 3.691   0.466   1.00 20.53  ? 93  GLU A N   1 
ATOM   633  C CA  . GLU A 1 79  ? -11.656 2.282   0.697   1.00 21.16  ? 93  GLU A CA  1 
ATOM   634  C C   . GLU A 1 79  ? -10.834 1.996   1.948   1.00 21.97  ? 93  GLU A C   1 
ATOM   635  O O   . GLU A 1 79  ? -11.171 1.087   2.699   1.00 22.60  ? 93  GLU A O   1 
ATOM   636  C CB  . GLU A 1 79  ? -11.080 1.574   -0.547  1.00 23.81  ? 93  GLU A CB  1 
ATOM   637  C CG  . GLU A 1 79  ? -12.086 1.541   -1.699  1.00 26.68  ? 93  GLU A CG  1 
ATOM   638  C CD  . GLU A 1 79  ? -13.096 0.397   -1.643  1.00 30.07  ? 93  GLU A CD  1 
ATOM   639  O OE1 . GLU A 1 79  ? -12.929 -0.553  -0.889  1.00 37.97  ? 93  GLU A OE1 1 
ATOM   640  O OE2 . GLU A 1 79  ? -14.073 0.447   -2.382  1.00 39.45  ? 93  GLU A OE2 1 
ATOM   641  N N   . ALA A 1 80  ? -9.764  2.757   2.177   1.00 21.02  ? 94  ALA A N   1 
ATOM   642  C CA  . ALA A 1 80  ? -8.968  2.576   3.389   1.00 21.97  ? 94  ALA A CA  1 
ATOM   643  C C   . ALA A 1 80  ? -9.825  2.824   4.649   1.00 23.78  ? 94  ALA A C   1 
ATOM   644  O O   . ALA A 1 80  ? -9.686  2.088   5.626   1.00 24.63  ? 94  ALA A O   1 
ATOM   645  C CB  . ALA A 1 80  ? -7.758  3.484   3.400   1.00 23.13  ? 94  ALA A CB  1 
ATOM   646  N N   . GLN A 1 81  ? -10.679 3.830   4.598   1.00 22.53  ? 95  GLN A N   1 
ATOM   647  C CA  . GLN A 1 81  ? -11.589 4.106   5.737   1.00 23.91  ? 95  GLN A CA  1 
ATOM   648  C C   . GLN A 1 81  ? -12.516 2.905   5.985   1.00 25.89  ? 95  GLN A C   1 
ATOM   649  O O   . GLN A 1 81  ? -12.634 2.402   7.117   1.00 25.25  ? 95  GLN A O   1 
ATOM   650  C CB  . GLN A 1 81  ? -12.368 5.385   5.543   1.00 25.52  ? 95  GLN A CB  1 
ATOM   651  C CG  . GLN A 1 81  ? -13.201 5.752   6.787   1.00 27.09  ? 95  GLN A CG  1 
ATOM   652  C CD  . GLN A 1 81  ? -13.685 7.196   6.832   1.00 30.60  ? 95  GLN A CD  1 
ATOM   653  O OE1 . GLN A 1 81  ? -13.449 8.006   5.944   1.00 37.80  ? 95  GLN A OE1 1 
ATOM   654  N NE2 . GLN A 1 81  ? -14.388 7.524   7.909   1.00 41.40  ? 95  GLN A NE2 1 
ATOM   655  N N   . GLU A 1 82  ? -13.127 2.402   4.913   1.00 24.66  ? 96  GLU A N   1 
ATOM   656  C CA  . GLU A 1 82  ? -14.017 1.245   5.014   1.00 26.09  ? 96  GLU A CA  1 
ATOM   657  C C   . GLU A 1 82  ? -13.331 0.011   5.562   1.00 25.98  ? 96  GLU A C   1 
ATOM   658  O O   . GLU A 1 82  ? -13.907 -0.735  6.365   1.00 27.35  ? 96  GLU A O   1 
ATOM   659  C CB  . GLU A 1 82  ? -14.608 0.919   3.612   1.00 29.28  ? 96  GLU A CB  1 
ATOM   660  C CG  . GLU A 1 82  ? -15.606 -0.230  3.611   1.00 35.83  ? 96  GLU A CG  1 
ATOM   661  C CD  . GLU A 1 82  ? -16.831 0.073   4.444   1.00 44.16  ? 96  GLU A CD  1 
ATOM   662  O OE1 . GLU A 1 82  ? -17.232 1.257   4.519   1.00 50.31  ? 96  GLU A OE1 1 
ATOM   663  O OE2 . GLU A 1 82  ? -17.392 -0.879  5.031   1.00 54.00  ? 96  GLU A OE2 1 
ATOM   664  N N   . GLU A 1 83  ? -12.098 -0.240  5.128   1.00 22.71  ? 97  GLU A N   1 
ATOM   665  C CA  . GLU A 1 83  ? -11.361 -1.439  5.455   1.00 24.17  ? 97  GLU A CA  1 
ATOM   666  C C   . GLU A 1 83  ? -10.697 -1.422  6.835   1.00 24.47  ? 97  GLU A C   1 
ATOM   667  O O   . GLU A 1 83  ? -10.693 -2.439  7.520   1.00 26.68  ? 97  GLU A O   1 
ATOM   668  C CB  . GLU A 1 83  ? -10.324 -1.739  4.347   1.00 25.69  ? 97  GLU A CB  1 
ATOM   669  C CG  . GLU A 1 83  ? -11.048 -2.160  3.058   1.00 25.59  ? 97  GLU A CG  1 
ATOM   670  C CD  . GLU A 1 83  ? -10.336 -1.877  1.749   1.00 31.90  ? 97  GLU A CD  1 
ATOM   671  O OE1 . GLU A 1 83  ? -9.195  -1.397  1.790   1.00 31.79  ? 97  GLU A OE1 1 
ATOM   672  O OE2 . GLU A 1 83  ? -10.968 -2.131  0.680   1.00 34.49  ? 97  GLU A OE2 1 
ATOM   673  N N   . VAL A 1 84  ? -10.054 -0.311  7.189   1.00 24.81  ? 98  VAL A N   1 
ATOM   674  C CA  . VAL A 1 84  ? -9.240  -0.261  8.431   1.00 24.59  ? 98  VAL A CA  1 
ATOM   675  C C   . VAL A 1 84  ? -9.535  0.941   9.352   1.00 23.96  ? 98  VAL A C   1 
ATOM   676  O O   . VAL A 1 84  ? -8.825  1.136   10.363  1.00 27.06  ? 98  VAL A O   1 
ATOM   677  C CB  . VAL A 1 84  ? -7.725  -0.374  8.126   1.00 23.42  ? 98  VAL A CB  1 
ATOM   678  C CG1 . VAL A 1 84  ? -7.438  -1.599  7.279   1.00 24.08  ? 98  VAL A CG1 1 
ATOM   679  C CG2 . VAL A 1 84  ? -7.190  0.877   7.454   1.00 24.42  ? 98  VAL A CG2 1 
ATOM   680  N N   . GLY A 1 85  ? -10.538 1.737   9.018   1.00 23.74  ? 99  GLY A N   1 
ATOM   681  C CA  . GLY A 1 85  ? -10.967 2.885   9.833   1.00 24.56  ? 99  GLY A CA  1 
ATOM   682  C C   . GLY A 1 85  ? -10.140 4.131   9.708   1.00 26.97  ? 99  GLY A C   1 
ATOM   683  O O   . GLY A 1 85  ? -10.358 5.107   10.443  1.00 28.08  ? 99  GLY A O   1 
ATOM   684  N N   . LEU A 1 86  ? -9.226  4.158   8.727   1.00 24.47  ? 100 LEU A N   1 
ATOM   685  C CA  . LEU A 1 86  ? -8.402  5.339   8.504   1.00 23.65  ? 100 LEU A CA  1 
ATOM   686  C C   . LEU A 1 86  ? -9.233  6.518   8.035   1.00 24.75  ? 100 LEU A C   1 
ATOM   687  O O   . LEU A 1 86  ? -9.859  6.471   6.962   1.00 25.19  ? 100 LEU A O   1 
ATOM   688  C CB  . LEU A 1 86  ? -7.318  4.976   7.464   1.00 24.55  ? 100 LEU A CB  1 
ATOM   689  C CG  . LEU A 1 86  ? -6.346  6.098   7.134   1.00 23.85  ? 100 LEU A CG  1 
ATOM   690  C CD1 . LEU A 1 86  ? -5.377  6.357   8.294   1.00 23.69  ? 100 LEU A CD1 1 
ATOM   691  C CD2 . LEU A 1 86  ? -5.598  5.727   5.859   1.00 25.27  ? 100 LEU A CD2 1 
ATOM   692  N N   . ARG A 1 87  ? -9.243  7.609   8.797   1.00 25.45  ? 101 ARG A N   1 
ATOM   693  C CA  . ARG A 1 87  ? -10.027 8.791   8.468   1.00 29.32  ? 101 ARG A CA  1 
ATOM   694  C C   . ARG A 1 87  ? -9.188  9.775   7.637   1.00 30.73  ? 101 ARG A C   1 
ATOM   695  O O   . ARG A 1 87  ? -7.969  9.767   7.737   1.00 26.81  ? 101 ARG A O   1 
ATOM   696  C CB  . ARG A 1 87  ? -10.591 9.431   9.736   1.00 33.16  ? 101 ARG A CB  1 
ATOM   697  C CG  . ARG A 1 87  ? -11.662 8.547   10.378  1.00 37.94  ? 101 ARG A CG  1 
ATOM   698  C CD  . ARG A 1 87  ? -11.881 8.857   11.844  1.00 45.43  ? 101 ARG A CD  1 
ATOM   699  N NE  . ARG A 1 87  ? -12.544 10.149  12.039  1.00 53.09  ? 101 ARG A NE  1 
ATOM   700  C CZ  . ARG A 1 87  ? -12.704 10.774  13.212  1.00 57.72  ? 101 ARG A CZ  1 
ATOM   701  N NH1 . ARG A 1 87  ? -12.241 10.245  14.351  1.00 59.00  ? 101 ARG A NH1 1 
ATOM   702  N NH2 . ARG A 1 87  ? -13.331 11.953  13.245  1.00 57.22  ? 101 ARG A NH2 1 
HETATM 703  N N   . HYP A 1 88  ? -9.823  10.594  6.774   1.00 35.15  ? 102 HYP A N   1 
HETATM 704  C CA  . HYP A 1 88  ? -8.976  11.445  5.921   1.00 35.38  ? 102 HYP A CA  1 
HETATM 705  C C   . HYP A 1 88  ? -8.043  12.399  6.609   1.00 32.47  ? 102 HYP A C   1 
HETATM 706  O O   . HYP A 1 88  ? -6.941  12.611  6.090   1.00 33.14  ? 102 HYP A O   1 
HETATM 707  C CB  . HYP A 1 88  ? -9.937  12.140  4.957   1.00 39.66  ? 102 HYP A CB  1 
HETATM 708  C CG  . HYP A 1 88  ? -11.099 11.165  4.876   1.00 40.95  ? 102 HYP A CG  1 
HETATM 709  C CD  . HYP A 1 88  ? -11.198 10.539  6.263   1.00 39.27  ? 102 HYP A CD  1 
HETATM 710  O OD1 . HYP A 1 88  ? -10.791 10.105  3.962   1.00 48.65  ? 102 HYP A OD1 1 
ATOM   711  N N   . HIS A 1 89  ? -8.402  12.909  7.790   1.00 30.21  ? 103 HIS A N   1 
ATOM   712  C CA  . HIS A 1 89  ? -7.492  13.776  8.551   1.00 30.03  ? 103 HIS A CA  1 
ATOM   713  C C   . HIS A 1 89  ? -6.243  13.027  9.039   1.00 26.37  ? 103 HIS A C   1 
ATOM   714  O O   . HIS A 1 89  ? -5.292  13.657  9.488   1.00 27.48  ? 103 HIS A O   1 
ATOM   715  C CB  . HIS A 1 89  ? -8.184  14.501  9.738   1.00 31.85  ? 103 HIS A CB  1 
ATOM   716  C CG  . HIS A 1 89  ? -8.579  13.604  10.877  1.00 30.58  ? 103 HIS A CG  1 
ATOM   717  N ND1 . HIS A 1 89  ? -7.765  13.377  11.963  1.00 32.61  ? 103 HIS A ND1 1 
ATOM   718  C CD2 . HIS A 1 89  ? -9.708  12.887  11.099  1.00 30.96  ? 103 HIS A CD2 1 
ATOM   719  C CE1 . HIS A 1 89  ? -8.373  12.555  12.801  1.00 30.90  ? 103 HIS A CE1 1 
ATOM   720  N NE2 . HIS A 1 89  ? -9.549  12.235  12.293  1.00 31.81  ? 103 HIS A NE2 1 
ATOM   721  N N   . GLN A 1 90  ? -6.275  11.700  8.978   1.00 23.83  ? 104 GLN A N   1 
ATOM   722  C CA  . GLN A 1 90  ? -5.181  10.857  9.465   1.00 22.39  ? 104 GLN A CA  1 
ATOM   723  C C   . GLN A 1 90  ? -4.190  10.463  8.387   1.00 22.25  ? 104 GLN A C   1 
ATOM   724  O O   . GLN A 1 90  ? -3.264  9.714   8.674   1.00 21.26  ? 104 GLN A O   1 
ATOM   725  C CB  . GLN A 1 90  ? -5.734  9.588   10.128  1.00 23.22  ? 104 GLN A CB  1 
ATOM   726  C CG  . GLN A 1 90  ? -6.684  9.891   11.293  1.00 24.74  ? 104 GLN A CG  1 
ATOM   727  C CD  . GLN A 1 90  ? -7.115  8.658   12.036  1.00 27.39  ? 104 GLN A CD  1 
ATOM   728  O OE1 . GLN A 1 90  ? -6.783  8.466   13.229  1.00 31.54  ? 104 GLN A OE1 1 
ATOM   729  N NE2 . GLN A 1 90  ? -7.846  7.806   11.378  1.00 24.09  ? 104 GLN A NE2 1 
ATOM   730  N N   . VAL A 1 91  ? -4.381  10.943  7.157   1.00 22.19  ? 105 VAL A N   1 
ATOM   731  C CA  . VAL A 1 91  ? -3.518  10.582  6.048   1.00 22.55  ? 105 VAL A CA  1 
ATOM   732  C C   . VAL A 1 91  ? -3.189  11.802  5.193   1.00 22.24  ? 105 VAL A C   1 
ATOM   733  O O   . VAL A 1 91  ? -4.067  12.607  4.857   1.00 24.64  ? 105 VAL A O   1 
ATOM   734  C CB  . VAL A 1 91  ? -4.149  9.439   5.212   1.00 25.71  ? 105 VAL A CB  1 
ATOM   735  C CG1 . VAL A 1 91  ? -5.599  9.732   4.881   1.00 27.74  ? 105 VAL A CG1 1 
ATOM   736  C CG2 . VAL A 1 91  ? -3.294  9.115   3.971   1.00 26.58  ? 105 VAL A CG2 1 
ATOM   737  N N   . GLU A 1 92  ? -1.913  11.949  4.878   1.00 20.51  ? 106 GLU A N   1 
ATOM   738  C CA  . GLU A 1 92  ? -1.458  12.944  3.923   1.00 23.32  ? 106 GLU A CA  1 
ATOM   739  C C   . GLU A 1 92  ? -1.043  12.179  2.656   1.00 21.78  ? 106 GLU A C   1 
ATOM   740  O O   . GLU A 1 92  ? -0.063  11.433  2.692   1.00 21.35  ? 106 GLU A O   1 
ATOM   741  C CB  . GLU A 1 92  ? -0.280  13.721  4.493   1.00 25.33  ? 106 GLU A CB  1 
ATOM   742  C CG  . GLU A 1 92  ? 0.221   14.826  3.569   1.00 29.47  ? 106 GLU A CG  1 
ATOM   743  C CD  . GLU A 1 92  ? 1.465   15.541  4.069   1.00 31.36  ? 106 GLU A CD  1 
ATOM   744  O OE1 . GLU A 1 92  ? 1.985   15.226  5.159   1.00 36.78  ? 106 GLU A OE1 1 
ATOM   745  O OE2 . GLU A 1 92  ? 1.940   16.423  3.330   1.00 37.72  ? 106 GLU A OE2 1 
ATOM   746  N N   . VAL A 1 93  ? -1.799  12.365  1.573   1.00 22.10  ? 107 VAL A N   1 
ATOM   747  C CA  . VAL A 1 93  ? -1.458  11.742  0.283   1.00 22.02  ? 107 VAL A CA  1 
ATOM   748  C C   . VAL A 1 93  ? -0.339  12.573  -0.342  1.00 23.06  ? 107 VAL A C   1 
ATOM   749  O O   . VAL A 1 93  ? -0.502  13.773  -0.568  1.00 24.67  ? 107 VAL A O   1 
ATOM   750  C CB  . VAL A 1 93  ? -2.682  11.638  -0.637  1.00 23.76  ? 107 VAL A CB  1 
ATOM   751  C CG1 . VAL A 1 93  ? -2.267  11.057  -1.980  1.00 24.20  ? 107 VAL A CG1 1 
ATOM   752  C CG2 . VAL A 1 93  ? -3.749  10.784  0.031   1.00 24.56  ? 107 VAL A CG2 1 
ATOM   753  N N   . VAL A 1 94  ? 0.801   11.932  -0.572  1.00 22.68  ? 108 VAL A N   1 
ATOM   754  C CA  . VAL A 1 94  ? 2.035   12.594  -0.961  1.00 24.45  ? 108 VAL A CA  1 
ATOM   755  C C   . VAL A 1 94  ? 2.194   12.510  -2.471  1.00 25.12  ? 108 VAL A C   1 
ATOM   756  O O   . VAL A 1 94  ? 2.641   13.482  -3.105  1.00 28.17  ? 108 VAL A O   1 
ATOM   757  C CB  . VAL A 1 94  ? 3.251   11.951  -0.252  1.00 26.71  ? 108 VAL A CB  1 
ATOM   758  C CG1 . VAL A 1 94  ? 4.542   12.636  -0.682  1.00 30.57  ? 108 VAL A CG1 1 
ATOM   759  C CG2 . VAL A 1 94  ? 3.106   12.055  1.261   1.00 30.88  ? 108 VAL A CG2 1 
HETATM 760  N N   . CSO A 1 95  ? 1.878   11.363  -3.058  1.00 23.34  ? 109 CSO A N   1 
HETATM 761  C CA  . CSO A 1 95  ? 2.031   11.218  -4.498  1.00 24.83  ? 109 CSO A CA  1 
HETATM 762  C CB  . CSO A 1 95  ? 3.500   11.077  -4.823  1.00 27.00  ? 109 CSO A CB  1 
HETATM 763  S SG  . CSO A 1 95  ? 4.113   9.576   -4.191  1.00 28.97  ? 109 CSO A SG  1 
HETATM 764  C C   . CSO A 1 95  ? 1.297   10.034  -5.045  1.00 23.66  ? 109 CSO A C   1 
HETATM 765  O O   . CSO A 1 95  ? 0.804   9.164   -4.326  1.00 21.88  ? 109 CSO A O   1 
HETATM 766  O OD  . CSO A 1 95  ? 4.750   9.136   -5.715  1.00 33.15  ? 109 CSO A OD  1 
ATOM   767  N N   . CYS A 1 96  ? 1.226   10.028  -6.366  1.00 23.40  ? 110 CYS A N   1 
ATOM   768  C CA  . CYS A 1 96  ? 0.710   8.964   -7.139  1.00 24.72  ? 110 CYS A CA  1 
ATOM   769  C C   . CYS A 1 96  ? 1.870   8.285   -7.885  1.00 25.57  ? 110 CYS A C   1 
ATOM   770  O O   . CYS A 1 96  ? 2.571   8.943   -8.652  1.00 25.74  ? 110 CYS A O   1 
ATOM   771  C CB  . CYS A 1 96  ? -0.265  9.625   -8.120  1.00 31.72  ? 110 CYS A CB  1 
ATOM   772  S SG  . CYS A 1 96  ? -1.033  8.568   -9.285  1.00 36.40  ? 110 CYS A SG  1 
ATOM   773  N N   . LEU A 1 97  ? 2.084   7.007   -7.646  1.00 23.72  ? 111 LEU A N   1 
ATOM   774  C CA  . LEU A 1 97  ? 3.138   6.248   -8.311  1.00 25.39  ? 111 LEU A CA  1 
ATOM   775  C C   . LEU A 1 97  ? 2.620   5.667   -9.616  1.00 26.76  ? 111 LEU A C   1 
ATOM   776  O O   . LEU A 1 97  ? 1.434   5.769   -9.940  1.00 24.77  ? 111 LEU A O   1 
ATOM   777  C CB  . LEU A 1 97  ? 3.737   5.169   -7.407  1.00 26.41  ? 111 LEU A CB  1 
ATOM   778  C CG  . LEU A 1 97  ? 4.526   5.709   -6.209  1.00 27.61  ? 111 LEU A CG  1 
ATOM   779  C CD1 . LEU A 1 97  ? 5.026   4.564   -5.350  1.00 29.15  ? 111 LEU A CD1 1 
ATOM   780  C CD2 . LEU A 1 97  ? 5.701   6.574   -6.603  1.00 27.80  ? 111 LEU A CD2 1 
ATOM   781  N N   . VAL A 1 98  ? 3.544   5.107   -10.388 1.00 28.32  ? 112 VAL A N   1 
ATOM   782  C CA  . VAL A 1 98  ? 3.191   4.483   -11.664 1.00 30.34  ? 112 VAL A CA  1 
ATOM   783  C C   . VAL A 1 98  ? 2.010   3.524   -11.536 1.00 26.42  ? 112 VAL A C   1 
ATOM   784  O O   . VAL A 1 98  ? 2.026   2.630   -10.728 1.00 27.09  ? 112 VAL A O   1 
ATOM   785  C CB  . VAL A 1 98  ? 4.400   3.730   -12.300 1.00 34.84  ? 112 VAL A CB  1 
ATOM   786  C CG1 . VAL A 1 98  ? 5.396   4.738   -12.847 1.00 39.76  ? 112 VAL A CG1 1 
ATOM   787  C CG2 . VAL A 1 98  ? 5.048   2.724   -11.345 1.00 36.26  ? 112 VAL A CG2 1 
ATOM   788  N N   . PRO A 1 99  ? 0.969   3.706   -12.371 1.00 24.99  ? 113 PRO A N   1 
ATOM   789  C CA  . PRO A 1 99  ? -0.131  2.752   -12.301 1.00 24.34  ? 113 PRO A CA  1 
ATOM   790  C C   . PRO A 1 99  ? 0.183   1.380   -12.845 1.00 24.15  ? 113 PRO A C   1 
ATOM   791  O O   . PRO A 1 99  ? 1.144   1.250   -13.687 1.00 27.70  ? 113 PRO A O   1 
ATOM   792  C CB  . PRO A 1 99  ? -1.224  3.416   -13.127 1.00 25.70  ? 113 PRO A CB  1 
ATOM   793  C CG  . PRO A 1 99  ? -0.490  4.167   -14.146 1.00 27.53  ? 113 PRO A CG  1 
ATOM   794  C CD  . PRO A 1 99  ? 0.747   4.703   -13.418 1.00 27.57  ? 113 PRO A CD  1 
ATOM   795  N N   A CYS A 1 100 ? -0.597  0.396   -12.413 0.35 19.31  ? 114 CYS A N   1 
ATOM   796  N N   B CYS A 1 100 ? -0.559  0.380   -12.364 0.15 21.64  ? 114 CYS A N   1 
ATOM   797  C CA  A CYS A 1 100 ? -0.412  -1.024  -12.707 0.35 19.91  ? 114 CYS A CA  1 
ATOM   798  C CA  B CYS A 1 100 ? -0.426  -1.026  -12.751 0.15 21.40  ? 114 CYS A CA  1 
ATOM   799  C C   A CYS A 1 100 ? -1.537  -1.446  -13.701 0.35 19.50  ? 114 CYS A C   1 
ATOM   800  C C   B CYS A 1 100 ? -1.535  -1.333  -13.757 0.15 21.32  ? 114 CYS A C   1 
ATOM   801  O O   A CYS A 1 100 ? -2.718  -1.308  -13.403 0.35 16.23  ? 114 CYS A O   1 
ATOM   802  O O   B CYS A 1 100 ? -2.694  -1.000  -13.521 0.15 19.23  ? 114 CYS A O   1 
ATOM   803  C CB  A CYS A 1 100 ? -0.435  -1.832  -11.358 0.35 19.15  ? 114 CYS A CB  1 
ATOM   804  C CB  B CYS A 1 100 ? -0.569  -1.937  -11.508 0.15 20.64  ? 114 CYS A CB  1 
ATOM   805  S SG  A CYS A 1 100 ? 0.767   -1.211  -10.096 0.35 26.17  ? 114 CYS A SG  1 
ATOM   806  S SG  B CYS A 1 100 ? -0.411  -3.721  -11.803 0.15 22.57  ? 114 CYS A SG  1 
ATOM   807  N N   . LEU A 1 101 ? -1.171  -1.920  -14.895 1.00 23.63  ? 115 LEU A N   1 
ATOM   808  C CA  . LEU A 1 101 ? -2.148  -2.393  -15.883 1.00 24.45  ? 115 LEU A CA  1 
ATOM   809  C C   . LEU A 1 101 ? -2.388  -3.862  -15.688 1.00 25.03  ? 115 LEU A C   1 
ATOM   810  O O   . LEU A 1 101 ? -1.441  -4.627  -15.656 1.00 26.71  ? 115 LEU A O   1 
ATOM   811  C CB  . LEU A 1 101 ? -1.599  -2.214  -17.313 1.00 26.20  ? 115 LEU A CB  1 
ATOM   812  C CG  . LEU A 1 101 ? -1.200  -0.812  -17.722 1.00 28.20  ? 115 LEU A CG  1 
ATOM   813  C CD1 . LEU A 1 101 ? -0.627  -0.830  -19.143 1.00 30.30  ? 115 LEU A CD1 1 
ATOM   814  C CD2 . LEU A 1 101 ? -2.416  0.109   -17.625 1.00 31.71  ? 115 LEU A CD2 1 
ATOM   815  N N   . ILE A 1 102 ? -3.646  -4.288  -15.586 1.00 26.73  ? 116 ILE A N   1 
ATOM   816  C CA  . ILE A 1 102 ? -3.938  -5.720  -15.518 1.00 28.42  ? 116 ILE A CA  1 
ATOM   817  C C   . ILE A 1 102 ? -5.164  -6.092  -16.339 1.00 27.19  ? 116 ILE A C   1 
ATOM   818  O O   . ILE A 1 102 ? -6.048  -5.253  -16.576 1.00 27.24  ? 116 ILE A O   1 
ATOM   819  C CB  . ILE A 1 102 ? -4.090  -6.225  -14.056 1.00 34.13  ? 116 ILE A CB  1 
ATOM   820  C CG1 . ILE A 1 102 ? -5.227  -5.517  -13.335 1.00 35.39  ? 116 ILE A CG1 1 
ATOM   821  C CG2 . ILE A 1 102 ? -2.798  -6.033  -13.261 1.00 36.65  ? 116 ILE A CG2 1 
ATOM   822  C CD1 . ILE A 1 102 ? -5.696  -6.268  -12.103 1.00 41.08  ? 116 ILE A CD1 1 
ATOM   823  N N   . ASP A 1 103 ? -5.182  -7.342  -16.795 1.00 29.56  ? 117 ASP A N   1 
ATOM   824  C CA  . ASP A 1 103 ? -6.326  -7.966  -17.468 1.00 32.78  ? 117 ASP A CA  1 
ATOM   825  C C   . ASP A 1 103 ? -6.798  -7.285  -18.735 1.00 29.39  ? 117 ASP A C   1 
ATOM   826  O O   . ASP A 1 103 ? -7.923  -7.504  -19.140 1.00 31.45  ? 117 ASP A O   1 
ATOM   827  C CB  . ASP A 1 103 ? -7.521  -8.089  -16.497 1.00 36.78  ? 117 ASP A CB  1 
ATOM   828  C CG  . ASP A 1 103 ? -7.264  -9.077  -15.374 1.00 45.81  ? 117 ASP A CG  1 
ATOM   829  O OD1 . ASP A 1 103 ? -6.451  -10.007 -15.571 1.00 53.89  ? 117 ASP A OD1 1 
ATOM   830  O OD2 . ASP A 1 103 ? -7.889  -8.927  -14.293 1.00 52.78  ? 117 ASP A OD2 1 
ATOM   831  N N   . THR A 1 104 ? -5.930  -6.458  -19.340 1.00 26.98  ? 118 THR A N   1 
ATOM   832  C CA  . THR A 1 104 ? -6.205  -5.682  -20.554 1.00 27.63  ? 118 THR A CA  1 
ATOM   833  C C   . THR A 1 104 ? -7.176  -4.515  -20.401 1.00 27.58  ? 118 THR A C   1 
ATOM   834  O O   . THR A 1 104 ? -7.163  -3.608  -21.231 1.00 30.00  ? 118 THR A O   1 
ATOM   835  C CB  . THR A 1 104 ? -6.650  -6.567  -21.760 1.00 28.20  ? 118 THR A CB  1 
ATOM   836  O OG1 . THR A 1 104 ? -8.000  -7.006  -21.603 1.00 28.97  ? 118 THR A OG1 1 
ATOM   837  C CG2 . THR A 1 104 ? -5.768  -7.774  -21.897 1.00 29.00  ? 118 THR A CG2 1 
ATOM   838  N N   . ASP A 1 105 ? -7.995  -4.493  -19.343 1.00 25.40  ? 119 ASP A N   1 
ATOM   839  C CA  . ASP A 1 105 ? -9.039  -3.494  -19.208 1.00 25.26  ? 119 ASP A CA  1 
ATOM   840  C C   . ASP A 1 105 ? -9.065  -2.773  -17.843 1.00 22.85  ? 119 ASP A C   1 
ATOM   841  O O   . ASP A 1 105 ? -9.996  -2.017  -17.578 1.00 23.83  ? 119 ASP A O   1 
ATOM   842  C CB  . ASP A 1 105 ? -10.414 -4.152  -19.435 1.00 27.92  ? 119 ASP A CB  1 
ATOM   843  C CG  . ASP A 1 105 ? -10.728 -5.250  -18.416 1.00 31.08  ? 119 ASP A CG  1 
ATOM   844  O OD1 . ASP A 1 105 ? -10.003 -5.411  -17.397 1.00 31.17  ? 119 ASP A OD1 1 
ATOM   845  O OD2 . ASP A 1 105 ? -11.709 -5.999  -18.653 1.00 37.69  ? 119 ASP A OD2 1 
ATOM   846  N N   . THR A 1 106 ? -8.008  -2.927  -17.057 1.00 22.81  ? 120 THR A N   1 
ATOM   847  C CA  . THR A 1 106 ? -8.024  -2.451  -15.681 1.00 23.25  ? 120 THR A CA  1 
ATOM   848  C C   . THR A 1 106 ? -6.734  -1.694  -15.381 1.00 23.73  ? 120 THR A C   1 
ATOM   849  O O   . THR A 1 106 ? -5.643  -2.083  -15.824 1.00 24.85  ? 120 THR A O   1 
ATOM   850  C CB  . THR A 1 106 ? -8.230  -3.643  -14.735 1.00 25.50  ? 120 THR A CB  1 
ATOM   851  O OG1 . THR A 1 106 ? -9.486  -4.260  -15.037 1.00 25.98  ? 120 THR A OG1 1 
ATOM   852  C CG2 . THR A 1 106 ? -8.227  -3.177  -13.263 1.00 24.92  ? 120 THR A CG2 1 
ATOM   853  N N   . LEU A 1 107 ? -6.885  -0.584  -14.677 1.00 22.24  ? 121 LEU A N   1 
ATOM   854  C CA  . LEU A 1 107 ? -5.773  0.260   -14.295 1.00 21.23  ? 121 LEU A CA  1 
ATOM   855  C C   . LEU A 1 107 ? -5.865  0.517   -12.793 1.00 21.79  ? 121 LEU A C   1 
ATOM   856  O O   . LEU A 1 107 ? -6.881  1.052   -12.306 1.00 21.05  ? 121 LEU A O   1 
ATOM   857  C CB  . LEU A 1 107 ? -5.794  1.563   -15.064 1.00 22.98  ? 121 LEU A CB  1 
ATOM   858  C CG  . LEU A 1 107 ? -4.540  2.454   -14.944 1.00 25.33  ? 121 LEU A CG  1 
ATOM   859  C CD1 . LEU A 1 107 ? -4.241  3.223   -16.229 1.00 29.50  ? 121 LEU A CD1 1 
ATOM   860  C CD2 . LEU A 1 107 ? -4.679  3.450   -13.820 1.00 29.06  ? 121 LEU A CD2 1 
ATOM   861  N N   . ILE A 1 108 ? -4.814  0.142   -12.085 1.00 20.34  ? 122 ILE A N   1 
ATOM   862  C CA  . ILE A 1 108 ? -4.755  0.281   -10.612 1.00 21.09  ? 122 ILE A CA  1 
ATOM   863  C C   . ILE A 1 108 ? -3.768  1.402   -10.299 1.00 21.33  ? 122 ILE A C   1 
ATOM   864  O O   . ILE A 1 108 ? -2.582  1.311   -10.679 1.00 22.09  ? 122 ILE A O   1 
ATOM   865  C CB  . ILE A 1 108 ? -4.324  -1.019  -9.930  1.00 22.87  ? 122 ILE A CB  1 
ATOM   866  C CG1 . ILE A 1 108 ? -5.259  -2.190  -10.299 1.00 25.24  ? 122 ILE A CG1 1 
ATOM   867  C CG2 . ILE A 1 108 ? -4.271  -0.811  -8.406  1.00 25.68  ? 122 ILE A CG2 1 
ATOM   868  C CD1 . ILE A 1 108 ? -4.695  -3.553  -9.966  1.00 29.27  ? 122 ILE A CD1 1 
ATOM   869  N N   . THR A 1 109 ? -4.222  2.448   -9.637  1.00 19.14  ? 123 THR A N   1 
ATOM   870  C CA  . THR A 1 109 ? -3.421  3.617   -9.364  1.00 19.44  ? 123 THR A CA  1 
ATOM   871  C C   . THR A 1 109 ? -2.990  3.595   -7.884  1.00 20.83  ? 123 THR A C   1 
ATOM   872  O O   . THR A 1 109 ? -3.861  3.589   -7.007  1.00 19.48  ? 123 THR A O   1 
ATOM   873  C CB  . THR A 1 109 ? -4.179  4.906   -9.645  1.00 22.41  ? 123 THR A CB  1 
ATOM   874  O OG1 . THR A 1 109 ? -4.588  4.912   -11.033 1.00 24.42  ? 123 THR A OG1 1 
ATOM   875  C CG2 . THR A 1 109 ? -3.326  6.107   -9.401  1.00 24.20  ? 123 THR A CG2 1 
ATOM   876  N N   . PRO A 1 110 ? -1.674  3.556   -7.613  1.00 19.60  ? 124 PRO A N   1 
ATOM   877  C CA  . PRO A 1 110 ? -1.199  3.531   -6.215  1.00 19.00  ? 124 PRO A CA  1 
ATOM   878  C C   . PRO A 1 110 ? -0.852  4.933   -5.719  1.00 20.34  ? 124 PRO A C   1 
ATOM   879  O O   . PRO A 1 110 ? -0.176  5.722   -6.408  1.00 22.44  ? 124 PRO A O   1 
ATOM   880  C CB  . PRO A 1 110 ? 0.044   2.645   -6.276  1.00 19.75  ? 124 PRO A CB  1 
ATOM   881  C CG  . PRO A 1 110 ? 0.513   2.717   -7.681  1.00 22.22  ? 124 PRO A CG  1 
ATOM   882  C CD  . PRO A 1 110 ? -0.579  3.247   -8.556  1.00 20.46  ? 124 PRO A CD  1 
ATOM   883  N N   . PHE A 1 111 ? -1.314  5.253   -4.509  1.00 18.26  ? 125 PHE A N   1 
ATOM   884  C CA  . PHE A 1 111 ? -0.996  6.501   -3.843  1.00 18.87  ? 125 PHE A CA  1 
ATOM   885  C C   . PHE A 1 111 ? -0.214  6.212   -2.585  1.00 19.20  ? 125 PHE A C   1 
ATOM   886  O O   . PHE A 1 111 ? -0.572  5.309   -1.849  1.00 20.25  ? 125 PHE A O   1 
ATOM   887  C CB  . PHE A 1 111 ? -2.274  7.253   -3.465  1.00 18.71  ? 125 PHE A CB  1 
ATOM   888  C CG  . PHE A 1 111 ? -3.007  7.749   -4.669  1.00 19.21  ? 125 PHE A CG  1 
ATOM   889  C CD1 . PHE A 1 111 ? -3.898  6.902   -5.293  1.00 19.83  ? 125 PHE A CD1 1 
ATOM   890  C CD2 . PHE A 1 111 ? -2.773  9.018   -5.183  1.00 19.91  ? 125 PHE A CD2 1 
ATOM   891  C CE1 . PHE A 1 111 ? -4.540  7.317   -6.449  1.00 20.68  ? 125 PHE A CE1 1 
ATOM   892  C CE2 . PHE A 1 111 ? -3.440  9.438   -6.320  1.00 21.51  ? 125 PHE A CE2 1 
ATOM   893  C CZ  . PHE A 1 111 ? -4.300  8.568   -6.951  1.00 20.09  ? 125 PHE A CZ  1 
ATOM   894  N N   . VAL A 1 112 ? 0.837   6.972   -2.333  1.00 17.96  ? 126 VAL A N   1 
ATOM   895  C CA  . VAL A 1 112 ? 1.562   6.826   -1.080  1.00 18.85  ? 126 VAL A CA  1 
ATOM   896  C C   . VAL A 1 112 ? 1.009   7.867   -0.101  1.00 18.53  ? 126 VAL A C   1 
ATOM   897  O O   . VAL A 1 112 ? 0.926   9.037   -0.434  1.00 20.17  ? 126 VAL A O   1 
ATOM   898  C CB  . VAL A 1 112 ? 3.063   6.996   -1.262  1.00 19.00  ? 126 VAL A CB  1 
ATOM   899  C CG1 . VAL A 1 112 ? 3.760   6.772   0.090   1.00 20.68  ? 126 VAL A CG1 1 
ATOM   900  C CG2 . VAL A 1 112 ? 3.583   6.020   -2.315  1.00 19.63  ? 126 VAL A CG2 1 
ATOM   901  N N   . GLY A 1 113 ? 0.677   7.422   1.114   1.00 18.99  ? 127 GLY A N   1 
ATOM   902  C CA  . GLY A 1 113 ? 0.143   8.297   2.140   1.00 20.29  ? 127 GLY A CA  1 
ATOM   903  C C   . GLY A 1 113 ? 0.948   8.195   3.413   1.00 20.43  ? 127 GLY A C   1 
ATOM   904  O O   . GLY A 1 113 ? 1.343   7.093   3.786   1.00 21.72  ? 127 GLY A O   1 
ATOM   905  N N   . LEU A 1 114 ? 1.215   9.329   4.052   1.00 21.09  ? 128 LEU A N   1 
ATOM   906  C CA  . LEU A 1 114 ? 1.839   9.348   5.378   1.00 22.93  ? 128 LEU A CA  1 
ATOM   907  C C   . LEU A 1 114 ? 0.720   9.282   6.404   1.00 21.44  ? 128 LEU A C   1 
ATOM   908  O O   . LEU A 1 114 ? -0.225  10.084  6.321   1.00 22.13  ? 128 LEU A O   1 
ATOM   909  C CB  . LEU A 1 114 ? 2.623   10.633  5.596   1.00 26.97  ? 128 LEU A CB  1 
ATOM   910  C CG  . LEU A 1 114 ? 3.852   10.965  4.754   1.00 33.57  ? 128 LEU A CG  1 
ATOM   911  C CD1 . LEU A 1 114 ? 4.607   12.085  5.462   1.00 36.93  ? 128 LEU A CD1 1 
ATOM   912  C CD2 . LEU A 1 114 ? 4.753   9.758   4.575   1.00 35.06  ? 128 LEU A CD2 1 
ATOM   913  N N   . ILE A 1 115 ? 0.828   8.345   7.340   1.00 20.11  ? 129 ILE A N   1 
ATOM   914  C CA  . ILE A 1 115 ? -0.245  8.025   8.300   1.00 19.92  ? 129 ILE A CA  1 
ATOM   915  C C   . ILE A 1 115 ? 0.073   8.664   9.646   1.00 20.76  ? 129 ILE A C   1 
ATOM   916  O O   . ILE A 1 115 ? 1.208   8.575   10.147  1.00 22.24  ? 129 ILE A O   1 
ATOM   917  C CB  . ILE A 1 115 ? -0.375  6.504   8.472   1.00 20.58  ? 129 ILE A CB  1 
ATOM   918  C CG1 . ILE A 1 115 ? -0.647  5.842   7.097   1.00 22.57  ? 129 ILE A CG1 1 
ATOM   919  C CG2 . ILE A 1 115 ? -1.433  6.113   9.484   1.00 22.03  ? 129 ILE A CG2 1 
ATOM   920  C CD1 . ILE A 1 115 ? -1.824  6.421   6.338   1.00 23.70  ? 129 ILE A CD1 1 
ATOM   921  N N   . ASP A 1 116 ? -0.934  9.304   10.221  1.00 20.96  ? 130 ASP A N   1 
ATOM   922  C CA  . ASP A 1 116 ? -0.768  9.933   11.529  1.00 23.00  ? 130 ASP A CA  1 
ATOM   923  C C   . ASP A 1 116 ? -0.328  8.964   12.595  1.00 24.44  ? 130 ASP A C   1 
ATOM   924  O O   . ASP A 1 116 ? -0.783  7.836   12.654  1.00 22.52  ? 130 ASP A O   1 
ATOM   925  C CB  . ASP A 1 116 ? -2.075  10.565  11.953  1.00 25.32  ? 130 ASP A CB  1 
ATOM   926  C CG  . ASP A 1 116 ? -1.890  11.440  13.183  1.00 28.70  ? 130 ASP A CG  1 
ATOM   927  O OD1 . ASP A 1 116 ? -1.335  12.544  13.062  1.00 36.70  ? 130 ASP A OD1 1 
ATOM   928  O OD2 . ASP A 1 116 ? -2.223  10.947  14.254  1.00 27.83  ? 130 ASP A OD2 1 
ATOM   929  N N   . HIS A 1 117 ? 0.560   9.416   13.486  1.00 24.48  ? 131 HIS A N   1 
ATOM   930  C CA  . HIS A 1 117 ? 1.005   8.543   14.569  1.00 26.20  ? 131 HIS A CA  1 
ATOM   931  C C   . HIS A 1 117 ? -0.066  8.122   15.586  1.00 23.93  ? 131 HIS A C   1 
ATOM   932  O O   . HIS A 1 117 ? 0.147   7.155   16.283  1.00 29.71  ? 131 HIS A O   1 
ATOM   933  C CB  . HIS A 1 117 ? 2.265   9.103   15.246  1.00 26.50  ? 131 HIS A CB  1 
ATOM   934  C CG  . HIS A 1 117 ? 2.033   10.285  16.134  1.00 29.19  ? 131 HIS A CG  1 
ATOM   935  N ND1 . HIS A 1 117 ? 1.296   11.396  15.775  1.00 31.20  ? 131 HIS A ND1 1 
ATOM   936  C CD2 . HIS A 1 117 ? 2.514   10.546  17.370  1.00 29.10  ? 131 HIS A CD2 1 
ATOM   937  C CE1 . HIS A 1 117 ? 1.301   12.267  16.770  1.00 26.72  ? 131 HIS A CE1 1 
ATOM   938  N NE2 . HIS A 1 117 ? 2.046   11.786  17.742  1.00 32.96  ? 131 HIS A NE2 1 
ATOM   939  N N   . ASN A 1 118 ? -1.217  8.781   15.651  1.00 27.09  ? 132 ASN A N   1 
ATOM   940  C CA  . ASN A 1 118 ? -2.295  8.374   16.566  1.00 27.81  ? 132 ASN A CA  1 
ATOM   941  C C   . ASN A 1 118 ? -3.350  7.491   15.897  1.00 29.62  ? 132 ASN A C   1 
ATOM   942  O O   . ASN A 1 118 ? -4.339  7.099   16.525  1.00 31.27  ? 132 ASN A O   1 
ATOM   943  C CB  . ASN A 1 118 ? -2.947  9.588   17.229  1.00 29.37  ? 132 ASN A CB  1 
ATOM   944  C CG  . ASN A 1 118 ? -2.015  10.266  18.212  1.00 29.81  ? 132 ASN A CG  1 
ATOM   945  O OD1 . ASN A 1 118 ? -1.803  11.476  18.153  1.00 31.57  ? 132 ASN A OD1 1 
ATOM   946  N ND2 . ASN A 1 118 ? -1.400  9.465   19.071  1.00 31.58  ? 132 ASN A ND2 1 
ATOM   947  N N   . PHE A 1 119 ? -3.148  7.143   14.618  1.00 27.37  ? 133 PHE A N   1 
ATOM   948  C CA  . PHE A 1 119 ? -4.027  6.161   14.006  1.00 26.91  ? 133 PHE A CA  1 
ATOM   949  C C   . PHE A 1 119 ? -3.846  4.777   14.608  1.00 25.23  ? 133 PHE A C   1 
ATOM   950  O O   . PHE A 1 119 ? -2.741  4.266   14.701  1.00 27.20  ? 133 PHE A O   1 
ATOM   951  C CB  . PHE A 1 119 ? -3.746  6.085   12.490  1.00 26.78  ? 133 PHE A CB  1 
ATOM   952  C CG  . PHE A 1 119 ? -4.415  4.917   11.799  1.00 26.00  ? 133 PHE A CG  1 
ATOM   953  C CD1 . PHE A 1 119 ? -5.786  4.909   11.614  1.00 27.43  ? 133 PHE A CD1 1 
ATOM   954  C CD2 . PHE A 1 119 ? -3.669  3.849   11.339  1.00 26.35  ? 133 PHE A CD2 1 
ATOM   955  C CE1 . PHE A 1 119 ? -6.408  3.838   10.976  1.00 27.14  ? 133 PHE A CE1 1 
ATOM   956  C CE2 . PHE A 1 119 ? -4.301  2.774   10.680  1.00 26.88  ? 133 PHE A CE2 1 
ATOM   957  C CZ  . PHE A 1 119 ? -5.656  2.783   10.520  1.00 25.61  ? 133 PHE A CZ  1 
ATOM   958  N N   . GLN A 1 120 ? -4.956  4.134   14.937  1.00 27.61  ? 134 GLN A N   1 
ATOM   959  C CA  . GLN A 1 120 ? -4.919  2.733   15.330  1.00 32.55  ? 134 GLN A CA  1 
ATOM   960  C C   . GLN A 1 120 ? -5.946  1.988   14.496  1.00 27.77  ? 134 GLN A C   1 
ATOM   961  O O   . GLN A 1 120 ? -7.116  2.374   14.459  1.00 27.92  ? 134 GLN A O   1 
ATOM   962  C CB  . GLN A 1 120 ? -5.185  2.598   16.820  1.00 39.61  ? 134 GLN A CB  1 
ATOM   963  C CG  . GLN A 1 120 ? -4.000  3.105   17.635  1.00 46.19  ? 134 GLN A CG  1 
ATOM   964  C CD  . GLN A 1 120 ? -4.207  2.993   19.133  1.00 53.43  ? 134 GLN A CD  1 
ATOM   965  O OE1 . GLN A 1 120 ? -3.277  2.646   19.865  1.00 69.19  ? 134 GLN A OE1 1 
ATOM   966  N NE2 . GLN A 1 120 ? -5.424  3.294   19.602  1.00 64.71  ? 134 GLN A NE2 1 
ATOM   967  N N   . ALA A 1 121 ? -5.473  0.953   13.820  1.00 32.03  ? 135 ALA A N   1 
ATOM   968  C CA  . ALA A 1 121 ? -6.304  0.237   12.857  1.00 32.67  ? 135 ALA A CA  1 
ATOM   969  C C   . ALA A 1 121 ? -7.463  -0.400  13.572  1.00 33.49  ? 135 ALA A C   1 
ATOM   970  O O   . ALA A 1 121 ? -7.308  -0.940  14.677  1.00 31.90  ? 135 ALA A O   1 
ATOM   971  C CB  . ALA A 1 121 ? -5.507  -0.826  12.132  1.00 33.82  ? 135 ALA A CB  1 
ATOM   972  N N   . GLN A 1 122 ? -8.615  -0.311  12.929  1.00 31.54  ? 136 GLN A N   1 
ATOM   973  C CA  . GLN A 1 122 ? -9.823  -0.988  13.347  1.00 32.78  ? 136 GLN A CA  1 
ATOM   974  C C   . GLN A 1 122 ? -10.233 -1.904  12.181  1.00 29.78  ? 136 GLN A C   1 
ATOM   975  O O   . GLN A 1 122 ? -11.061 -1.494  11.373  1.00 28.32  ? 136 GLN A O   1 
ATOM   976  C CB  . GLN A 1 122 ? -10.894 0.055   13.608  1.00 35.34  ? 136 GLN A CB  1 
ATOM   977  C CG  . GLN A 1 122 ? -10.521 1.035   14.703  1.00 42.83  ? 136 GLN A CG  1 
ATOM   978  C CD  . GLN A 1 122 ? -11.643 1.996   14.995  1.00 48.79  ? 136 GLN A CD  1 
ATOM   979  O OE1 . GLN A 1 122 ? -11.587 3.166   14.622  1.00 54.64  ? 136 GLN A OE1 1 
ATOM   980  N NE2 . GLN A 1 122 ? -12.696 1.494   15.646  1.00 56.57  ? 136 GLN A NE2 1 
ATOM   981  N N   . PRO A 1 123 ? -9.650  -3.120  12.102  1.00 29.62  ? 137 PRO A N   1 
ATOM   982  C CA  . PRO A 1 123 ? -9.954  -4.002  10.964  1.00 29.57  ? 137 PRO A CA  1 
ATOM   983  C C   . PRO A 1 123 ? -11.458 -4.272  10.860  1.00 32.67  ? 137 PRO A C   1 
ATOM   984  O O   . PRO A 1 123 ? -12.095 -4.602  11.876  1.00 33.49  ? 137 PRO A O   1 
ATOM   985  C CB  . PRO A 1 123 ? -9.191  -5.280  11.310  1.00 31.50  ? 137 PRO A CB  1 
ATOM   986  C CG  . PRO A 1 123 ? -8.089  -4.847  12.200  1.00 31.33  ? 137 PRO A CG  1 
ATOM   987  C CD  . PRO A 1 123 ? -8.638  -3.719  12.991  1.00 31.86  ? 137 PRO A CD  1 
ATOM   988  N N   . ASN A 1 124 ? -12.026 -4.065  9.672   1.00 31.12  ? 138 ASN A N   1 
ATOM   989  C CA  . ASN A 1 124 ? -13.427 -4.348  9.399   1.00 30.91  ? 138 ASN A CA  1 
ATOM   990  C C   . ASN A 1 124 ? -13.521 -5.827  8.981   1.00 28.14  ? 138 ASN A C   1 
ATOM   991  O O   . ASN A 1 124 ? -13.102 -6.191  7.883   1.00 26.10  ? 138 ASN A O   1 
ATOM   992  C CB  . ASN A 1 124 ? -13.919 -3.410  8.302   1.00 32.04  ? 138 ASN A CB  1 
ATOM   993  C CG  . ASN A 1 124 ? -15.296 -3.762  7.794   1.00 32.34  ? 138 ASN A CG  1 
ATOM   994  O OD1 . ASN A 1 124 ? -15.909 -4.780  8.189   1.00 36.90  ? 138 ASN A OD1 1 
ATOM   995  N ND2 . ASN A 1 124 ? -15.805 -2.919  6.895   1.00 36.36  ? 138 ASN A ND2 1 
ATOM   996  N N   . PRO A 1 125 ? -14.039 -6.712  9.858   1.00 27.10  ? 139 PRO A N   1 
ATOM   997  C CA  . PRO A 1 125 ? -13.877 -8.140  9.584   1.00 27.93  ? 139 PRO A CA  1 
ATOM   998  C C   . PRO A 1 125 ? -14.641 -8.670  8.359   1.00 28.87  ? 139 PRO A C   1 
ATOM   999  O O   . PRO A 1 125 ? -14.315 -9.739  7.874   1.00 30.85  ? 139 PRO A O   1 
ATOM   1000 C CB  . PRO A 1 125 ? -14.384 -8.809  10.870  1.00 28.79  ? 139 PRO A CB  1 
ATOM   1001 C CG  . PRO A 1 125 ? -15.312 -7.833  11.450  1.00 28.33  ? 139 PRO A CG  1 
ATOM   1002 C CD  . PRO A 1 125 ? -14.819 -6.468  11.085  1.00 29.25  ? 139 PRO A CD  1 
ATOM   1003 N N   . ALA A 1 126 ? -15.599 -7.907  7.846   1.00 30.28  ? 140 ALA A N   1 
ATOM   1004 C CA  . ALA A 1 126 ? -16.236 -8.271  6.558   1.00 33.44  ? 140 ALA A CA  1 
ATOM   1005 C C   . ALA A 1 126 ? -15.279 -8.153  5.368   1.00 35.20  ? 140 ALA A C   1 
ATOM   1006 O O   . ALA A 1 126 ? -15.537 -8.686  4.283   1.00 37.54  ? 140 ALA A O   1 
ATOM   1007 C CB  . ALA A 1 126 ? -17.458 -7.413  6.310   1.00 34.49  ? 140 ALA A CB  1 
ATOM   1008 N N   . GLU A 1 127 ? -14.193 -7.413  5.543   1.00 30.90  ? 141 GLU A N   1 
ATOM   1009 C CA  . GLU A 1 127 ? -13.257 -7.171  4.438   1.00 30.97  ? 141 GLU A CA  1 
ATOM   1010 C C   . GLU A 1 127 ? -11.839 -7.570  4.748   1.00 30.14  ? 141 GLU A C   1 
ATOM   1011 O O   . GLU A 1 127 ? -11.136 -8.025  3.862   1.00 29.20  ? 141 GLU A O   1 
ATOM   1012 C CB  . GLU A 1 127 ? -13.340 -5.712  4.088   1.00 35.88  ? 141 GLU A CB  1 
ATOM   1013 C CG  . GLU A 1 127 ? -14.695 -5.410  3.441   1.00 40.64  ? 141 GLU A CG  1 
ATOM   1014 C CD  . GLU A 1 127 ? -14.959 -3.957  3.257   1.00 44.24  ? 141 GLU A CD  1 
ATOM   1015 O OE1 . GLU A 1 127 ? -15.962 -3.632  2.582   1.00 51.10  ? 141 GLU A OE1 1 
ATOM   1016 O OE2 . GLU A 1 127 ? -14.189 -3.152  3.797   1.00 48.51  ? 141 GLU A OE2 1 
ATOM   1017 N N   . VAL A 1 128 ? -11.441 -7.451  6.013   1.00 26.83  ? 142 VAL A N   1 
ATOM   1018 C CA  . VAL A 1 128 ? -10.054 -7.603  6.400   1.00 28.95  ? 142 VAL A CA  1 
ATOM   1019 C C   . VAL A 1 128 ? -9.961  -8.571  7.578   1.00 27.60  ? 142 VAL A C   1 
ATOM   1020 O O   . VAL A 1 128 ? -10.608 -8.348  8.595   1.00 28.30  ? 142 VAL A O   1 
ATOM   1021 C CB  . VAL A 1 128 ? -9.479  -6.209  6.761   1.00 33.37  ? 142 VAL A CB  1 
ATOM   1022 C CG1 . VAL A 1 128 ? -8.155  -6.311  7.474   1.00 38.08  ? 142 VAL A CG1 1 
ATOM   1023 C CG2 . VAL A 1 128 ? -9.296  -5.404  5.476   1.00 33.88  ? 142 VAL A CG2 1 
ATOM   1024 N N   . LYS A 1 129 ? -9.135  -9.604  7.422   1.00 28.25  ? 143 LYS A N   1 
ATOM   1025 C CA  . LYS A 1 129 ? -8.838  -10.581 8.481   1.00 31.39  ? 143 LYS A CA  1 
ATOM   1026 C C   . LYS A 1 129 ? -7.760  -10.086 9.432   1.00 30.17  ? 143 LYS A C   1 
ATOM   1027 O O   . LYS A 1 129 ? -7.712  -10.484 10.597  1.00 29.27  ? 143 LYS A O   1 
ATOM   1028 C CB  . LYS A 1 129 ? -8.382  -11.910 7.859   1.00 37.22  ? 143 LYS A CB  1 
ATOM   1029 C CG  . LYS A 1 129 ? -7.920  -12.950 8.860   1.00 43.70  ? 143 LYS A CG  1 
ATOM   1030 C CD  . LYS A 1 129 ? -8.004  -14.360 8.312   1.00 49.73  ? 143 LYS A CD  1 
ATOM   1031 C CE  . LYS A 1 129 ? -7.080  -14.563 7.135   1.00 53.53  ? 143 LYS A CE  1 
ATOM   1032 N NZ  . LYS A 1 129 ? -6.831  -16.017 6.927   1.00 58.99  ? 143 LYS A NZ  1 
ATOM   1033 N N   . ASP A 1 130 ? -6.852  -9.246  8.936   1.00 26.06  ? 144 ASP A N   1 
ATOM   1034 C CA  . ASP A 1 130 ? -5.712  -8.833  9.750   1.00 24.72  ? 144 ASP A CA  1 
ATOM   1035 C C   . ASP A 1 130 ? -5.123  -7.563  9.127   1.00 24.01  ? 144 ASP A C   1 
ATOM   1036 O O   . ASP A 1 130 ? -5.399  -7.268  7.962   1.00 25.57  ? 144 ASP A O   1 
ATOM   1037 C CB  . ASP A 1 130 ? -4.677  -9.959  9.757   1.00 26.16  ? 144 ASP A CB  1 
ATOM   1038 C CG  . ASP A 1 130 ? -3.628  -9.831  10.864  1.00 25.09  ? 144 ASP A CG  1 
ATOM   1039 O OD1 . ASP A 1 130 ? -3.646  -8.871  11.658  1.00 26.11  ? 144 ASP A OD1 1 
ATOM   1040 O OD2 . ASP A 1 130 ? -2.745  -10.717 10.900  1.00 28.72  ? 144 ASP A OD2 1 
ATOM   1041 N N   . VAL A 1 131 ? -4.408  -6.810  9.942   1.00 23.73  ? 145 VAL A N   1 
ATOM   1042 C CA  . VAL A 1 131 ? -3.661  -5.617  9.522   1.00 24.70  ? 145 VAL A CA  1 
ATOM   1043 C C   . VAL A 1 131 ? -2.305  -5.755  10.194  1.00 24.51  ? 145 VAL A C   1 
ATOM   1044 O O   . VAL A 1 131 ? -2.212  -6.117  11.373  1.00 27.23  ? 145 VAL A O   1 
ATOM   1045 C CB  . VAL A 1 131 ? -4.366  -4.315  9.946   1.00 26.03  ? 145 VAL A CB  1 
ATOM   1046 C CG1 . VAL A 1 131 ? -3.530  -3.084  9.603   1.00 29.05  ? 145 VAL A CG1 1 
ATOM   1047 C CG2 . VAL A 1 131 ? -5.732  -4.200  9.306   1.00 26.73  ? 145 VAL A CG2 1 
ATOM   1048 N N   . PHE A 1 132 ? -1.225  -5.476  9.473   1.00 23.25  ? 146 PHE A N   1 
ATOM   1049 C CA  . PHE A 1 132 ? 0.086   -5.604  10.040  1.00 22.40  ? 146 PHE A CA  1 
ATOM   1050 C C   . PHE A 1 132 ? 1.061   -4.638  9.373   1.00 23.10  ? 146 PHE A C   1 
ATOM   1051 O O   . PHE A 1 132 ? 0.791   -4.146  8.264   1.00 22.73  ? 146 PHE A O   1 
ATOM   1052 C CB  . PHE A 1 132 ? 0.601   -7.034  9.949   1.00 24.33  ? 146 PHE A CB  1 
ATOM   1053 C CG  . PHE A 1 132 ? 0.840   -7.520  8.553   1.00 22.70  ? 146 PHE A CG  1 
ATOM   1054 C CD1 . PHE A 1 132 ? -0.218  -7.932  7.762   1.00 26.09  ? 146 PHE A CD1 1 
ATOM   1055 C CD2 . PHE A 1 132 ? 2.136   -7.582  8.040   1.00 25.10  ? 146 PHE A CD2 1 
ATOM   1056 C CE1 . PHE A 1 132 ? 0.010   -8.427  6.472   1.00 25.58  ? 146 PHE A CE1 1 
ATOM   1057 C CE2 . PHE A 1 132 ? 2.363   -8.061  6.761   1.00 25.37  ? 146 PHE A CE2 1 
ATOM   1058 C CZ  . PHE A 1 132 ? 1.304   -8.472  5.971   1.00 25.95  ? 146 PHE A CZ  1 
ATOM   1059 N N   . LEU A 1 133 ? 2.145   -4.341  10.073  1.00 22.69  ? 147 LEU A N   1 
ATOM   1060 C CA  . LEU A 1 133 ? 3.211   -3.481  9.585   1.00 22.57  ? 147 LEU A CA  1 
ATOM   1061 C C   . LEU A 1 133 ? 4.416   -4.287  9.185   1.00 23.64  ? 147 LEU A C   1 
ATOM   1062 O O   . LEU A 1 133 ? 4.711   -5.313  9.798   1.00 24.86  ? 147 LEU A O   1 
ATOM   1063 C CB  . LEU A 1 133 ? 3.651   -2.489  10.645  1.00 24.44  ? 147 LEU A CB  1 
ATOM   1064 C CG  . LEU A 1 133 ? 2.613   -1.541  11.194  1.00 24.46  ? 147 LEU A CG  1 
ATOM   1065 C CD1 . LEU A 1 133 ? 3.268   -0.628  12.214  1.00 28.14  ? 147 LEU A CD1 1 
ATOM   1066 C CD2 . LEU A 1 133 ? 1.967   -0.703  10.099  1.00 25.98  ? 147 LEU A CD2 1 
ATOM   1067 N N   . VAL A 1 134 ? 5.135   -3.805  8.170   1.00 20.62  ? 148 VAL A N   1 
ATOM   1068 C CA  . VAL A 1 134 ? 6.447   -4.350  7.837   1.00 21.77  ? 148 VAL A CA  1 
ATOM   1069 C C   . VAL A 1 134 ? 7.412   -3.190  7.711   1.00 21.26  ? 148 VAL A C   1 
ATOM   1070 O O   . VAL A 1 134 ? 7.116   -2.199  7.028   1.00 20.06  ? 148 VAL A O   1 
ATOM   1071 C CB  . VAL A 1 134 ? 6.442   -5.141  6.493   1.00 21.46  ? 148 VAL A CB  1 
ATOM   1072 C CG1 . VAL A 1 134 ? 7.806   -5.741  6.235   1.00 22.08  ? 148 VAL A CG1 1 
ATOM   1073 C CG2 . VAL A 1 134 ? 5.358   -6.218  6.473   1.00 22.48  ? 148 VAL A CG2 1 
ATOM   1074 N N   . PRO A 1 135 ? 8.613   -3.296  8.326   1.00 20.45  ? 149 PRO A N   1 
ATOM   1075 C CA  . PRO A 1 135 ? 9.519   -2.182  8.127   1.00 20.77  ? 149 PRO A CA  1 
ATOM   1076 C C   . PRO A 1 135 ? 9.879   -2.066  6.639   1.00 19.20  ? 149 PRO A C   1 
ATOM   1077 O O   . PRO A 1 135 ? 10.110  -3.078  5.975   1.00 20.75  ? 149 PRO A O   1 
ATOM   1078 C CB  . PRO A 1 135 ? 10.759  -2.570  8.945   1.00 22.55  ? 149 PRO A CB  1 
ATOM   1079 C CG  . PRO A 1 135 ? 10.280  -3.618  9.906   1.00 23.12  ? 149 PRO A CG  1 
ATOM   1080 C CD  . PRO A 1 135 ? 9.161   -4.331  9.226   1.00 23.03  ? 149 PRO A CD  1 
ATOM   1081 N N   . LEU A 1 136 ? 9.945   -0.837  6.181   1.00 20.52  ? 150 LEU A N   1 
ATOM   1082 C CA  . LEU A 1 136 ? 10.239  -0.565  4.777   1.00 20.74  ? 150 LEU A CA  1 
ATOM   1083 C C   . LEU A 1 136 ? 11.573  -1.177  4.385   1.00 20.99  ? 150 LEU A C   1 
ATOM   1084 O O   . LEU A 1 136 ? 11.724  -1.724  3.297   1.00 21.37  ? 150 LEU A O   1 
ATOM   1085 C CB  . LEU A 1 136 ? 10.203  0.927   4.536   1.00 22.03  ? 150 LEU A CB  1 
ATOM   1086 C CG  . LEU A 1 136 ? 10.228  1.416   3.114   1.00 22.94  ? 150 LEU A CG  1 
ATOM   1087 C CD1 . LEU A 1 136 ? 9.010   0.882   2.383   1.00 22.18  ? 150 LEU A CD1 1 
ATOM   1088 C CD2 . LEU A 1 136 ? 10.243  2.949   3.111   1.00 23.06  ? 150 LEU A CD2 1 
ATOM   1089 N N   . ALA A 1 137 ? 12.553  -1.153  5.294   1.00 21.20  ? 151 ALA A N   1 
ATOM   1090 C CA  . ALA A 1 137 ? 13.869  -1.679  4.978   1.00 21.97  ? 151 ALA A CA  1 
ATOM   1091 C C   . ALA A 1 137 ? 13.883  -3.181  4.712   1.00 21.99  ? 151 ALA A C   1 
ATOM   1092 O O   . ALA A 1 137 ? 14.781  -3.692  4.023   1.00 23.57  ? 151 ALA A O   1 
ATOM   1093 C CB  . ALA A 1 137 ? 14.856  -1.328  6.098   1.00 23.78  ? 151 ALA A CB  1 
ATOM   1094 N N   . TYR A 1 138 ? 12.890  -3.912  5.207   1.00 22.01  ? 152 TYR A N   1 
ATOM   1095 C CA  . TYR A 1 138 ? 12.779  -5.334  4.932   1.00 21.98  ? 152 TYR A CA  1 
ATOM   1096 C C   . TYR A 1 138 ? 12.822  -5.605  3.422   1.00 21.81  ? 152 TYR A C   1 
ATOM   1097 O O   . TYR A 1 138 ? 13.401  -6.584  2.972   1.00 22.99  ? 152 TYR A O   1 
ATOM   1098 C CB  . TYR A 1 138 ? 11.483  -5.908  5.536   1.00 22.65  ? 152 TYR A CB  1 
ATOM   1099 C CG  . TYR A 1 138 ? 11.154  -7.275  5.018   1.00 22.54  ? 152 TYR A CG  1 
ATOM   1100 C CD1 . TYR A 1 138 ? 11.710  -8.423  5.573   1.00 23.85  ? 152 TYR A CD1 1 
ATOM   1101 C CD2 . TYR A 1 138 ? 10.333  -7.419  3.899   1.00 24.11  ? 152 TYR A CD2 1 
ATOM   1102 C CE1 . TYR A 1 138 ? 11.437  -9.664  5.036   1.00 23.90  ? 152 TYR A CE1 1 
ATOM   1103 C CE2 . TYR A 1 138 ? 10.077  -8.666  3.358   1.00 25.18  ? 152 TYR A CE2 1 
ATOM   1104 C CZ  . TYR A 1 138 ? 10.622  -9.782  3.931   1.00 25.47  ? 152 TYR A CZ  1 
ATOM   1105 O OH  . TYR A 1 138 ? 10.332  -11.030 3.372   1.00 27.44  ? 152 TYR A OH  1 
ATOM   1106 N N   . PHE A 1 139 ? 12.204  -4.714  2.651   1.00 20.92  ? 153 PHE A N   1 
ATOM   1107 C CA  . PHE A 1 139 ? 12.045  -4.950  1.212   1.00 21.11  ? 153 PHE A CA  1 
ATOM   1108 C C   . PHE A 1 139 ? 13.329  -4.788  0.411   1.00 24.34  ? 153 PHE A C   1 
ATOM   1109 O O   . PHE A 1 139 ? 13.363  -5.147  -0.773  1.00 24.24  ? 153 PHE A O   1 
ATOM   1110 C CB  . PHE A 1 139 ? 10.882  -4.122  0.664   1.00 21.00  ? 153 PHE A CB  1 
ATOM   1111 C CG  . PHE A 1 139 ? 9.577   -4.508  1.296   1.00 20.43  ? 153 PHE A CG  1 
ATOM   1112 C CD1 . PHE A 1 139 ? 8.939   -5.668  0.908   1.00 20.92  ? 153 PHE A CD1 1 
ATOM   1113 C CD2 . PHE A 1 139 ? 9.032   -3.775  2.337   1.00 20.48  ? 153 PHE A CD2 1 
ATOM   1114 C CE1 . PHE A 1 139 ? 7.775   -6.090  1.516   1.00 20.21  ? 153 PHE A CE1 1 
ATOM   1115 C CE2 . PHE A 1 139 ? 7.866   -4.191  2.951   1.00 19.73  ? 153 PHE A CE2 1 
ATOM   1116 C CZ  . PHE A 1 139 ? 7.230   -5.332  2.541   1.00 20.58  ? 153 PHE A CZ  1 
ATOM   1117 N N   . LEU A 1 140 ? 14.381  -4.299  1.062   1.00 22.68  ? 154 LEU A N   1 
ATOM   1118 C CA  . LEU A 1 140 ? 15.726  -4.283  0.491   1.00 24.96  ? 154 LEU A CA  1 
ATOM   1119 C C   . LEU A 1 140 ? 16.429  -5.620  0.665   1.00 27.01  ? 154 LEU A C   1 
ATOM   1120 O O   . LEU A 1 140 ? 17.320  -5.936  -0.113  1.00 27.23  ? 154 LEU A O   1 
ATOM   1121 C CB  . LEU A 1 140 ? 16.560  -3.166  1.135   1.00 24.28  ? 154 LEU A CB  1 
ATOM   1122 C CG  . LEU A 1 140 ? 15.980  -1.766  1.033   1.00 25.49  ? 154 LEU A CG  1 
ATOM   1123 C CD1 . LEU A 1 140 ? 16.941  -0.754  1.616   1.00 28.92  ? 154 LEU A CD1 1 
ATOM   1124 C CD2 . LEU A 1 140 ? 15.622  -1.438  -0.413  1.00 24.89  ? 154 LEU A CD2 1 
ATOM   1125 N N   . HIS A 1 141 ? 16.071  -6.383  1.698   1.00 26.15  ? 155 HIS A N   1 
ATOM   1126 C CA  . HIS A 1 141 ? 16.685  -7.688  1.972   1.00 28.45  ? 155 HIS A CA  1 
ATOM   1127 C C   . HIS A 1 141 ? 15.631  -8.682  2.412   1.00 28.14  ? 155 HIS A C   1 
ATOM   1128 O O   . HIS A 1 141 ? 15.656  -9.156  3.544   1.00 28.14  ? 155 HIS A O   1 
ATOM   1129 C CB  . HIS A 1 141 ? 17.749  -7.526  3.049   1.00 29.65  ? 155 HIS A CB  1 
ATOM   1130 C CG  . HIS A 1 141 ? 18.876  -6.653  2.624   1.00 29.18  ? 155 HIS A CG  1 
ATOM   1131 N ND1 . HIS A 1 141 ? 19.848  -7.084  1.746   1.00 30.90  ? 155 HIS A ND1 1 
ATOM   1132 C CD2 . HIS A 1 141 ? 19.150  -5.356  2.887   1.00 29.76  ? 155 HIS A CD2 1 
ATOM   1133 C CE1 . HIS A 1 141 ? 20.701  -6.099  1.524   1.00 29.28  ? 155 HIS A CE1 1 
ATOM   1134 N NE2 . HIS A 1 141 ? 20.299  -5.036  2.194   1.00 29.36  ? 155 HIS A NE2 1 
ATOM   1135 N N   . PRO A 1 142 ? 14.676  -8.961  1.519   1.00 27.92  ? 156 PRO A N   1 
ATOM   1136 C CA  . PRO A 1 142 ? 13.567  -9.834  1.869   1.00 30.27  ? 156 PRO A CA  1 
ATOM   1137 C C   . PRO A 1 142 ? 13.981  -11.296 1.942   1.00 31.44  ? 156 PRO A C   1 
ATOM   1138 O O   . PRO A 1 142 ? 15.013  -11.668 1.387   1.00 34.35  ? 156 PRO A O   1 
ATOM   1139 C CB  . PRO A 1 142 ? 12.593  -9.642  0.701   1.00 31.06  ? 156 PRO A CB  1 
ATOM   1140 C CG  . PRO A 1 142 ? 13.472  -9.316  -0.447  1.00 30.93  ? 156 PRO A CG  1 
ATOM   1141 C CD  . PRO A 1 142 ? 14.610  -8.521  0.111   1.00 29.66  ? 156 PRO A CD  1 
ATOM   1142 N N   . GLN A 1 143 ? 13.161  -12.091 2.612   1.00 31.05  ? 157 GLN A N   1 
ATOM   1143 C CA  . GLN A 1 143 ? 13.307  -13.542 2.633   1.00 34.46  ? 157 GLN A CA  1 
ATOM   1144 C C   . GLN A 1 143 ? 12.433  -14.089 1.508   1.00 36.02  ? 157 GLN A C   1 
ATOM   1145 O O   . GLN A 1 143 ? 11.205  -14.044 1.594   1.00 35.13  ? 157 GLN A O   1 
ATOM   1146 C CB  . GLN A 1 143 ? 12.911  -14.126 3.992   1.00 37.63  ? 157 GLN A CB  1 
ATOM   1147 C CG  . GLN A 1 143 ? 13.185  -15.620 4.101   1.00 44.80  ? 157 GLN A CG  1 
ATOM   1148 C CD  . GLN A 1 143 ? 12.847  -16.195 5.462   1.00 49.50  ? 157 GLN A CD  1 
ATOM   1149 O OE1 . GLN A 1 143 ? 13.557  -15.960 6.439   1.00 56.44  ? 157 GLN A OE1 1 
ATOM   1150 N NE2 . GLN A 1 143 ? 11.763  -16.965 5.533   1.00 52.22  ? 157 GLN A NE2 1 
ATOM   1151 N N   . VAL A 1 144 ? 13.077  -14.599 0.456   1.00 37.01  ? 158 VAL A N   1 
ATOM   1152 C CA  . VAL A 1 144 ? 12.398  -14.958 -0.771  1.00 40.28  ? 158 VAL A CA  1 
ATOM   1153 C C   . VAL A 1 144 ? 12.207  -16.464 -0.817  1.00 43.27  ? 158 VAL A C   1 
ATOM   1154 O O   . VAL A 1 144 ? 13.116  -17.218 -0.473  1.00 43.53  ? 158 VAL A O   1 
ATOM   1155 C CB  . VAL A 1 144 ? 13.189  -14.497 -2.016  1.00 42.59  ? 158 VAL A CB  1 
ATOM   1156 C CG1 . VAL A 1 144 ? 12.448  -14.878 -3.298  1.00 42.71  ? 158 VAL A CG1 1 
ATOM   1157 C CG2 . VAL A 1 144 ? 13.442  -12.996 -1.962  1.00 41.88  ? 158 VAL A CG2 1 
ATOM   1158 N N   . HIS A 1 145 ? 11.012  -16.874 -1.218  1.00 44.73  ? 159 HIS A N   1 
ATOM   1159 C CA  . HIS A 1 145 ? 10.673  -18.277 -1.462  1.00 54.28  ? 159 HIS A CA  1 
ATOM   1160 C C   . HIS A 1 145 ? 10.045  -18.354 -2.841  1.00 54.21  ? 159 HIS A C   1 
ATOM   1161 O O   . HIS A 1 145 ? 9.219   -17.515 -3.195  1.00 51.90  ? 159 HIS A O   1 
ATOM   1162 C CB  . HIS A 1 145 ? 9.721   -18.803 -0.381  1.00 58.57  ? 159 HIS A CB  1 
ATOM   1163 C CG  . HIS A 1 145 ? 10.430  -19.235 0.865   1.00 69.43  ? 159 HIS A CG  1 
ATOM   1164 N ND1 . HIS A 1 145 ? 10.725  -18.366 1.896   1.00 75.28  ? 159 HIS A ND1 1 
ATOM   1165 C CD2 . HIS A 1 145 ? 10.948  -20.434 1.225   1.00 75.96  ? 159 HIS A CD2 1 
ATOM   1166 C CE1 . HIS A 1 145 ? 11.374  -19.018 2.846   1.00 76.56  ? 159 HIS A CE1 1 
ATOM   1167 N NE2 . HIS A 1 145 ? 11.523  -20.274 2.464   1.00 77.08  ? 159 HIS A NE2 1 
ATOM   1168 N N   . ASP A 1 146 ? 10.457  -19.346 -3.624  1.00 58.36  ? 160 ASP A N   1 
ATOM   1169 C CA  . ASP A 1 146 ? 9.982   -19.500 -4.996  1.00 61.40  ? 160 ASP A CA  1 
ATOM   1170 C C   . ASP A 1 146 ? 8.904   -20.576 -5.031  1.00 62.47  ? 160 ASP A C   1 
ATOM   1171 O O   . ASP A 1 146 ? 9.133   -21.688 -4.571  1.00 62.85  ? 160 ASP A O   1 
ATOM   1172 C CB  . ASP A 1 146 ? 11.162  -19.835 -5.910  1.00 66.04  ? 160 ASP A CB  1 
ATOM   1173 C CG  . ASP A 1 146 ? 12.219  -18.732 -5.930  1.00 68.77  ? 160 ASP A CG  1 
ATOM   1174 O OD1 . ASP A 1 146 ? 11.917  -17.588 -5.519  1.00 72.69  ? 160 ASP A OD1 1 
ATOM   1175 O OD2 . ASP A 1 146 ? 13.358  -19.007 -6.358  1.00 72.75  ? 160 ASP A OD2 1 
ATOM   1176 N N   . GLN A 1 147 ? 7.723   -20.223 -5.547  1.00 64.06  ? 161 GLN A N   1 
ATOM   1177 C CA  . GLN A 1 147 ? 6.553   -21.107 -5.539  1.00 68.10  ? 161 GLN A CA  1 
ATOM   1178 C C   . GLN A 1 147 ? 6.326   -21.696 -6.921  1.00 69.47  ? 161 GLN A C   1 
ATOM   1179 O O   . GLN A 1 147 ? 6.117   -20.957 -7.879  1.00 71.85  ? 161 GLN A O   1 
ATOM   1180 C CB  . GLN A 1 147 ? 5.306   -20.333 -5.100  1.00 67.76  ? 161 GLN A CB  1 
ATOM   1181 N N   . ILE A 1 158 ? 7.515   -20.422 -12.147 1.00 90.28  ? 172 ILE A N   1 
ATOM   1182 C CA  . ILE A 1 158 ? 7.654   -20.277 -10.701 1.00 91.09  ? 172 ILE A CA  1 
ATOM   1183 C C   . ILE A 1 158 ? 7.957   -18.806 -10.338 1.00 84.46  ? 172 ILE A C   1 
ATOM   1184 O O   . ILE A 1 158 ? 8.849   -18.197 -10.930 1.00 82.95  ? 172 ILE A O   1 
ATOM   1185 C CB  . ILE A 1 158 ? 8.718   -21.278 -10.151 1.00 94.84  ? 172 ILE A CB  1 
ATOM   1186 C CG1 . ILE A 1 158 ? 8.096   -22.689 -10.019 1.00 95.29  ? 172 ILE A CG1 1 
ATOM   1187 C CG2 . ILE A 1 158 ? 9.330   -20.797 -8.833  1.00 96.72  ? 172 ILE A CG2 1 
ATOM   1188 C CD1 . ILE A 1 158 ? 8.981   -23.748 -9.386  1.00 92.39  ? 172 ILE A CD1 1 
ATOM   1189 N N   . ASN A 1 159 ? 7.224   -18.266 -9.353  1.00 75.39  ? 173 ASN A N   1 
ATOM   1190 C CA  . ASN A 1 159 ? 7.266   -16.829 -8.990  1.00 68.34  ? 173 ASN A CA  1 
ATOM   1191 C C   . ASN A 1 159 ? 7.756   -16.558 -7.548  1.00 61.38  ? 173 ASN A C   1 
ATOM   1192 O O   . ASN A 1 159 ? 7.571   -17.385 -6.650  1.00 56.41  ? 173 ASN A O   1 
ATOM   1193 C CB  . ASN A 1 159 ? 5.892   -16.170 -9.249  1.00 69.78  ? 173 ASN A CB  1 
ATOM   1194 C CG  . ASN A 1 159 ? 4.931   -16.278 -8.069  1.00 71.26  ? 173 ASN A CG  1 
ATOM   1195 O OD1 . ASN A 1 159 ? 4.331   -15.281 -7.657  1.00 72.61  ? 173 ASN A OD1 1 
ATOM   1196 N ND2 . ASN A 1 159 ? 4.772   -17.481 -7.530  1.00 73.18  ? 173 ASN A ND2 1 
ATOM   1197 N N   . HIS A 1 160 ? 8.354   -15.384 -7.346  1.00 53.80  ? 174 HIS A N   1 
ATOM   1198 C CA  . HIS A 1 160 ? 8.992   -15.013 -6.078  1.00 51.72  ? 174 HIS A CA  1 
ATOM   1199 C C   . HIS A 1 160 ? 7.977   -14.517 -5.029  1.00 46.47  ? 174 HIS A C   1 
ATOM   1200 O O   . HIS A 1 160 ? 7.202   -13.598 -5.298  1.00 47.76  ? 174 HIS A O   1 
ATOM   1201 C CB  . HIS A 1 160 ? 10.043  -13.916 -6.300  1.00 54.49  ? 174 HIS A CB  1 
ATOM   1202 C CG  . HIS A 1 160 ? 11.118  -14.280 -7.278  1.00 59.67  ? 174 HIS A CG  1 
ATOM   1203 N ND1 . HIS A 1 160 ? 11.914  -15.397 -7.133  1.00 62.59  ? 174 HIS A ND1 1 
ATOM   1204 C CD2 . HIS A 1 160 ? 11.550  -13.655 -8.399  1.00 62.55  ? 174 HIS A CD2 1 
ATOM   1205 C CE1 . HIS A 1 160 ? 12.779  -15.453 -8.131  1.00 63.45  ? 174 HIS A CE1 1 
ATOM   1206 N NE2 . HIS A 1 160 ? 12.579  -14.406 -8.914  1.00 64.51  ? 174 HIS A NE2 1 
ATOM   1207 N N   . ILE A 1 161 ? 8.016   -15.115 -3.840  1.00 41.55  ? 175 ILE A N   1 
ATOM   1208 C CA  . ILE A 1 161 ? 7.139   -14.776 -2.710  1.00 40.32  ? 175 ILE A CA  1 
ATOM   1209 C C   . ILE A 1 161 ? 8.027   -14.300 -1.560  1.00 37.08  ? 175 ILE A C   1 
ATOM   1210 O O   . ILE A 1 161 ? 9.041   -14.934 -1.256  1.00 38.53  ? 175 ILE A O   1 
ATOM   1211 C CB  . ILE A 1 161 ? 6.317   -16.011 -2.273  1.00 43.02  ? 175 ILE A CB  1 
ATOM   1212 C CG1 . ILE A 1 161 ? 5.257   -16.322 -3.339  1.00 47.17  ? 175 ILE A CG1 1 
ATOM   1213 C CG2 . ILE A 1 161 ? 5.669   -15.826 -0.895  1.00 43.54  ? 175 ILE A CG2 1 
ATOM   1214 C CD1 . ILE A 1 161 ? 4.518   -17.622 -3.109  1.00 47.88  ? 175 ILE A CD1 1 
ATOM   1215 N N   . PHE A 1 162 ? 7.654   -13.192 -0.918  1.00 29.26  ? 176 PHE A N   1 
ATOM   1216 C CA  . PHE A 1 162 ? 8.344   -12.745 0.281   1.00 27.23  ? 176 PHE A CA  1 
ATOM   1217 C C   . PHE A 1 162 ? 7.664   -13.350 1.503   1.00 26.62  ? 176 PHE A C   1 
ATOM   1218 O O   . PHE A 1 162 ? 6.451   -13.396 1.540   1.00 28.38  ? 176 PHE A O   1 
ATOM   1219 C CB  . PHE A 1 162 ? 8.295   -11.234 0.417   1.00 26.83  ? 176 PHE A CB  1 
ATOM   1220 C CG  . PHE A 1 162 ? 8.984   -10.475 -0.684  1.00 27.20  ? 176 PHE A CG  1 
ATOM   1221 C CD1 . PHE A 1 162 ? 9.976   -11.047 -1.482  1.00 29.56  ? 176 PHE A CD1 1 
ATOM   1222 C CD2 . PHE A 1 162 ? 8.675   -9.143  -0.873  1.00 27.53  ? 176 PHE A CD2 1 
ATOM   1223 C CE1 . PHE A 1 162 ? 10.618  -10.291 -2.453  1.00 28.93  ? 176 PHE A CE1 1 
ATOM   1224 C CE2 . PHE A 1 162 ? 9.301   -8.399  -1.859  1.00 28.42  ? 176 PHE A CE2 1 
ATOM   1225 C CZ  . PHE A 1 162 ? 10.282  -8.964  -2.629  1.00 29.92  ? 176 PHE A CZ  1 
ATOM   1226 N N   . GLU A 1 163 ? 8.455   -13.804 2.478   1.00 27.55  ? 177 GLU A N   1 
ATOM   1227 C CA  . GLU A 1 163 ? 7.956   -14.233 3.788   1.00 28.94  ? 177 GLU A CA  1 
ATOM   1228 C C   . GLU A 1 163 ? 8.469   -13.283 4.852   1.00 26.79  ? 177 GLU A C   1 
ATOM   1229 O O   . GLU A 1 163 ? 9.679   -13.074 4.992   1.00 27.24  ? 177 GLU A O   1 
ATOM   1230 C CB  . GLU A 1 163 ? 8.387   -15.667 4.102   1.00 33.57  ? 177 GLU A CB  1 
ATOM   1231 C CG  . GLU A 1 163 ? 7.788   -16.659 3.111   1.00 38.97  ? 177 GLU A CG  1 
ATOM   1232 C CD  . GLU A 1 163 ? 7.857   -18.107 3.563   1.00 47.83  ? 177 GLU A CD  1 
ATOM   1233 O OE1 . GLU A 1 163 ? 8.674   -18.424 4.462   1.00 52.36  ? 177 GLU A OE1 1 
ATOM   1234 O OE2 . GLU A 1 163 ? 7.083   -18.920 2.997   1.00 50.98  ? 177 GLU A OE2 1 
ATOM   1235 N N   . TYR A 1 164 ? 7.546   -12.633 5.540   1.00 25.75  ? 178 TYR A N   1 
ATOM   1236 C CA  . TYR A 1 164 ? 7.923   -11.716 6.604   1.00 25.55  ? 178 TYR A CA  1 
ATOM   1237 C C   . TYR A 1 164 ? 7.389   -12.285 7.900   1.00 24.11  ? 178 TYR A C   1 
ATOM   1238 O O   . TYR A 1 164 ? 6.178   -12.514 8.036   1.00 26.11  ? 178 TYR A O   1 
ATOM   1239 C CB  . TYR A 1 164 ? 7.341   -10.311 6.407   1.00 25.75  ? 178 TYR A CB  1 
ATOM   1240 C CG  . TYR A 1 164 ? 7.603   -9.438  7.613   1.00 26.07  ? 178 TYR A CG  1 
ATOM   1241 C CD1 . TYR A 1 164 ? 8.889   -8.980  7.877   1.00 26.78  ? 178 TYR A CD1 1 
ATOM   1242 C CD2 . TYR A 1 164 ? 6.593   -9.113  8.516   1.00 26.81  ? 178 TYR A CD2 1 
ATOM   1243 C CE1 . TYR A 1 164 ? 9.170   -8.216  8.989   1.00 28.76  ? 178 TYR A CE1 1 
ATOM   1244 C CE2 . TYR A 1 164 ? 6.866   -8.334  9.636   1.00 26.59  ? 178 TYR A CE2 1 
ATOM   1245 C CZ  . TYR A 1 164 ? 8.154   -7.905  9.871   1.00 27.86  ? 178 TYR A CZ  1 
ATOM   1246 O OH  . TYR A 1 164 ? 8.489   -7.153  10.975  1.00 31.97  ? 178 TYR A OH  1 
ATOM   1247 N N   . THR A 1 165 ? 8.280   -12.411 8.873   1.00 25.22  ? 179 THR A N   1 
ATOM   1248 C CA  . THR A 1 165 ? 7.891   -12.863 10.215  1.00 26.31  ? 179 THR A CA  1 
ATOM   1249 C C   . THR A 1 165 ? 7.898   -11.698 11.188  1.00 26.84  ? 179 THR A C   1 
ATOM   1250 O O   . THR A 1 165 ? 8.932   -11.065 11.374  1.00 29.04  ? 179 THR A O   1 
ATOM   1251 C CB  . THR A 1 165 ? 8.851   -13.952 10.726  1.00 27.62  ? 179 THR A CB  1 
ATOM   1252 O OG1 . THR A 1 165 ? 8.901   -15.008 9.764   1.00 28.57  ? 179 THR A OG1 1 
ATOM   1253 C CG2 . THR A 1 165 ? 8.350   -14.485 12.089  1.00 28.23  ? 179 THR A CG2 1 
ATOM   1254 N N   . ASN A 1 166 ? 6.752   -11.417 11.812  1.00 24.86  ? 180 ASN A N   1 
ATOM   1255 C CA  . ASN A 1 166 ? 6.644   -10.336 12.776  1.00 25.49  ? 180 ASN A CA  1 
ATOM   1256 C C   . ASN A 1 166 ? 7.358   -10.733 14.078  1.00 27.32  ? 180 ASN A C   1 
ATOM   1257 O O   . ASN A 1 166 ? 6.936   -11.686 14.723  1.00 26.05  ? 180 ASN A O   1 
ATOM   1258 C CB  . ASN A 1 166 ? 5.165   -10.088 13.046  1.00 27.02  ? 180 ASN A CB  1 
ATOM   1259 C CG  . ASN A 1 166 ? 4.896   -8.948  13.991  1.00 27.05  ? 180 ASN A CG  1 
ATOM   1260 O OD1 . ASN A 1 166 ? 5.794   -8.347  14.570  1.00 29.55  ? 180 ASN A OD1 1 
ATOM   1261 N ND2 . ASN A 1 166 ? 3.602   -8.645  14.152  1.00 28.87  ? 180 ASN A ND2 1 
ATOM   1262 N N   . PRO A 1 167 ? 8.429   -10.016 14.471  1.00 26.76  ? 181 PRO A N   1 
ATOM   1263 C CA  . PRO A 1 167 ? 9.166   -10.423 15.685  1.00 28.13  ? 181 PRO A CA  1 
ATOM   1264 C C   . PRO A 1 167 ? 8.379   -10.244 16.987  1.00 28.63  ? 181 PRO A C   1 
ATOM   1265 O O   . PRO A 1 167 ? 8.761   -10.798 18.003  1.00 29.11  ? 181 PRO A O   1 
ATOM   1266 C CB  . PRO A 1 167 ? 10.417  -9.525  15.661  1.00 29.62  ? 181 PRO A CB  1 
ATOM   1267 C CG  . PRO A 1 167 ? 10.002  -8.332  14.882  1.00 30.97  ? 181 PRO A CG  1 
ATOM   1268 C CD  . PRO A 1 167 ? 9.015   -8.804  13.851  1.00 29.40  ? 181 PRO A CD  1 
ATOM   1269 N N   . GLU A 1 168 ? 7.291   -9.490  16.946  1.00 28.37  ? 182 GLU A N   1 
ATOM   1270 C CA  . GLU A 1 168 ? 6.441   -9.306  18.106  1.00 32.87  ? 182 GLU A CA  1 
ATOM   1271 C C   . GLU A 1 168 ? 5.740   -10.589 18.491  1.00 30.77  ? 182 GLU A C   1 
ATOM   1272 O O   . GLU A 1 168 ? 5.577   -10.833 19.698  1.00 29.01  ? 182 GLU A O   1 
ATOM   1273 C CB  . GLU A 1 168 ? 5.360   -8.274  17.824  1.00 36.27  ? 182 GLU A CB  1 
ATOM   1274 C CG  . GLU A 1 168 ? 5.905   -6.864  17.673  1.00 39.62  ? 182 GLU A CG  1 
ATOM   1275 C CD  . GLU A 1 168 ? 6.368   -6.288  18.981  1.00 44.05  ? 182 GLU A CD  1 
ATOM   1276 O OE1 . GLU A 1 168 ? 5.555   -6.241  19.951  1.00 44.21  ? 182 GLU A OE1 1 
ATOM   1277 O OE2 . GLU A 1 168 ? 7.552   -5.892  19.034  1.00 50.93  ? 182 GLU A OE2 1 
ATOM   1278 N N   . ASP A 1 169 ? 5.307   -11.363 17.490  1.00 28.66  ? 183 ASP A N   1 
ATOM   1279 C CA  . ASP A 1 169 ? 4.521   -12.574 17.720  1.00 27.14  ? 183 ASP A CA  1 
ATOM   1280 C C   . ASP A 1 169 ? 4.906   -13.840 16.940  1.00 27.13  ? 183 ASP A C   1 
ATOM   1281 O O   . ASP A 1 169 ? 4.302   -14.905 17.142  1.00 26.26  ? 183 ASP A O   1 
ATOM   1282 C CB  . ASP A 1 169 ? 3.032   -12.277 17.546  1.00 27.10  ? 183 ASP A CB  1 
ATOM   1283 C CG  . ASP A 1 169 ? 2.665   -11.911 16.117  1.00 31.66  ? 183 ASP A CG  1 
ATOM   1284 O OD1 . ASP A 1 169 ? 3.523   -12.040 15.210  1.00 30.59  ? 183 ASP A OD1 1 
ATOM   1285 O OD2 . ASP A 1 169 ? 1.495   -11.521 15.912  1.00 32.41  ? 183 ASP A OD2 1 
ATOM   1286 N N   . GLY A 1 170 ? 5.935   -13.783 16.097  1.00 26.77  ? 184 GLY A N   1 
ATOM   1287 C CA  . GLY A 1 170 ? 6.327   -14.945 15.306  1.00 25.33  ? 184 GLY A CA  1 
ATOM   1288 C C   . GLY A 1 170 ? 5.460   -15.339 14.127  1.00 26.41  ? 184 GLY A C   1 
ATOM   1289 O O   . GLY A 1 170 ? 5.717   -16.366 13.473  1.00 26.98  ? 184 GLY A O   1 
ATOM   1290 N N   . VAL A 1 171 ? 4.445   -14.526 13.806  1.00 26.42  ? 185 VAL A N   1 
ATOM   1291 C CA  . VAL A 1 171 ? 3.539   -14.839 12.721  1.00 27.03  ? 185 VAL A CA  1 
ATOM   1292 C C   . VAL A 1 171 ? 4.213   -14.495 11.393  1.00 28.40  ? 185 VAL A C   1 
ATOM   1293 O O   . VAL A 1 171 ? 4.775   -13.403 11.248  1.00 26.18  ? 185 VAL A O   1 
ATOM   1294 C CB  . VAL A 1 171 ? 2.218   -14.061 12.857  1.00 28.84  ? 185 VAL A CB  1 
ATOM   1295 C CG1 . VAL A 1 171 ? 1.332   -14.280 11.636  1.00 29.73  ? 185 VAL A CG1 1 
ATOM   1296 C CG2 . VAL A 1 171 ? 1.504   -14.512 14.133  1.00 29.65  ? 185 VAL A CG2 1 
ATOM   1297 N N   . THR A 1 172 ? 4.153   -15.425 10.453  1.00 29.00  ? 186 THR A N   1 
ATOM   1298 C CA  . THR A 1 172 ? 4.721   -15.224 9.122   1.00 29.00  ? 186 THR A CA  1 
ATOM   1299 C C   . THR A 1 172 ? 3.626   -14.891 8.110   1.00 29.08  ? 186 THR A C   1 
ATOM   1300 O O   . THR A 1 172 ? 2.596   -15.545 8.063   1.00 29.82  ? 186 THR A O   1 
ATOM   1301 C CB  . THR A 1 172 ? 5.498   -16.454 8.665   1.00 29.40  ? 186 THR A CB  1 
ATOM   1302 O OG1 . THR A 1 172 ? 6.545   -16.689 9.604   1.00 30.45  ? 186 THR A OG1 1 
ATOM   1303 C CG2 . THR A 1 172 ? 6.110   -16.237 7.256   1.00 30.51  ? 186 THR A CG2 1 
ATOM   1304 N N   . TYR A 1 173 ? 3.859   -13.847 7.317   1.00 27.22  ? 187 TYR A N   1 
ATOM   1305 C CA  . TYR A 1 173 ? 2.954   -13.431 6.258   1.00 27.73  ? 187 TYR A CA  1 
ATOM   1306 C C   . TYR A 1 173 ? 3.658   -13.618 4.930   1.00 27.97  ? 187 TYR A C   1 
ATOM   1307 O O   . TYR A 1 173 ? 4.873   -13.370 4.842   1.00 28.51  ? 187 TYR A O   1 
ATOM   1308 C CB  . TYR A 1 173 ? 2.629   -11.948 6.416   1.00 27.14  ? 187 TYR A CB  1 
ATOM   1309 C CG  . TYR A 1 173 ? 1.920   -11.602 7.708   1.00 26.99  ? 187 TYR A CG  1 
ATOM   1310 C CD1 . TYR A 1 173 ? 0.536   -11.612 7.775   1.00 27.65  ? 187 TYR A CD1 1 
ATOM   1311 C CD2 . TYR A 1 173 ? 2.638   -11.287 8.867   1.00 27.70  ? 187 TYR A CD2 1 
ATOM   1312 C CE1 . TYR A 1 173 ? -0.127  -11.312 8.958   1.00 27.79  ? 187 TYR A CE1 1 
ATOM   1313 C CE2 . TYR A 1 173 ? 1.989   -10.958 10.063  1.00 27.35  ? 187 TYR A CE2 1 
ATOM   1314 C CZ  . TYR A 1 173 ? 0.602   -10.991 10.103  1.00 28.22  ? 187 TYR A CZ  1 
ATOM   1315 O OH  . TYR A 1 173 ? -0.058  -10.677 11.268  1.00 28.89  ? 187 TYR A OH  1 
ATOM   1316 N N   . GLN A 1 174 ? 2.891   -14.030 3.917   1.00 26.47  ? 188 GLN A N   1 
ATOM   1317 C CA  . GLN A 1 174 ? 3.368   -14.120 2.538   1.00 28.09  ? 188 GLN A CA  1 
ATOM   1318 C C   . GLN A 1 174 ? 2.916   -12.899 1.769   1.00 26.07  ? 188 GLN A C   1 
ATOM   1319 O O   . GLN A 1 174 ? 1.747   -12.562 1.776   1.00 25.95  ? 188 GLN A O   1 
ATOM   1320 C CB  . GLN A 1 174 ? 2.836   -15.379 1.856   1.00 31.49  ? 188 GLN A CB  1 
ATOM   1321 C CG  . GLN A 1 174 ? 3.429   -16.641 2.442   1.00 35.59  ? 188 GLN A CG  1 
ATOM   1322 C CD  . GLN A 1 174 ? 3.063   -17.878 1.651   1.00 40.32  ? 188 GLN A CD  1 
ATOM   1323 O OE1 . GLN A 1 174 ? 2.029   -17.926 0.977   1.00 47.36  ? 188 GLN A OE1 1 
ATOM   1324 N NE2 . GLN A 1 174 ? 3.920   -18.878 1.716   1.00 44.58  ? 188 GLN A NE2 1 
ATOM   1325 N N   . ILE A 1 175 ? 3.859   -12.246 1.105   1.00 25.09  ? 189 ILE A N   1 
ATOM   1326 C CA  . ILE A 1 175 ? 3.571   -11.043 0.334   1.00 25.31  ? 189 ILE A CA  1 
ATOM   1327 C C   . ILE A 1 175 ? 4.039   -11.291 -1.095  1.00 25.57  ? 189 ILE A C   1 
ATOM   1328 O O   . ILE A 1 175 ? 5.173   -11.701 -1.305  1.00 25.71  ? 189 ILE A O   1 
ATOM   1329 C CB  . ILE A 1 175 ? 4.277   -9.816  0.933   1.00 25.93  ? 189 ILE A CB  1 
ATOM   1330 C CG1 . ILE A 1 175 ? 4.048   -9.768  2.455   1.00 25.48  ? 189 ILE A CG1 1 
ATOM   1331 C CG2 . ILE A 1 175 ? 3.786   -8.524  0.277   1.00 25.85  ? 189 ILE A CG2 1 
ATOM   1332 C CD1 . ILE A 1 175 ? 4.683   -8.556  3.109   1.00 27.20  ? 189 ILE A CD1 1 
ATOM   1333 N N   . LYS A 1 176 ? 3.161   -11.071 -2.060  1.00 25.68  ? 190 LYS A N   1 
ATOM   1334 C CA  . LYS A 1 176 ? 3.529   -11.419 -3.427  1.00 27.17  ? 190 LYS A CA  1 
ATOM   1335 C C   . LYS A 1 176 ? 2.878   -10.517 -4.436  1.00 24.99  ? 190 LYS A C   1 
ATOM   1336 O O   . LYS A 1 176 ? 2.094   -9.598  -4.110  1.00 23.98  ? 190 LYS A O   1 
ATOM   1337 C CB  . LYS A 1 176 ? 3.183   -12.890 -3.681  1.00 29.94  ? 190 LYS A CB  1 
ATOM   1338 C CG  . LYS A 1 176 ? 1.714   -13.200 -3.722  1.00 32.87  ? 190 LYS A CG  1 
ATOM   1339 C CD  . LYS A 1 176 ? 1.420   -14.697 -3.504  1.00 37.30  ? 190 LYS A CD  1 
ATOM   1340 C CE  . LYS A 1 176 ? -0.056  -14.979 -3.735  1.00 41.85  ? 190 LYS A CE  1 
ATOM   1341 N NZ  . LYS A 1 176 ? -0.377  -16.429 -3.891  1.00 45.98  ? 190 LYS A NZ  1 
ATOM   1342 N N   . GLY A 1 177 ? 3.222   -10.753 -5.703  1.00 25.22  ? 191 GLY A N   1 
ATOM   1343 C CA  . GLY A 1 177 ? 2.572   -10.055 -6.787  1.00 23.96  ? 191 GLY A CA  1 
ATOM   1344 C C   . GLY A 1 177 ? 2.717   -8.546  -6.777  1.00 22.77  ? 191 GLY A C   1 
ATOM   1345 O O   . GLY A 1 177 ? 3.755   -8.027  -6.378  1.00 22.50  ? 191 GLY A O   1 
ATOM   1346 N N   . MET A 1 178 ? 1.672   -7.851  -7.226  1.00 22.75  ? 192 MET A N   1 
ATOM   1347 C CA  . MET A 1 178 ? 1.678   -6.384  -7.309  1.00 22.27  ? 192 MET A CA  1 
ATOM   1348 C C   . MET A 1 178 ? 2.017   -5.776  -5.957  1.00 21.62  ? 192 MET A C   1 
ATOM   1349 O O   . MET A 1 178 ? 2.737   -4.780  -5.880  1.00 21.41  ? 192 MET A O   1 
ATOM   1350 C CB  . MET A 1 178 ? 0.315   -5.858  -7.789  1.00 23.77  ? 192 MET A CB  1 
ATOM   1351 C CG  . MET A 1 178 ? 0.240   -4.359  -7.955  1.00 24.76  ? 192 MET A CG  1 
ATOM   1352 S SD  . MET A 1 178 ? -1.459  -3.788  -8.190  1.00 27.92  ? 192 MET A SD  1 
ATOM   1353 C CE  . MET A 1 178 ? -2.103  -3.937  -6.516  1.00 28.43  ? 192 MET A CE  1 
ATOM   1354 N N   . THR A 1 179 ? 1.459   -6.355  -4.899  1.00 21.21  ? 193 THR A N   1 
ATOM   1355 C CA  . THR A 1 179 ? 1.668   -5.831  -3.534  1.00 20.71  ? 193 THR A CA  1 
ATOM   1356 C C   . THR A 1 179 ? 3.152   -5.872  -3.185  1.00 20.30  ? 193 THR A C   1 
ATOM   1357 O O   . THR A 1 179 ? 3.722   -4.860  -2.749  1.00 19.85  ? 193 THR A O   1 
ATOM   1358 C CB  . THR A 1 179 ? 0.838   -6.626  -2.527  1.00 21.11  ? 193 THR A CB  1 
ATOM   1359 O OG1 . THR A 1 179 ? -0.543  -6.489  -2.886  1.00 21.92  ? 193 THR A OG1 1 
ATOM   1360 C CG2 . THR A 1 179 ? 1.062   -6.093  -1.098  1.00 22.60  ? 193 THR A CG2 1 
ATOM   1361 N N   . ALA A 1 180 ? 3.797   -7.014  -3.420  1.00 19.81  ? 194 ALA A N   1 
ATOM   1362 C CA  . ALA A 1 180 ? 5.262   -7.105  -3.196  1.00 20.32  ? 194 ALA A CA  1 
ATOM   1363 C C   . ALA A 1 180 ? 6.054   -6.157  -4.075  1.00 19.17  ? 194 ALA A C   1 
ATOM   1364 O O   . ALA A 1 180 ? 7.012   -5.508  -3.647  1.00 19.96  ? 194 ALA A O   1 
ATOM   1365 C CB  . ALA A 1 180 ? 5.759   -8.510  -3.434  1.00 21.38  ? 194 ALA A CB  1 
ATOM   1366 N N   . ASN A 1 181 ? 5.657   -6.074  -5.343  1.00 20.26  ? 195 ASN A N   1 
ATOM   1367 C CA  . ASN A 1 181 ? 6.341   -5.181  -6.240  1.00 21.40  ? 195 ASN A CA  1 
ATOM   1368 C C   . ASN A 1 181 ? 6.286   -3.722  -5.823  1.00 18.50  ? 195 ASN A C   1 
ATOM   1369 O O   . ASN A 1 181 ? 7.291   -3.009  -5.916  1.00 19.63  ? 195 ASN A O   1 
ATOM   1370 C CB  . ASN A 1 181 ? 5.859   -5.394  -7.682  1.00 22.86  ? 195 ASN A CB  1 
ATOM   1371 C CG  . ASN A 1 181 ? 6.475   -6.643  -8.296  1.00 27.98  ? 195 ASN A CG  1 
ATOM   1372 O OD1 . ASN A 1 181 ? 7.442   -6.559  -9.057  1.00 37.87  ? 195 ASN A OD1 1 
ATOM   1373 N ND2 . ASN A 1 181 ? 5.998   -7.790  -7.911  1.00 31.14  ? 195 ASN A ND2 1 
ATOM   1374 N N   . LEU A 1 182 ? 5.104   -3.260  -5.405  1.00 18.13  ? 196 LEU A N   1 
ATOM   1375 C CA  . LEU A 1 182 ? 4.951   -1.884  -4.992  1.00 19.10  ? 196 LEU A CA  1 
ATOM   1376 C C   . LEU A 1 182 ? 5.741   -1.592  -3.719  1.00 17.98  ? 196 LEU A C   1 
ATOM   1377 O O   . LEU A 1 182 ? 6.256   -0.488  -3.553  1.00 18.47  ? 196 LEU A O   1 
ATOM   1378 C CB  . LEU A 1 182 ? 3.483   -1.516  -4.803  1.00 20.03  ? 196 LEU A CB  1 
ATOM   1379 C CG  . LEU A 1 182 ? 2.707   -1.388  -6.122  1.00 20.55  ? 196 LEU A CG  1 
ATOM   1380 C CD1 . LEU A 1 182 ? 1.222   -1.301  -5.846  1.00 20.83  ? 196 LEU A CD1 1 
ATOM   1381 C CD2 . LEU A 1 182 ? 3.161   -0.179  -6.905  1.00 22.23  ? 196 LEU A CD2 1 
ATOM   1382 N N   . ALA A 1 183 ? 5.766   -2.556  -2.814  1.00 18.95  ? 197 ALA A N   1 
ATOM   1383 C CA  . ALA A 1 183 ? 6.522   -2.377  -1.555  1.00 18.75  ? 197 ALA A CA  1 
ATOM   1384 C C   . ALA A 1 183 ? 8.005   -2.147  -1.820  1.00 18.50  ? 197 ALA A C   1 
ATOM   1385 O O   . ALA A 1 183 ? 8.620   -1.255  -1.256  1.00 18.71  ? 197 ALA A O   1 
ATOM   1386 C CB  . ALA A 1 183 ? 6.311   -3.553  -0.632  1.00 18.49  ? 197 ALA A CB  1 
ATOM   1387 N N   . VAL A 1 184 ? 8.563   -2.937  -2.737  1.00 18.73  ? 198 VAL A N   1 
ATOM   1388 C CA  . VAL A 1 184 ? 9.980   -2.761  -3.121  1.00 19.90  ? 198 VAL A CA  1 
ATOM   1389 C C   . VAL A 1 184 ? 10.208  -1.403  -3.770  1.00 18.66  ? 198 VAL A C   1 
ATOM   1390 O O   . VAL A 1 184 ? 11.149  -0.695  -3.452  1.00 18.40  ? 198 VAL A O   1 
ATOM   1391 C CB  . VAL A 1 184 ? 10.433  -3.889  -4.073  1.00 20.43  ? 198 VAL A CB  1 
ATOM   1392 C CG1 . VAL A 1 184 ? 11.819  -3.570  -4.650  1.00 22.05  ? 198 VAL A CG1 1 
ATOM   1393 C CG2 . VAL A 1 184 ? 10.400  -5.242  -3.386  1.00 22.63  ? 198 VAL A CG2 1 
ATOM   1394 N N   . LEU A 1 185 ? 9.307   -0.997  -4.667  1.00 17.84  ? 199 LEU A N   1 
ATOM   1395 C CA  . LEU A 1 185 ? 9.421   0.314   -5.289  1.00 18.15  ? 199 LEU A CA  1 
ATOM   1396 C C   . LEU A 1 185 ? 9.502   1.452   -4.254  1.00 18.58  ? 199 LEU A C   1 
ATOM   1397 O O   . LEU A 1 185 ? 10.361  2.322   -4.332  1.00 18.93  ? 199 LEU A O   1 
ATOM   1398 C CB  . LEU A 1 185 ? 8.255   0.556   -6.263  1.00 19.49  ? 199 LEU A CB  1 
ATOM   1399 C CG  . LEU A 1 185 ? 8.198   1.938   -6.904  1.00 19.80  ? 199 LEU A CG  1 
ATOM   1400 C CD1 . LEU A 1 185 ? 9.434   2.221   -7.747  1.00 21.55  ? 199 LEU A CD1 1 
ATOM   1401 C CD2 . LEU A 1 185 ? 6.943   2.098   -7.737  1.00 21.23  ? 199 LEU A CD2 1 
ATOM   1402 N N   . VAL A 1 186 ? 8.565   1.452   -3.301  1.00 17.71  ? 200 VAL A N   1 
ATOM   1403 C CA  . VAL A 1 186 ? 8.555   2.466   -2.267  1.00 18.61  ? 200 VAL A CA  1 
ATOM   1404 C C   . VAL A 1 186 ? 9.853   2.432   -1.430  1.00 18.13  ? 200 VAL A C   1 
ATOM   1405 O O   . VAL A 1 186 ? 10.428  3.484   -1.163  1.00 19.00  ? 200 VAL A O   1 
ATOM   1406 C CB  . VAL A 1 186 ? 7.329   2.302   -1.354  1.00 19.58  ? 200 VAL A CB  1 
ATOM   1407 C CG1 . VAL A 1 186 ? 7.386   3.296   -0.195  1.00 21.24  ? 200 VAL A CG1 1 
ATOM   1408 C CG2 . VAL A 1 186 ? 6.085   2.573   -2.157  1.00 20.87  ? 200 VAL A CG2 1 
ATOM   1409 N N   . ALA A 1 187 ? 10.300  1.234   -1.079  1.00 18.23  ? 201 ALA A N   1 
ATOM   1410 C CA  . ALA A 1 187 ? 11.549  1.077   -0.328  1.00 18.97  ? 201 ALA A CA  1 
ATOM   1411 C C   . ALA A 1 187 ? 12.720  1.671   -1.117  1.00 19.62  ? 201 ALA A C   1 
ATOM   1412 O O   . ALA A 1 187 ? 13.544  2.405   -0.581  1.00 19.92  ? 201 ALA A O   1 
ATOM   1413 C CB  . ALA A 1 187 ? 11.797  -0.372  0.015   1.00 19.30  ? 201 ALA A CB  1 
ATOM   1414 N N   . PHE A 1 188 ? 12.811  1.357   -2.413  1.00 18.20  ? 202 PHE A N   1 
ATOM   1415 C CA  . PHE A 1 188 ? 13.896  1.940   -3.219  1.00 18.99  ? 202 PHE A CA  1 
ATOM   1416 C C   . PHE A 1 188 ? 13.846  3.470   -3.245  1.00 18.54  ? 202 PHE A C   1 
ATOM   1417 O O   . PHE A 1 188 ? 14.837  4.157   -3.051  1.00 19.91  ? 202 PHE A O   1 
ATOM   1418 C CB  . PHE A 1 188 ? 13.859  1.446   -4.670  1.00 20.03  ? 202 PHE A CB  1 
ATOM   1419 C CG  . PHE A 1 188 ? 14.318  0.031   -4.899  1.00 21.03  ? 202 PHE A CG  1 
ATOM   1420 C CD1 . PHE A 1 188 ? 14.882  -0.773  -3.912  1.00 21.73  ? 202 PHE A CD1 1 
ATOM   1421 C CD2 . PHE A 1 188 ? 14.210  -0.512  -6.195  1.00 23.36  ? 202 PHE A CD2 1 
ATOM   1422 C CE1 . PHE A 1 188 ? 15.285  -2.067  -4.183  1.00 22.98  ? 202 PHE A CE1 1 
ATOM   1423 C CE2 . PHE A 1 188 ? 14.616  -1.804  -6.456  1.00 24.60  ? 202 PHE A CE2 1 
ATOM   1424 C CZ  . PHE A 1 188 ? 15.183  -2.574  -5.463  1.00 23.77  ? 202 PHE A CZ  1 
ATOM   1425 N N   . ILE A 1 189 ? 12.656  4.018   -3.516  1.00 17.22  ? 203 ILE A N   1 
ATOM   1426 C CA  . ILE A 1 189 ? 12.495  5.432   -3.629  1.00 17.98  ? 203 ILE A CA  1 
ATOM   1427 C C   . ILE A 1 189 ? 12.951  6.139   -2.357  1.00 18.52  ? 203 ILE A C   1 
ATOM   1428 O O   . ILE A 1 189 ? 13.672  7.107   -2.411  1.00 19.65  ? 203 ILE A O   1 
ATOM   1429 C CB  . ILE A 1 189 ? 11.021  5.812   -3.940  1.00 18.51  ? 203 ILE A CB  1 
ATOM   1430 C CG1 . ILE A 1 189 ? 10.707  5.435   -5.390  1.00 19.86  ? 203 ILE A CG1 1 
ATOM   1431 C CG2 . ILE A 1 189 ? 10.766  7.288   -3.713  1.00 17.96  ? 203 ILE A CG2 1 
ATOM   1432 C CD1 . ILE A 1 189 ? 9.216   5.431   -5.741  1.00 21.36  ? 203 ILE A CD1 1 
ATOM   1433 N N   . ILE A 1 190 ? 12.509  5.624   -1.212  1.00 19.14  ? 204 ILE A N   1 
ATOM   1434 C CA  . ILE A 1 190 ? 12.723  6.339   0.051   1.00 20.30  ? 204 ILE A CA  1 
ATOM   1435 C C   . ILE A 1 190 ? 14.089  6.062   0.663   1.00 19.37  ? 204 ILE A C   1 
ATOM   1436 O O   . ILE A 1 190 ? 14.670  6.974   1.244   1.00 22.28  ? 204 ILE A O   1 
ATOM   1437 C CB  . ILE A 1 190 ? 11.611  5.998   1.038   1.00 20.02  ? 204 ILE A CB  1 
ATOM   1438 C CG1 . ILE A 1 190 ? 10.289  6.560   0.499   1.00 21.17  ? 204 ILE A CG1 1 
ATOM   1439 C CG2 . ILE A 1 190 ? 11.914  6.553   2.432   1.00 21.90  ? 204 ILE A CG2 1 
ATOM   1440 C CD1 . ILE A 1 190 ? 9.085   6.216   1.353   1.00 21.31  ? 204 ILE A CD1 1 
ATOM   1441 N N   . LEU A 1 191 ? 14.576  4.844   0.527   1.00 18.84  ? 205 LEU A N   1 
ATOM   1442 C CA  . LEU A 1 191 ? 15.780  4.390   1.264   1.00 19.56  ? 205 LEU A CA  1 
ATOM   1443 C C   . LEU A 1 191 ? 17.064  4.380   0.469   1.00 23.29  ? 205 LEU A C   1 
ATOM   1444 O O   . LEU A 1 191 ? 18.150  4.280   1.070   1.00 23.00  ? 205 LEU A O   1 
ATOM   1445 C CB  . LEU A 1 191 ? 15.548  3.026   1.884   1.00 20.48  ? 205 LEU A CB  1 
ATOM   1446 C CG  . LEU A 1 191 ? 14.346  2.932   2.837   1.00 21.53  ? 205 LEU A CG  1 
ATOM   1447 C CD1 . LEU A 1 191 ? 14.162  1.520   3.309   1.00 21.62  ? 205 LEU A CD1 1 
ATOM   1448 C CD2 . LEU A 1 191 ? 14.491  3.889   4.014   1.00 23.61  ? 205 LEU A CD2 1 
ATOM   1449 N N   . GLU A 1 192 ? 16.996  4.456   -0.858  1.00 21.49  ? 206 GLU A N   1 
ATOM   1450 C CA  . GLU A 1 192 ? 18.265  4.446   -1.621  1.00 24.62  ? 206 GLU A CA  1 
ATOM   1451 C C   . GLU A 1 192 ? 19.159  5.634   -1.295  1.00 25.22  ? 206 GLU A C   1 
ATOM   1452 O O   . GLU A 1 192 ? 18.705  6.742   -0.992  1.00 25.74  ? 206 GLU A O   1 
ATOM   1453 C CB  . GLU A 1 192 ? 18.010  4.366   -3.127  1.00 25.19  ? 206 GLU A CB  1 
ATOM   1454 C CG  . GLU A 1 192 ? 17.501  5.642   -3.719  1.00 27.23  ? 206 GLU A CG  1 
ATOM   1455 C CD  . GLU A 1 192 ? 17.497  5.661   -5.234  1.00 32.11  ? 206 GLU A CD  1 
ATOM   1456 O OE1 . GLU A 1 192 ? 18.181  4.828   -5.862  1.00 32.36  ? 206 GLU A OE1 1 
ATOM   1457 O OE2 . GLU A 1 192 ? 16.827  6.553   -5.766  1.00 34.52  ? 206 GLU A OE2 1 
ATOM   1458 N N   . LYS A 1 193 ? 20.463  5.383   -1.345  1.00 27.75  ? 207 LYS A N   1 
ATOM   1459 C CA  . LYS A 1 193 ? 21.474  6.445   -1.268  1.00 31.11  ? 207 LYS A CA  1 
ATOM   1460 C C   . LYS A 1 193 ? 21.254  7.354   -0.074  1.00 32.25  ? 207 LYS A C   1 
ATOM   1461 O O   . LYS A 1 193 ? 20.966  8.536   -0.242  1.00 33.80  ? 207 LYS A O   1 
ATOM   1462 C CB  . LYS A 1 193 ? 21.495  7.278   -2.560  1.00 36.54  ? 207 LYS A CB  1 
ATOM   1463 C CG  . LYS A 1 193 ? 21.678  6.516   -3.862  1.00 41.80  ? 207 LYS A CG  1 
ATOM   1464 C CD  . LYS A 1 193 ? 21.705  7.513   -5.026  1.00 47.02  ? 207 LYS A CD  1 
ATOM   1465 C CE  . LYS A 1 193 ? 21.183  6.937   -6.339  1.00 51.00  ? 207 LYS A CE  1 
ATOM   1466 N NZ  . LYS A 1 193 ? 20.574  8.002   -7.199  1.00 54.06  ? 207 LYS A NZ  1 
ATOM   1467 N N   . LYS A 1 194 ? 21.345  6.783   1.126   1.00 33.51  ? 208 LYS A N   1 
ATOM   1468 C CA  . LYS A 1 194 ? 21.176  7.538   2.380   1.00 40.45  ? 208 LYS A CA  1 
ATOM   1469 C C   . LYS A 1 194 ? 22.415  7.378   3.240   1.00 41.76  ? 208 LYS A C   1 
ATOM   1470 O O   . LYS A 1 194 ? 22.852  6.248   3.443   1.00 37.44  ? 208 LYS A O   1 
ATOM   1471 C CB  . LYS A 1 194 ? 19.987  7.005   3.167   1.00 43.08  ? 208 LYS A CB  1 
ATOM   1472 C CG  . LYS A 1 194 ? 18.657  7.155   2.450   1.00 49.96  ? 208 LYS A CG  1 
ATOM   1473 C CD  . LYS A 1 194 ? 17.828  8.297   2.990   1.00 52.81  ? 208 LYS A CD  1 
ATOM   1474 C CE  . LYS A 1 194 ? 17.165  7.899   4.294   1.00 54.52  ? 208 LYS A CE  1 
ATOM   1475 N NZ  . LYS A 1 194 ? 16.273  8.990   4.727   1.00 56.43  ? 208 LYS A NZ  1 
ATOM   1476 N N   . PRO A 1 195 ? 22.977  8.499   3.757   1.00 47.54  ? 209 PRO A N   1 
ATOM   1477 C CA  . PRO A 1 195 ? 24.045  8.381   4.771   1.00 50.58  ? 209 PRO A CA  1 
ATOM   1478 C C   . PRO A 1 195 ? 23.560  7.698   6.055   1.00 54.14  ? 209 PRO A C   1 
ATOM   1479 O O   . PRO A 1 195 ? 22.380  7.827   6.410   1.00 56.76  ? 209 PRO A O   1 
ATOM   1480 C CB  . PRO A 1 195 ? 24.433  9.842   5.063   1.00 51.75  ? 209 PRO A CB  1 
ATOM   1481 C CG  . PRO A 1 195 ? 23.938  10.638  3.904   1.00 52.36  ? 209 PRO A CG  1 
ATOM   1482 C CD  . PRO A 1 195 ? 22.749  9.904   3.351   1.00 50.75  ? 209 PRO A CD  1 
ATOM   1483 N N   . THR A 1 196 ? 24.452  6.974   6.727   1.00 58.47  ? 210 THR A N   1 
ATOM   1484 C CA  . THR A 1 196 ? 24.149  6.371   8.031   1.00 63.79  ? 210 THR A CA  1 
ATOM   1485 C C   . THR A 1 196 ? 24.601  7.304   9.163   1.00 67.94  ? 210 THR A C   1 
ATOM   1486 O O   . THR A 1 196 ? 23.774  7.928   9.835   1.00 71.05  ? 210 THR A O   1 
ATOM   1487 C CB  . THR A 1 196 ? 24.829  4.998   8.188   1.00 63.65  ? 210 THR A CB  1 
ATOM   1488 O OG1 . THR A 1 196 ? 26.252  5.156   8.157   1.00 67.28  ? 210 THR A OG1 1 
ATOM   1489 C CG2 . THR A 1 196 ? 24.403  4.064   7.063   1.00 63.18  ? 210 THR A CG2 1 
HETATM 1490 C C   . ACT B 2 .   ? -0.770  -14.622 4.257   1.00 47.28  ? 301 ACT A C   1 
HETATM 1491 O O   . ACT B 2 .   ? -1.467  -13.971 5.072   1.00 48.61  ? 301 ACT A O   1 
HETATM 1492 O OXT . ACT B 2 .   ? 0.382   -14.988 4.538   1.00 41.70  ? 301 ACT A OXT 1 
HETATM 1493 C CH3 . ACT B 2 .   ? -1.327  -14.966 2.909   1.00 47.34  ? 301 ACT A CH3 1 
HETATM 1494 C C   . ACT C 2 .   ? -3.674  15.681  5.872   1.00 57.79  ? 302 ACT A C   1 
HETATM 1495 O O   . ACT C 2 .   ? -4.869  15.415  5.630   1.00 62.33  ? 302 ACT A O   1 
HETATM 1496 O OXT . ACT C 2 .   ? -3.086  15.197  6.862   1.00 63.42  ? 302 ACT A OXT 1 
HETATM 1497 C CH3 . ACT C 2 .   ? -2.934  16.604  4.960   1.00 58.69  ? 302 ACT A CH3 1 
HETATM 1498 S S   . DMS D 3 .   ? -8.754  5.460   14.603  1.00 53.63  ? 303 DMS A S   1 
HETATM 1499 O O   . DMS D 3 .   ? -7.309  5.824   14.675  1.00 37.11  ? 303 DMS A O   1 
HETATM 1500 C C1  . DMS D 3 .   ? -9.695  6.827   14.166  1.00 52.60  ? 303 DMS A C1  1 
HETATM 1501 C C2  . DMS D 3 .   ? -9.136  4.517   13.225  1.00 47.91  ? 303 DMS A C2  1 
HETATM 1502 S S   . DMS E 3 .   ? 1.739   13.099  12.502  1.00 52.85  ? 304 DMS A S   1 
HETATM 1503 O O   . DMS E 3 .   ? 1.967   11.657  12.797  1.00 36.84  ? 304 DMS A O   1 
HETATM 1504 C C1  . DMS E 3 .   ? 2.523   14.131  13.610  1.00 49.49  ? 304 DMS A C1  1 
HETATM 1505 C C2  . DMS E 3 .   ? 2.647   13.470  11.103  1.00 53.37  ? 304 DMS A C2  1 
HETATM 1506 N N1  . H0P F 4 .   ? -7.848  -3.851  -1.027  0.48 33.81  ? 305 H0P A N1  1 
HETATM 1507 C C4  . H0P F 4 .   ? -9.752  -4.992  0.001   0.48 32.40  ? 305 H0P A C4  1 
HETATM 1508 C C5  . H0P F 4 .   ? -10.241 -5.701  1.081   0.48 32.03  ? 305 H0P A C5  1 
HETATM 1509 C C6  . H0P F 4 .   ? -9.412  -5.950  2.141   0.48 33.81  ? 305 H0P A C6  1 
HETATM 1510 C C7  . H0P F 4 .   ? -7.670  -4.858  1.155   0.48 31.02  ? 305 H0P A C7  1 
HETATM 1511 C C8  . H0P F 4 .   ? -6.635  -3.835  -4.303  0.48 38.71  ? 305 H0P A C8  1 
HETATM 1512 C C10 . H0P F 4 .   ? -6.285  -4.382  -6.609  0.48 39.49  ? 305 H0P A C10 1 
HETATM 1513 C C13 . H0P F 4 .   ? -5.624  -4.723  -3.956  0.48 40.06  ? 305 H0P A C13 1 
HETATM 1514 C C1  . H0P F 4 .   ? -7.349  -3.047  -3.239  0.48 37.40  ? 305 H0P A C1  1 
HETATM 1515 C C2  . H0P F 4 .   ? -8.185  -3.920  -2.333  0.48 37.62  ? 305 H0P A C2  1 
HETATM 1516 C C3  . H0P F 4 .   ? -8.429  -4.572  0.026   0.48 33.26  ? 305 H0P A C3  1 
HETATM 1517 N N2  . H0P F 4 .   ? -8.142  -5.537  2.195   0.48 32.05  ? 305 H0P A N2  1 
HETATM 1518 O O1  . H0P F 4 .   ? -9.128  -4.576  -2.755  0.48 38.86  ? 305 H0P A O1  1 
HETATM 1519 C C9  . H0P F 4 .   ? -6.953  -3.664  -5.639  0.48 40.49  ? 305 H0P A C9  1 
HETATM 1520 C C11 . H0P F 4 .   ? -5.296  -5.283  -6.259  0.48 40.56  ? 305 H0P A C11 1 
HETATM 1521 C C12 . H0P F 4 .   ? -4.954  -5.446  -4.927  0.48 39.69  ? 305 H0P A C12 1 
HETATM 1522 O O2  . H0P F 4 .   ? -3.987  -6.332  -4.539  0.48 41.76  ? 305 H0P A O2  1 
HETATM 1523 O O   . HOH G 5 .   ? -5.074  10.440  -18.289 1.00 34.06  ? 401 HOH A O   1 
HETATM 1524 O O   . HOH G 5 .   ? 15.891  10.448  6.528   1.00 47.01  ? 402 HOH A O   1 
HETATM 1525 O O   . HOH G 5 .   ? -13.214 -0.261  10.951  1.00 54.14  ? 403 HOH A O   1 
HETATM 1526 O O   . HOH G 5 .   ? -1.302  15.043  13.390  1.00 37.91  ? 404 HOH A O   1 
HETATM 1527 O O   . HOH G 5 .   ? 7.839   -13.495 -8.996  1.00 53.02  ? 405 HOH A O   1 
HETATM 1528 O O   . HOH G 5 .   ? 20.033  3.031   -5.972  1.00 39.66  ? 406 HOH A O   1 
HETATM 1529 O O   . HOH G 5 .   ? 9.589   -5.208  -9.574  1.00 30.84  ? 407 HOH A O   1 
HETATM 1530 O O   . HOH G 5 .   ? -15.823 0.842   -4.290  1.00 37.62  ? 408 HOH A O   1 
HETATM 1531 O O   . HOH G 5 .   ? 9.479   17.342  2.312   1.00 38.90  ? 409 HOH A O   1 
HETATM 1532 O O   . HOH G 5 .   ? -3.462  -9.417  -3.190  1.00 62.99  ? 410 HOH A O   1 
HETATM 1533 O O   . HOH G 5 .   ? -3.170  -7.809  -6.572  1.00 43.73  ? 411 HOH A O   1 
HETATM 1534 O O   . HOH G 5 .   ? -2.607  13.021  15.848  1.00 28.83  ? 412 HOH A O   1 
HETATM 1535 O O   . HOH G 5 .   ? 14.965  8.133   -4.740  1.00 26.56  ? 413 HOH A O   1 
HETATM 1536 O O   . HOH G 5 .   ? -17.202 9.329   -1.163  1.00 34.50  ? 414 HOH A O   1 
HETATM 1537 O O   . HOH G 5 .   ? -6.238  12.571  -16.883 1.00 41.25  ? 415 HOH A O   1 
HETATM 1538 O O   . HOH G 5 .   ? -15.671 0.126   -14.501 1.00 40.95  ? 416 HOH A O   1 
HETATM 1539 O O   . HOH G 5 .   ? 5.237   -12.491 -6.706  1.00 37.03  ? 417 HOH A O   1 
HETATM 1540 O O   . HOH G 5 .   ? 17.210  -3.811  5.103   1.00 38.22  ? 418 HOH A O   1 
HETATM 1541 O O   . HOH G 5 .   ? -11.026 11.490  -15.048 1.00 80.61  ? 419 HOH A O   1 
HETATM 1542 O O   . HOH G 5 .   ? -0.980  -10.988 -4.129  1.00 33.14  ? 420 HOH A O   1 
HETATM 1543 O O   . HOH G 5 .   ? -19.651 5.072   -1.706  1.00 32.43  ? 421 HOH A O   1 
HETATM 1544 O O   . HOH G 5 .   ? -3.326  -13.147 9.937   1.00 50.98  ? 422 HOH A O   1 
HETATM 1545 O O   . HOH G 5 .   ? 9.257   15.812  10.386  1.00 38.99  ? 423 HOH A O   1 
HETATM 1546 O O   . HOH G 5 .   ? 17.153  -10.688 0.088   1.00 43.59  ? 424 HOH A O   1 
HETATM 1547 O O   . HOH G 5 .   ? 1.388   -10.184 13.578  1.00 36.33  ? 425 HOH A O   1 
HETATM 1548 O O   . HOH G 5 .   ? -0.830  -8.258  -4.899  1.00 26.62  ? 426 HOH A O   1 
HETATM 1549 O O   . HOH G 5 .   ? 9.444   -3.494  -7.466  1.00 27.12  ? 427 HOH A O   1 
HETATM 1550 O O   . HOH G 5 .   ? 3.423   7.643   11.403  1.00 31.95  ? 428 HOH A O   1 
HETATM 1551 O O   . HOH G 5 .   ? -12.337 -11.517 8.409   1.00 42.75  ? 429 HOH A O   1 
HETATM 1552 O O   . HOH G 5 .   ? -10.771 -8.750  11.273  1.00 33.03  ? 430 HOH A O   1 
HETATM 1553 O O   . HOH G 5 .   ? -11.391 -5.397  14.374  1.00 35.48  ? 431 HOH A O   1 
HETATM 1554 O O   . HOH G 5 .   ? 13.192  9.138   5.199   1.00 33.60  ? 432 HOH A O   1 
HETATM 1555 O O   . HOH G 5 .   ? 15.405  -7.980  5.982   1.00 42.07  ? 433 HOH A O   1 
HETATM 1556 O O   . HOH G 5 .   ? -15.989 2.417   -11.333 1.00 41.26  ? 434 HOH A O   1 
HETATM 1557 O O   . HOH G 5 .   ? -12.640 5.243   11.921  1.00 42.21  ? 435 HOH A O   1 
HETATM 1558 O O   . HOH G 5 .   ? 10.982  16.775  -4.119  1.00 36.87  ? 436 HOH A O   1 
HETATM 1559 O O   . HOH G 5 .   ? -0.339  -12.071 17.855  1.00 31.46  ? 437 HOH A O   1 
HETATM 1560 O O   . HOH G 5 .   ? 10.963  14.258  -10.950 1.00 44.18  ? 438 HOH A O   1 
HETATM 1561 O O   . HOH G 5 .   ? 3.977   -7.345  11.462  1.00 47.21  ? 439 HOH A O   1 
HETATM 1562 O O   . HOH G 5 .   ? -0.594  12.653  -7.392  1.00 48.85  ? 440 HOH A O   1 
HETATM 1563 O O   . HOH G 5 .   ? -2.052  12.896  -19.706 1.00 35.70  ? 441 HOH A O   1 
HETATM 1564 O O   . HOH G 5 .   ? -14.707 9.545   -2.064  1.00 28.40  ? 442 HOH A O   1 
HETATM 1565 O O   . HOH G 5 .   ? 25.244  4.978   3.003   1.00 28.93  ? 443 HOH A O   1 
HETATM 1566 O O   . HOH G 5 .   ? 0.266   -10.675 -1.569  1.00 26.11  ? 444 HOH A O   1 
HETATM 1567 O O   . HOH G 5 .   ? -4.521  7.381   -12.233 1.00 38.45  ? 445 HOH A O   1 
HETATM 1568 O O   . HOH G 5 .   ? -15.692 9.002   -9.546  1.00 26.47  ? 446 HOH A O   1 
HETATM 1569 O O   . HOH G 5 .   ? 6.078   -10.499 -8.417  1.00 41.23  ? 447 HOH A O   1 
HETATM 1570 O O   . HOH G 5 .   ? 14.166  9.327   2.594   1.00 30.56  ? 448 HOH A O   1 
HETATM 1571 O O   . HOH G 5 .   ? 14.953  -5.747  -2.947  1.00 33.07  ? 449 HOH A O   1 
HETATM 1572 O O   . HOH G 5 .   ? 19.489  -9.627  0.731   1.00 45.70  ? 450 HOH A O   1 
HETATM 1573 O O   . HOH G 5 .   ? -13.195 4.759   -16.710 1.00 30.46  ? 451 HOH A O   1 
HETATM 1574 O O   . HOH G 5 .   ? -2.187  -4.271  -2.979  1.00 23.39  ? 452 HOH A O   1 
HETATM 1575 O O   . HOH G 5 .   ? 10.361  -14.730 7.431   1.00 45.79  ? 453 HOH A O   1 
HETATM 1576 O O   . HOH G 5 .   ? -8.935  7.410   4.525   1.00 31.42  ? 454 HOH A O   1 
HETATM 1577 O O   . HOH G 5 .   ? -8.875  4.405   -9.391  1.00 23.23  ? 455 HOH A O   1 
HETATM 1578 O O   . HOH G 5 .   ? -18.343 -5.386  9.390   1.00 48.27  ? 456 HOH A O   1 
HETATM 1579 O O   . HOH G 5 .   ? 11.195  -6.790  11.513  1.00 34.64  ? 457 HOH A O   1 
HETATM 1580 O O   . HOH G 5 .   ? 1.334   14.230  7.675   1.00 35.49  ? 458 HOH A O   1 
HETATM 1581 O O   . HOH G 5 .   ? 14.322  12.503  11.398  1.00 38.03  ? 459 HOH A O   1 
HETATM 1582 O O   . HOH G 5 .   ? -0.440  -12.915 0.089   1.00 30.73  ? 460 HOH A O   1 
HETATM 1583 O O   . HOH G 5 .   ? -14.802 10.454  5.980   1.00 53.49  ? 461 HOH A O   1 
HETATM 1584 O O   . HOH G 5 .   ? 9.833   -2.472  13.473  1.00 54.59  ? 462 HOH A O   1 
HETATM 1585 O O   . HOH G 5 .   ? -2.374  9.315   -13.290 1.00 38.20  ? 463 HOH A O   1 
HETATM 1586 O O   . HOH G 5 .   ? -0.330  4.678   13.306  1.00 42.72  ? 464 HOH A O   1 
HETATM 1587 O O   . HOH G 5 .   ? 3.977   -17.531 16.179  1.00 33.81  ? 465 HOH A O   1 
HETATM 1588 O O   . HOH G 5 .   ? -9.087  13.519  -3.177  1.00 42.54  ? 466 HOH A O   1 
HETATM 1589 O O   . HOH G 5 .   ? 15.890  -14.828 0.402   1.00 42.69  ? 467 HOH A O   1 
HETATM 1590 O O   . HOH G 5 .   ? -11.582 -14.005 7.210   1.00 44.07  ? 468 HOH A O   1 
HETATM 1591 O O   . HOH G 5 .   ? -6.317  13.275  3.262   1.00 36.10  ? 469 HOH A O   1 
HETATM 1592 O O   . HOH G 5 .   ? -12.877 1.787   -22.620 1.00 43.40  ? 470 HOH A O   1 
HETATM 1593 O O   . HOH G 5 .   ? 1.855   -17.217 5.886   1.00 49.37  ? 471 HOH A O   1 
HETATM 1594 O O   . HOH G 5 .   ? -7.277  15.386  -8.679  1.00 49.31  ? 472 HOH A O   1 
HETATM 1595 O O   . HOH G 5 .   ? -7.194  3.875   -11.513 1.00 20.81  ? 473 HOH A O   1 
HETATM 1596 O O   . HOH G 5 .   ? -13.694 -2.568  -4.534  1.00 36.85  ? 474 HOH A O   1 
HETATM 1597 O O   . HOH G 5 .   ? 2.984   16.151  -2.102  1.00 45.40  ? 475 HOH A O   1 
HETATM 1598 O O   . HOH G 5 .   ? 14.862  13.736  0.497   1.00 42.48  ? 476 HOH A O   1 
HETATM 1599 O O   . HOH G 5 .   ? 13.804  -1.097  9.578   1.00 37.66  ? 477 HOH A O   1 
HETATM 1600 O O   . HOH G 5 .   ? -3.964  14.217  1.823   1.00 35.38  ? 478 HOH A O   1 
HETATM 1601 O O   . HOH G 5 .   ? 1.583   -2.284  -15.580 1.00 32.49  ? 479 HOH A O   1 
HETATM 1602 O O   . HOH G 5 .   ? -12.535 9.716   -0.193  1.00 29.92  ? 480 HOH A O   1 
HETATM 1603 O O   . HOH G 5 .   ? 18.382  4.113   3.925   1.00 27.36  ? 481 HOH A O   1 
HETATM 1604 O O   . HOH G 5 .   ? -7.520  5.715   -15.867 1.00 22.48  ? 482 HOH A O   1 
HETATM 1605 O O   . HOH G 5 .   ? 13.023  4.233   7.637   1.00 30.50  ? 483 HOH A O   1 
HETATM 1606 O O   . HOH G 5 .   ? -13.703 11.718  9.905   1.00 54.33  ? 484 HOH A O   1 
HETATM 1607 O O   . HOH G 5 .   ? -16.716 -10.590 -2.445  1.00 65.97  ? 485 HOH A O   1 
HETATM 1608 O O   . HOH G 5 .   ? -9.795  10.908  -12.778 1.00 50.61  ? 486 HOH A O   1 
HETATM 1609 O O   . HOH G 5 .   ? -17.833 1.031   -7.856  1.00 35.05  ? 487 HOH A O   1 
HETATM 1610 O O   . HOH G 5 .   ? 12.458  0.587   7.696   1.00 24.66  ? 488 HOH A O   1 
HETATM 1611 O O   . HOH G 5 .   ? -7.786  11.055  -10.531 1.00 35.44  ? 489 HOH A O   1 
HETATM 1612 O O   . HOH G 5 .   ? -0.421  12.228  8.288   1.00 32.93  ? 490 HOH A O   1 
HETATM 1613 O O   . HOH G 5 .   ? -13.745 -4.197  -12.676 1.00 48.60  ? 491 HOH A O   1 
HETATM 1614 O O   . HOH G 5 .   ? -0.477  -9.497  -8.368  1.00 37.41  ? 492 HOH A O   1 
HETATM 1615 O O   . HOH G 5 .   ? -15.460 5.082   3.615   1.00 30.76  ? 493 HOH A O   1 
HETATM 1616 O O   . HOH G 5 .   ? -13.087 9.217   2.346   1.00 45.81  ? 494 HOH A O   1 
HETATM 1617 O O   . HOH G 5 .   ? 2.017   -5.381  12.827  1.00 30.61  ? 495 HOH A O   1 
HETATM 1618 O O   . HOH G 5 .   ? 21.060  4.336   4.798   1.00 35.35  ? 496 HOH A O   1 
HETATM 1619 O O   . HOH G 5 .   ? -5.240  10.629  14.540  1.00 34.51  ? 497 HOH A O   1 
HETATM 1620 O O   . HOH G 5 .   ? -4.214  6.312   19.379  1.00 54.29  ? 498 HOH A O   1 
HETATM 1621 O O   . HOH G 5 .   ? 11.164  -11.818 8.428   1.00 35.93  ? 499 HOH A O   1 
HETATM 1622 O O   . HOH G 5 .   ? 2.780   -18.021 10.965  1.00 36.78  ? 500 HOH A O   1 
HETATM 1623 O O   . HOH G 5 .   ? -10.180 -5.835  -23.270 1.00 44.90  ? 501 HOH A O   1 
HETATM 1624 O O   . HOH G 5 .   ? 2.159   -7.183  16.327  1.00 38.55  ? 502 HOH A O   1 
HETATM 1625 O O   . HOH G 5 .   ? -2.623  0.067   13.439  1.00 46.87  ? 503 HOH A O   1 
HETATM 1626 O O   . HOH G 5 .   ? -14.355 0.961   9.127   1.00 42.39  ? 504 HOH A O   1 
HETATM 1627 O O   . HOH G 5 .   ? -14.136 2.202   -13.230 1.00 28.35  ? 505 HOH A O   1 
HETATM 1628 O O   . HOH G 5 .   ? -6.083  11.748  -7.480  1.00 29.30  ? 506 HOH A O   1 
HETATM 1629 O O   . HOH G 5 .   ? -2.503  -8.768  -16.850 1.00 40.55  ? 507 HOH A O   1 
HETATM 1630 O O   . HOH G 5 .   ? -2.292  13.249  9.738   1.00 43.81  ? 508 HOH A O   1 
HETATM 1631 O O   . HOH G 5 .   ? -13.024 -4.365  0.793   1.00 78.12  ? 509 HOH A O   1 
HETATM 1632 O O   . HOH G 5 .   ? -11.065 12.911  -11.502 1.00 51.67  ? 510 HOH A O   1 
HETATM 1633 O O   . HOH G 5 .   ? -11.985 7.362   -16.752 1.00 46.55  ? 511 HOH A O   1 
HETATM 1634 O O   . HOH G 5 .   ? 0.667   -5.352  -17.797 1.00 39.01  ? 512 HOH A O   1 
HETATM 1635 O O   . HOH G 5 .   ? -16.256 3.877   5.872   1.00 48.87  ? 513 HOH A O   1 
HETATM 1636 O O   . HOH G 5 .   ? -9.720  -3.175  -22.985 1.00 34.29  ? 514 HOH A O   1 
HETATM 1637 O O   . HOH G 5 .   ? -11.511 -0.698  -20.912 1.00 44.94  ? 515 HOH A O   1 
HETATM 1638 O O   . HOH G 5 .   ? -11.474 12.991  8.522   1.00 50.16  ? 516 HOH A O   1 
HETATM 1639 O O   . HOH G 5 .   ? -18.146 3.114   -0.150  1.00 43.93  ? 517 HOH A O   1 
HETATM 1640 O O   . HOH G 5 .   ? 9.610   18.383  -2.306  1.00 47.05  ? 518 HOH A O   1 
HETATM 1641 O O   . HOH G 5 .   ? 1.569   -13.580 -7.384  1.00 56.11  ? 519 HOH A O   1 
HETATM 1642 O O   . HOH G 5 .   ? 1.066   9.668   21.193  1.00 46.60  ? 520 HOH A O   1 
HETATM 1643 O O   . HOH G 5 .   ? 11.541  -4.537  13.306  1.00 43.60  ? 521 HOH A O   1 
HETATM 1644 O O   . HOH G 5 .   ? 17.506  -4.739  -3.154  1.00 46.83  ? 522 HOH A O   1 
HETATM 1645 O O   . HOH G 5 .   ? 28.675  4.836   5.873   1.00 42.09  ? 523 HOH A O   1 
HETATM 1646 O O   . HOH G 5 .   ? 14.603  10.935  -8.511  1.00 47.35  ? 524 HOH A O   1 
HETATM 1647 O O   . HOH G 5 .   ? 27.031  6.452   4.585   1.00 45.16  ? 525 HOH A O   1 
HETATM 1648 O O   . HOH G 5 .   ? -4.480  10.776  -10.060 1.00 45.83  ? 526 HOH A O   1 
HETATM 1649 O O   . HOH G 5 .   ? -15.302 8.142   3.051   1.00 52.62  ? 527 HOH A O   1 
HETATM 1650 O O   . HOH G 5 .   ? 2.186   7.799   18.978  1.00 51.53  ? 528 HOH A O   1 
HETATM 1651 O O   . HOH G 5 .   ? 16.067  11.380  1.729   1.00 51.13  ? 529 HOH A O   1 
HETATM 1652 O O   . HOH G 5 .   ? -8.920  -8.391  13.094  1.00 35.71  ? 530 HOH A O   1 
HETATM 1653 O O   . HOH G 5 .   ? -17.925 4.686   -11.145 1.00 47.44  ? 531 HOH A O   1 
HETATM 1654 O O   . HOH G 5 .   ? 8.365   -15.061 18.339  1.00 50.30  ? 532 HOH A O   1 
HETATM 1655 O O   . HOH G 5 .   ? -0.827  -15.458 -0.460  1.00 51.58  ? 533 HOH A O   1 
HETATM 1656 O O   . HOH G 5 .   ? 13.987  6.741   6.376   1.00 38.73  ? 534 HOH A O   1 
HETATM 1657 O O   . HOH G 5 .   ? 22.150  -8.603  -0.646  1.00 46.97  ? 535 HOH A O   1 
HETATM 1658 O O   . HOH G 5 .   ? 10.446  -8.006  19.938  1.00 55.51  ? 536 HOH A O   1 
HETATM 1659 O O   . HOH G 5 .   ? -10.451 17.255  -6.820  1.00 60.70  ? 537 HOH A O   1 
HETATM 1660 O O   . HOH G 5 .   ? -14.375 4.654   -14.470 1.00 43.35  ? 538 HOH A O   1 
HETATM 1661 O O   . HOH G 5 .   ? 14.853  14.367  -2.333  1.00 45.77  ? 539 HOH A O   1 
HETATM 1662 O O   . HOH G 5 .   ? -6.768  17.074  12.074  1.00 44.18  ? 540 HOH A O   1 
HETATM 1663 O O   . HOH G 5 .   ? 9.647   17.141  -6.502  1.00 50.28  ? 541 HOH A O   1 
HETATM 1664 O O   . HOH G 5 .   ? -12.459 8.543   -14.681 1.00 47.67  ? 542 HOH A O   1 
HETATM 1665 O O   . HOH G 5 .   ? 14.133  -4.129  8.923   1.00 46.58  ? 543 HOH A O   1 
HETATM 1666 O O   . HOH G 5 .   ? -0.497  -12.016 -6.597  1.00 39.04  ? 544 HOH A O   1 
HETATM 1667 O O   . HOH G 5 .   ? -18.160 -10.796 -5.079  1.00 63.68  ? 545 HOH A O   1 
HETATM 1668 O O   . HOH G 5 .   ? -17.771 4.626   2.281   1.00 41.17  ? 546 HOH A O   1 
HETATM 1669 O O   . HOH G 5 .   ? -1.343  13.038  -4.925  1.00 47.77  ? 547 HOH A O   1 
HETATM 1670 O O   . HOH G 5 .   ? -9.105  -6.686  -10.114 1.00 69.44  ? 548 HOH A O   1 
HETATM 1671 O O   . HOH G 5 .   ? 12.740  -6.052  8.926   1.00 37.96  ? 549 HOH A O   1 
HETATM 1672 O O   . HOH G 5 .   ? -3.250  -6.887  -8.775  1.00 54.61  ? 550 HOH A O   1 
HETATM 1673 O O   . HOH G 5 .   ? 16.303  -0.453  9.566   1.00 48.90  ? 551 HOH A O   1 
HETATM 1674 O O   . HOH G 5 .   ? -4.127  13.242  -5.924  1.00 51.73  ? 552 HOH A O   1 
HETATM 1675 O O   . HOH G 5 .   ? 14.900  2.147   7.271   1.00 34.85  ? 553 HOH A O   1 
HETATM 1676 O O   . HOH G 5 .   ? 2.599   -6.645  -16.524 1.00 55.03  ? 554 HOH A O   1 
HETATM 1677 O O   . HOH G 5 .   ? -21.095 6.752   -0.343  1.00 47.39  ? 555 HOH A O   1 
HETATM 1678 O O   . HOH G 5 .   ? 1.571   -11.801 -10.005 1.00 63.09  ? 556 HOH A O   1 
HETATM 1679 O O   . HOH G 5 .   ? 14.397  -8.145  8.212   1.00 48.81  ? 557 HOH A O   1 
HETATM 1680 O O   . HOH G 5 .   ? -6.515  -6.650  -8.796  1.00 73.66  ? 558 HOH A O   1 
HETATM 1681 O O   . HOH G 5 .   ? 17.265  1.572   5.303   1.00 33.74  ? 559 HOH A O   1 
HETATM 1682 O O   . HOH G 5 .   ? -6.134  13.331  -1.244  1.00 50.36  ? 560 HOH A O   1 
HETATM 1683 O O   . HOH G 5 .   ? 18.044  -1.592  8.146   1.00 37.02  ? 561 HOH A O   1 
# 
loop_
_pdbx_poly_seq_scheme.asym_id 
_pdbx_poly_seq_scheme.entity_id 
_pdbx_poly_seq_scheme.seq_id 
_pdbx_poly_seq_scheme.mon_id 
_pdbx_poly_seq_scheme.ndb_seq_num 
_pdbx_poly_seq_scheme.pdb_seq_num 
_pdbx_poly_seq_scheme.auth_seq_num 
_pdbx_poly_seq_scheme.pdb_mon_id 
_pdbx_poly_seq_scheme.auth_mon_id 
_pdbx_poly_seq_scheme.pdb_strand_id 
_pdbx_poly_seq_scheme.pdb_ins_code 
_pdbx_poly_seq_scheme.hetero 
A 1 1   SER 1   15  15  SER SER A . n 
A 1 2   MET 2   16  16  MET MET A . n 
A 1 3   LEU 3   17  17  LEU LEU A . n 
A 1 4   ASP 4   18  18  ASP ASP A . n 
A 1 5   ASP 5   19  19  ASP ASP A . n 
A 1 6   ALA 6   20  20  ALA ALA A . n 
A 1 7   LYS 7   21  21  LYS LYS A . n 
A 1 8   ALA 8   22  22  ALA ALA A . n 
A 1 9   ARG 9   23  23  ARG ARG A . n 
A 1 10  LEU 10  24  24  LEU LEU A . n 
A 1 11  ARG 11  25  25  ARG ARG A . n 
A 1 12  LYS 12  26  26  LYS LYS A . n 
A 1 13  TYR 13  27  27  TYR TYR A . n 
A 1 14  ASP 14  28  28  ASP ASP A . n 
A 1 15  ILE 15  29  29  ILE ILE A . n 
A 1 16  GLY 16  30  30  GLY GLY A . n 
A 1 17  GLY 17  31  31  GLY GLY A . n 
A 1 18  LYS 18  32  32  LYS LYS A . n 
A 1 19  TYR 19  33  33  TYR TYR A . n 
A 1 20  SER 20  34  34  SER SER A . n 
A 1 21  HIS 21  35  35  HIS HIS A . n 
A 1 22  LEU 22  36  36  LEU LEU A . n 
A 1 23  PRO 23  37  37  PRO PRO A . n 
A 1 24  TYR 24  38  38  TYR TYR A . n 
A 1 25  ASN 25  39  39  ASN ASN A . n 
A 1 26  LYS 26  40  40  LYS LYS A . n 
A 1 27  TYR 27  41  41  TYR TYR A . n 
A 1 28  SER 28  42  42  SER SER A . n 
A 1 29  VAL 29  43  43  VAL VAL A . n 
A 1 30  LEU 30  44  44  LEU LEU A . n 
A 1 31  LEU 31  45  45  LEU LEU A . n 
A 1 32  PRO 32  46  46  PRO PRO A . n 
A 1 33  LEU 33  47  47  LEU LEU A . n 
A 1 34  VAL 34  48  48  VAL VAL A . n 
A 1 35  ALA 35  49  49  ALA ALA A . n 
A 1 36  LYS 36  50  50  LYS LYS A . n 
A 1 37  GLU 37  51  51  GLU GLU A . n 
A 1 38  GLY 38  52  52  GLY GLY A . n 
A 1 39  LYS 39  53  53  LYS LYS A . n 
A 1 40  LEU 40  54  54  LEU LEU A . n 
A 1 41  HIS 41  55  55  HIS HIS A . n 
A 1 42  LEU 42  56  56  LEU LEU A . n 
A 1 43  LEU 43  57  57  LEU LEU A . n 
A 1 44  PHE 44  58  58  PHE PHE A . n 
A 1 45  THR 45  59  59  THR THR A . n 
A 1 46  VAL 46  60  60  VAL VAL A . n 
A 1 47  ARG 47  61  61  ARG ARG A . n 
A 1 48  SER 48  62  62  SER SER A . n 
A 1 49  GLU 49  63  63  GLU GLU A . n 
A 1 50  LYS 50  64  64  LYS LYS A . n 
A 1 51  LEU 51  65  65  LEU LEU A . n 
A 1 52  ARG 52  66  66  ARG ARG A . n 
A 1 53  ARG 53  67  67  ARG ARG A . n 
A 1 54  ALA 54  68  68  ALA ALA A . n 
A 1 55  PRO 55  69  69  PRO PRO A . n 
A 1 56  GLY 56  70  70  GLY GLY A . n 
A 1 57  GLU 57  71  71  GLU GLU A . n 
A 1 58  VAL 58  72  72  VAL VAL A . n 
A 1 59  CYS 59  73  73  CYS CYS A . n 
A 1 60  PHE 60  74  74  PHE PHE A . n 
A 1 61  PRO 61  75  75  PRO PRO A . n 
A 1 62  GLY 62  76  76  GLY GLY A . n 
A 1 63  GLY 63  77  77  GLY GLY A . n 
A 1 64  LYS 64  78  78  LYS LYS A . n 
A 1 65  ARG 65  79  79  ARG ARG A . n 
A 1 66  ASP 66  80  80  ASP ASP A . n 
A 1 67  PRO 67  81  81  PRO PRO A . n 
A 1 68  THR 68  82  82  THR THR A . n 
A 1 69  ASP 69  83  83  ASP ASP A . n 
A 1 70  MET 70  84  84  MET MET A . n 
A 1 71  ASP 71  85  85  ASP ASP A . n 
A 1 72  ASP 72  86  86  ASP ASP A . n 
A 1 73  ALA 73  87  87  ALA ALA A . n 
A 1 74  ALA 74  88  88  ALA ALA A . n 
A 1 75  THR 75  89  89  THR THR A . n 
A 1 76  ALA 76  90  90  ALA ALA A . n 
A 1 77  LEU 77  91  91  LEU LEU A . n 
A 1 78  ARG 78  92  92  ARG ARG A . n 
A 1 79  GLU 79  93  93  GLU GLU A . n 
A 1 80  ALA 80  94  94  ALA ALA A . n 
A 1 81  GLN 81  95  95  GLN GLN A . n 
A 1 82  GLU 82  96  96  GLU GLU A . n 
A 1 83  GLU 83  97  97  GLU GLU A . n 
A 1 84  VAL 84  98  98  VAL VAL A . n 
A 1 85  GLY 85  99  99  GLY GLY A . n 
A 1 86  LEU 86  100 100 LEU LEU A . n 
A 1 87  ARG 87  101 101 ARG ARG A . n 
A 1 88  HYP 88  102 102 HYP HYP A . n 
A 1 89  HIS 89  103 103 HIS HIS A . n 
A 1 90  GLN 90  104 104 GLN GLN A . n 
A 1 91  VAL 91  105 105 VAL VAL A . n 
A 1 92  GLU 92  106 106 GLU GLU A . n 
A 1 93  VAL 93  107 107 VAL VAL A . n 
A 1 94  VAL 94  108 108 VAL VAL A . n 
A 1 95  CSO 95  109 109 CSO CSO A . n 
A 1 96  CYS 96  110 110 CYS CYS A . n 
A 1 97  LEU 97  111 111 LEU LEU A . n 
A 1 98  VAL 98  112 112 VAL VAL A . n 
A 1 99  PRO 99  113 113 PRO PRO A . n 
A 1 100 CYS 100 114 114 CYS CYS A . n 
A 1 101 LEU 101 115 115 LEU LEU A . n 
A 1 102 ILE 102 116 116 ILE ILE A . n 
A 1 103 ASP 103 117 117 ASP ASP A . n 
A 1 104 THR 104 118 118 THR THR A . n 
A 1 105 ASP 105 119 119 ASP ASP A . n 
A 1 106 THR 106 120 120 THR THR A . n 
A 1 107 LEU 107 121 121 LEU LEU A . n 
A 1 108 ILE 108 122 122 ILE ILE A . n 
A 1 109 THR 109 123 123 THR THR A . n 
A 1 110 PRO 110 124 124 PRO PRO A . n 
A 1 111 PHE 111 125 125 PHE PHE A . n 
A 1 112 VAL 112 126 126 VAL VAL A . n 
A 1 113 GLY 113 127 127 GLY GLY A . n 
A 1 114 LEU 114 128 128 LEU LEU A . n 
A 1 115 ILE 115 129 129 ILE ILE A . n 
A 1 116 ASP 116 130 130 ASP ASP A . n 
A 1 117 HIS 117 131 131 HIS HIS A . n 
A 1 118 ASN 118 132 132 ASN ASN A . n 
A 1 119 PHE 119 133 133 PHE PHE A . n 
A 1 120 GLN 120 134 134 GLN GLN A . n 
A 1 121 ALA 121 135 135 ALA ALA A . n 
A 1 122 GLN 122 136 136 GLN GLN A . n 
A 1 123 PRO 123 137 137 PRO PRO A . n 
A 1 124 ASN 124 138 138 ASN ASN A . n 
A 1 125 PRO 125 139 139 PRO PRO A . n 
A 1 126 ALA 126 140 140 ALA ALA A . n 
A 1 127 GLU 127 141 141 GLU GLU A . n 
A 1 128 VAL 128 142 142 VAL VAL A . n 
A 1 129 LYS 129 143 143 LYS LYS A . n 
A 1 130 ASP 130 144 144 ASP ASP A . n 
A 1 131 VAL 131 145 145 VAL VAL A . n 
A 1 132 PHE 132 146 146 PHE PHE A . n 
A 1 133 LEU 133 147 147 LEU LEU A . n 
A 1 134 VAL 134 148 148 VAL VAL A . n 
A 1 135 PRO 135 149 149 PRO PRO A . n 
A 1 136 LEU 136 150 150 LEU LEU A . n 
A 1 137 ALA 137 151 151 ALA ALA A . n 
A 1 138 TYR 138 152 152 TYR TYR A . n 
A 1 139 PHE 139 153 153 PHE PHE A . n 
A 1 140 LEU 140 154 154 LEU LEU A . n 
A 1 141 HIS 141 155 155 HIS HIS A . n 
A 1 142 PRO 142 156 156 PRO PRO A . n 
A 1 143 GLN 143 157 157 GLN GLN A . n 
A 1 144 VAL 144 158 158 VAL VAL A . n 
A 1 145 HIS 145 159 159 HIS HIS A . n 
A 1 146 ASP 146 160 160 ASP ASP A . n 
A 1 147 GLN 147 161 161 GLN GLN A . n 
A 1 148 HIS 148 162 ?   ?   ?   A . n 
A 1 149 TYR 149 163 ?   ?   ?   A . n 
A 1 150 VAL 150 164 ?   ?   ?   A . n 
A 1 151 THR 151 165 ?   ?   ?   A . n 
A 1 152 ARG 152 166 ?   ?   ?   A . n 
A 1 153 LEU 153 167 ?   ?   ?   A . n 
A 1 154 GLY 154 168 ?   ?   ?   A . n 
A 1 155 HIS 155 169 ?   ?   ?   A . n 
A 1 156 ARG 156 170 ?   ?   ?   A . n 
A 1 157 PHE 157 171 ?   ?   ?   A . n 
A 1 158 ILE 158 172 172 ILE ILE A . n 
A 1 159 ASN 159 173 173 ASN ASN A . n 
A 1 160 HIS 160 174 174 HIS HIS A . n 
A 1 161 ILE 161 175 175 ILE ILE A . n 
A 1 162 PHE 162 176 176 PHE PHE A . n 
A 1 163 GLU 163 177 177 GLU GLU A . n 
A 1 164 TYR 164 178 178 TYR TYR A . n 
A 1 165 THR 165 179 179 THR THR A . n 
A 1 166 ASN 166 180 180 ASN ASN A . n 
A 1 167 PRO 167 181 181 PRO PRO A . n 
A 1 168 GLU 168 182 182 GLU GLU A . n 
A 1 169 ASP 169 183 183 ASP ASP A . n 
A 1 170 GLY 170 184 184 GLY GLY A . n 
A 1 171 VAL 171 185 185 VAL VAL A . n 
A 1 172 THR 172 186 186 THR THR A . n 
A 1 173 TYR 173 187 187 TYR TYR A . n 
A 1 174 GLN 174 188 188 GLN GLN A . n 
A 1 175 ILE 175 189 189 ILE ILE A . n 
A 1 176 LYS 176 190 190 LYS LYS A . n 
A 1 177 GLY 177 191 191 GLY GLY A . n 
A 1 178 MET 178 192 192 MET MET A . n 
A 1 179 THR 179 193 193 THR THR A . n 
A 1 180 ALA 180 194 194 ALA ALA A . n 
A 1 181 ASN 181 195 195 ASN ASN A . n 
A 1 182 LEU 182 196 196 LEU LEU A . n 
A 1 183 ALA 183 197 197 ALA ALA A . n 
A 1 184 VAL 184 198 198 VAL VAL A . n 
A 1 185 LEU 185 199 199 LEU LEU A . n 
A 1 186 VAL 186 200 200 VAL VAL A . n 
A 1 187 ALA 187 201 201 ALA ALA A . n 
A 1 188 PHE 188 202 202 PHE PHE A . n 
A 1 189 ILE 189 203 203 ILE ILE A . n 
A 1 190 ILE 190 204 204 ILE ILE A . n 
A 1 191 LEU 191 205 205 LEU LEU A . n 
A 1 192 GLU 192 206 206 GLU GLU A . n 
A 1 193 LYS 193 207 207 LYS LYS A . n 
A 1 194 LYS 194 208 208 LYS LYS A . n 
A 1 195 PRO 195 209 209 PRO PRO A . n 
A 1 196 THR 196 210 210 THR THR A . n 
# 
loop_
_pdbx_nonpoly_scheme.asym_id 
_pdbx_nonpoly_scheme.entity_id 
_pdbx_nonpoly_scheme.mon_id 
_pdbx_nonpoly_scheme.ndb_seq_num 
_pdbx_nonpoly_scheme.pdb_seq_num 
_pdbx_nonpoly_scheme.auth_seq_num 
_pdbx_nonpoly_scheme.pdb_mon_id 
_pdbx_nonpoly_scheme.auth_mon_id 
_pdbx_nonpoly_scheme.pdb_strand_id 
_pdbx_nonpoly_scheme.pdb_ins_code 
B 2 ACT 1   301 1   ACT ACT A . 
C 2 ACT 1   302 2   ACT ACT A . 
D 3 DMS 1   303 1   DMS DMS A . 
E 3 DMS 1   304 2   DMS DMS A . 
F 4 H0P 1   305 1   H0P LIG A . 
G 5 HOH 1   401 9   HOH HOH A . 
G 5 HOH 2   402 166 HOH HOH A . 
G 5 HOH 3   403 69  HOH HOH A . 
G 5 HOH 4   404 143 HOH HOH A . 
G 5 HOH 5   405 162 HOH HOH A . 
G 5 HOH 6   406 94  HOH HOH A . 
G 5 HOH 7   407 64  HOH HOH A . 
G 5 HOH 8   408 79  HOH HOH A . 
G 5 HOH 9   409 113 HOH HOH A . 
G 5 HOH 10  410 208 HOH HOH A . 
G 5 HOH 11  411 54  HOH HOH A . 
G 5 HOH 12  412 13  HOH HOH A . 
G 5 HOH 13  413 105 HOH HOH A . 
G 5 HOH 14  414 19  HOH HOH A . 
G 5 HOH 15  415 202 HOH HOH A . 
G 5 HOH 16  416 140 HOH HOH A . 
G 5 HOH 17  417 124 HOH HOH A . 
G 5 HOH 18  418 197 HOH HOH A . 
G 5 HOH 19  419 203 HOH HOH A . 
G 5 HOH 20  420 18  HOH HOH A . 
G 5 HOH 21  421 26  HOH HOH A . 
G 5 HOH 22  422 80  HOH HOH A . 
G 5 HOH 23  423 199 HOH HOH A . 
G 5 HOH 24  424 118 HOH HOH A . 
G 5 HOH 25  425 134 HOH HOH A . 
G 5 HOH 26  426 20  HOH HOH A . 
G 5 HOH 27  427 53  HOH HOH A . 
G 5 HOH 28  428 108 HOH HOH A . 
G 5 HOH 29  429 48  HOH HOH A . 
G 5 HOH 30  430 15  HOH HOH A . 
G 5 HOH 31  431 110 HOH HOH A . 
G 5 HOH 32  432 101 HOH HOH A . 
G 5 HOH 33  433 117 HOH HOH A . 
G 5 HOH 34  434 157 HOH HOH A . 
G 5 HOH 35  435 35  HOH HOH A . 
G 5 HOH 36  436 109 HOH HOH A . 
G 5 HOH 37  437 116 HOH HOH A . 
G 5 HOH 38  438 146 HOH HOH A . 
G 5 HOH 39  439 179 HOH HOH A . 
G 5 HOH 40  440 62  HOH HOH A . 
G 5 HOH 41  441 25  HOH HOH A . 
G 5 HOH 42  442 6   HOH HOH A . 
G 5 HOH 43  443 12  HOH HOH A . 
G 5 HOH 44  444 97  HOH HOH A . 
G 5 HOH 45  445 59  HOH HOH A . 
G 5 HOH 46  446 10  HOH HOH A . 
G 5 HOH 47  447 125 HOH HOH A . 
G 5 HOH 48  448 99  HOH HOH A . 
G 5 HOH 49  449 104 HOH HOH A . 
G 5 HOH 50  450 167 HOH HOH A . 
G 5 HOH 51  451 36  HOH HOH A . 
G 5 HOH 52  452 3   HOH HOH A . 
G 5 HOH 53  453 158 HOH HOH A . 
G 5 HOH 54  454 39  HOH HOH A . 
G 5 HOH 55  455 14  HOH HOH A . 
G 5 HOH 56  456 61  HOH HOH A . 
G 5 HOH 57  457 103 HOH HOH A . 
G 5 HOH 58  458 85  HOH HOH A . 
G 5 HOH 59  459 137 HOH HOH A . 
G 5 HOH 60  460 102 HOH HOH A . 
G 5 HOH 61  461 182 HOH HOH A . 
G 5 HOH 62  462 176 HOH HOH A . 
G 5 HOH 63  463 38  HOH HOH A . 
G 5 HOH 64  464 58  HOH HOH A . 
G 5 HOH 65  465 193 HOH HOH A . 
G 5 HOH 66  466 34  HOH HOH A . 
G 5 HOH 67  467 139 HOH HOH A . 
G 5 HOH 68  468 46  HOH HOH A . 
G 5 HOH 69  469 22  HOH HOH A . 
G 5 HOH 70  470 152 HOH HOH A . 
G 5 HOH 71  471 186 HOH HOH A . 
G 5 HOH 72  472 78  HOH HOH A . 
G 5 HOH 73  473 8   HOH HOH A . 
G 5 HOH 74  474 56  HOH HOH A . 
G 5 HOH 75  475 49  HOH HOH A . 
G 5 HOH 76  476 153 HOH HOH A . 
G 5 HOH 77  477 106 HOH HOH A . 
G 5 HOH 78  478 37  HOH HOH A . 
G 5 HOH 79  479 7   HOH HOH A . 
G 5 HOH 80  480 1   HOH HOH A . 
G 5 HOH 81  481 45  HOH HOH A . 
G 5 HOH 82  482 2   HOH HOH A . 
G 5 HOH 83  483 170 HOH HOH A . 
G 5 HOH 84  484 88  HOH HOH A . 
G 5 HOH 85  485 201 HOH HOH A . 
G 5 HOH 86  486 75  HOH HOH A . 
G 5 HOH 87  487 42  HOH HOH A . 
G 5 HOH 88  488 98  HOH HOH A . 
G 5 HOH 89  489 31  HOH HOH A . 
G 5 HOH 90  490 28  HOH HOH A . 
G 5 HOH 91  491 141 HOH HOH A . 
G 5 HOH 92  492 30  HOH HOH A . 
G 5 HOH 93  493 55  HOH HOH A . 
G 5 HOH 94  494 191 HOH HOH A . 
G 5 HOH 95  495 96  HOH HOH A . 
G 5 HOH 96  496 24  HOH HOH A . 
G 5 HOH 97  497 27  HOH HOH A . 
G 5 HOH 98  498 71  HOH HOH A . 
G 5 HOH 99  499 121 HOH HOH A . 
G 5 HOH 100 500 154 HOH HOH A . 
G 5 HOH 101 501 72  HOH HOH A . 
G 5 HOH 102 502 200 HOH HOH A . 
G 5 HOH 103 503 159 HOH HOH A . 
G 5 HOH 104 504 5   HOH HOH A . 
G 5 HOH 105 505 17  HOH HOH A . 
G 5 HOH 106 506 21  HOH HOH A . 
G 5 HOH 107 507 43  HOH HOH A . 
G 5 HOH 108 508 145 HOH HOH A . 
G 5 HOH 109 509 196 HOH HOH A . 
G 5 HOH 110 510 63  HOH HOH A . 
G 5 HOH 111 511 149 HOH HOH A . 
G 5 HOH 112 512 23  HOH HOH A . 
G 5 HOH 113 513 66  HOH HOH A . 
G 5 HOH 114 514 138 HOH HOH A . 
G 5 HOH 115 515 194 HOH HOH A . 
G 5 HOH 116 516 111 HOH HOH A . 
G 5 HOH 117 517 50  HOH HOH A . 
G 5 HOH 118 518 126 HOH HOH A . 
G 5 HOH 119 519 178 HOH HOH A . 
G 5 HOH 120 520 155 HOH HOH A . 
G 5 HOH 121 521 184 HOH HOH A . 
G 5 HOH 122 522 147 HOH HOH A . 
G 5 HOH 123 523 174 HOH HOH A . 
G 5 HOH 124 524 119 HOH HOH A . 
G 5 HOH 125 525 57  HOH HOH A . 
G 5 HOH 126 526 44  HOH HOH A . 
G 5 HOH 127 527 169 HOH HOH A . 
G 5 HOH 128 528 122 HOH HOH A . 
G 5 HOH 129 529 161 HOH HOH A . 
G 5 HOH 130 530 16  HOH HOH A . 
G 5 HOH 131 531 129 HOH HOH A . 
G 5 HOH 132 532 172 HOH HOH A . 
G 5 HOH 133 533 150 HOH HOH A . 
G 5 HOH 134 534 127 HOH HOH A . 
G 5 HOH 135 535 177 HOH HOH A . 
G 5 HOH 136 536 204 HOH HOH A . 
G 5 HOH 137 537 205 HOH HOH A . 
G 5 HOH 138 538 144 HOH HOH A . 
G 5 HOH 139 539 123 HOH HOH A . 
G 5 HOH 140 540 29  HOH HOH A . 
G 5 HOH 141 541 168 HOH HOH A . 
G 5 HOH 142 542 173 HOH HOH A . 
G 5 HOH 143 543 192 HOH HOH A . 
G 5 HOH 144 544 52  HOH HOH A . 
G 5 HOH 145 545 207 HOH HOH A . 
G 5 HOH 146 546 131 HOH HOH A . 
G 5 HOH 147 547 190 HOH HOH A . 
G 5 HOH 148 548 163 HOH HOH A . 
G 5 HOH 149 549 188 HOH HOH A . 
G 5 HOH 150 550 133 HOH HOH A . 
G 5 HOH 151 551 148 HOH HOH A . 
G 5 HOH 152 552 132 HOH HOH A . 
G 5 HOH 153 553 171 HOH HOH A . 
G 5 HOH 154 554 195 HOH HOH A . 
G 5 HOH 155 555 165 HOH HOH A . 
G 5 HOH 156 556 185 HOH HOH A . 
G 5 HOH 157 557 130 HOH HOH A . 
G 5 HOH 158 558 142 HOH HOH A . 
G 5 HOH 159 559 68  HOH HOH A . 
G 5 HOH 160 560 164 HOH HOH A . 
G 5 HOH 161 561 115 HOH HOH A . 
# 
loop_
_pdbx_struct_mod_residue.id 
_pdbx_struct_mod_residue.label_asym_id 
_pdbx_struct_mod_residue.label_comp_id 
_pdbx_struct_mod_residue.label_seq_id 
_pdbx_struct_mod_residue.auth_asym_id 
_pdbx_struct_mod_residue.auth_comp_id 
_pdbx_struct_mod_residue.auth_seq_id 
_pdbx_struct_mod_residue.PDB_ins_code 
_pdbx_struct_mod_residue.parent_comp_id 
_pdbx_struct_mod_residue.details 
1 A HYP 88 A HYP 102 ? PRO 'modified residue' 
2 A CSO 95 A CSO 109 ? CYS 'modified residue' 
# 
_pdbx_struct_assembly.id                   1 
_pdbx_struct_assembly.details              author_and_software_defined_assembly 
_pdbx_struct_assembly.method_details       PISA 
_pdbx_struct_assembly.oligomeric_details   monomeric 
_pdbx_struct_assembly.oligomeric_count     1 
# 
_pdbx_struct_assembly_gen.assembly_id       1 
_pdbx_struct_assembly_gen.oper_expression   1 
_pdbx_struct_assembly_gen.asym_id_list      A,B,C,D,E,F,G 
# 
loop_
_pdbx_struct_assembly_prop.biol_id 
_pdbx_struct_assembly_prop.type 
_pdbx_struct_assembly_prop.value 
_pdbx_struct_assembly_prop.details 
1 'ABSA (A^2)' 770   ? 
1 MORE         4     ? 
1 'SSA (A^2)'  10280 ? 
# 
_pdbx_struct_oper_list.id                   1 
_pdbx_struct_oper_list.type                 'identity operation' 
_pdbx_struct_oper_list.name                 1_555 
_pdbx_struct_oper_list.symmetry_operation   x,y,z 
_pdbx_struct_oper_list.matrix[1][1]         1.0000000000 
_pdbx_struct_oper_list.matrix[1][2]         0.0000000000 
_pdbx_struct_oper_list.matrix[1][3]         0.0000000000 
_pdbx_struct_oper_list.vector[1]            0.0000000000 
_pdbx_struct_oper_list.matrix[2][1]         0.0000000000 
_pdbx_struct_oper_list.matrix[2][2]         1.0000000000 
_pdbx_struct_oper_list.matrix[2][3]         0.0000000000 
_pdbx_struct_oper_list.vector[2]            0.0000000000 
_pdbx_struct_oper_list.matrix[3][1]         0.0000000000 
_pdbx_struct_oper_list.matrix[3][2]         0.0000000000 
_pdbx_struct_oper_list.matrix[3][3]         1.0000000000 
_pdbx_struct_oper_list.vector[3]            0.0000000000 
# 
loop_
_pdbx_audit_revision_history.ordinal 
_pdbx_audit_revision_history.data_content_type 
_pdbx_audit_revision_history.major_revision 
_pdbx_audit_revision_history.minor_revision 
_pdbx_audit_revision_history.revision_date 
1 'Structure model' 1 0 2019-03-27 
2 'Structure model' 1 1 2023-11-15 
# 
_pdbx_audit_revision_details.ordinal             1 
_pdbx_audit_revision_details.revision_ordinal    1 
_pdbx_audit_revision_details.data_content_type   'Structure model' 
_pdbx_audit_revision_details.provider            repository 
_pdbx_audit_revision_details.type                'Initial release' 
_pdbx_audit_revision_details.description         ? 
_pdbx_audit_revision_details.details             ? 
# 
loop_
_pdbx_audit_revision_group.ordinal 
_pdbx_audit_revision_group.revision_ordinal 
_pdbx_audit_revision_group.data_content_type 
_pdbx_audit_revision_group.group 
1 2 'Structure model' 'Data collection'     
2 2 'Structure model' 'Database references' 
# 
loop_
_pdbx_audit_revision_category.ordinal 
_pdbx_audit_revision_category.revision_ordinal 
_pdbx_audit_revision_category.data_content_type 
_pdbx_audit_revision_category.category 
1 2 'Structure model' chem_comp_atom 
2 2 'Structure model' chem_comp_bond 
3 2 'Structure model' database_2     
# 
loop_
_pdbx_audit_revision_item.ordinal 
_pdbx_audit_revision_item.revision_ordinal 
_pdbx_audit_revision_item.data_content_type 
_pdbx_audit_revision_item.item 
1 2 'Structure model' '_database_2.pdbx_DOI'                
2 2 'Structure model' '_database_2.pdbx_database_accession' 
# 
_phasing.method   MR 
# 
loop_
_software.pdbx_ordinal 
_software.name 
_software.version 
_software.date 
_software.type 
_software.contact_author 
_software.contact_author_email 
_software.classification 
_software.location 
_software.language 
_software.citation_id 
1 REFMAC      5.8.0189 ?               program 'Garib N. Murshudov' garib@ysbl.york.ac.uk    refinement        
http://www.ccp4.ac.uk/dist/html/refmac5.html        Fortran_77 ? 
2 Aimless     0.5.32   29/03/17        program 'Phil Evans'         ?                        'data scaling'    
http://www.mrc-lmb.cam.ac.uk/harry/pre/aimless.html ?          ? 
3 PDB_EXTRACT 3.23     'SEP. 23, 2016' package PDB                  deposit@deposit.rcsb.org 'data extraction' 
http://sw-tools.pdb.org/apps/PDB_EXTRACT/           C++        ? 
4 XDS         .        ?               program ?                    ?                        'data reduction'  ? ?          ? 
5 REFMAC      .        ?               program ?                    ?                        phasing           ? ?          ? 
# 
loop_
_pdbx_validate_torsion.id 
_pdbx_validate_torsion.PDB_model_num 
_pdbx_validate_torsion.auth_comp_id 
_pdbx_validate_torsion.auth_asym_id 
_pdbx_validate_torsion.auth_seq_id 
_pdbx_validate_torsion.PDB_ins_code 
_pdbx_validate_torsion.label_alt_id 
_pdbx_validate_torsion.phi 
_pdbx_validate_torsion.psi 
1 1 ASP A 117 ? ? 59.27 19.48  
2 1 THR A 118 ? ? 70.84 -19.09 
# 
loop_
_pdbx_unobs_or_zero_occ_atoms.id 
_pdbx_unobs_or_zero_occ_atoms.PDB_model_num 
_pdbx_unobs_or_zero_occ_atoms.polymer_flag 
_pdbx_unobs_or_zero_occ_atoms.occupancy_flag 
_pdbx_unobs_or_zero_occ_atoms.auth_asym_id 
_pdbx_unobs_or_zero_occ_atoms.auth_comp_id 
_pdbx_unobs_or_zero_occ_atoms.auth_seq_id 
_pdbx_unobs_or_zero_occ_atoms.PDB_ins_code 
_pdbx_unobs_or_zero_occ_atoms.auth_atom_id 
_pdbx_unobs_or_zero_occ_atoms.label_alt_id 
_pdbx_unobs_or_zero_occ_atoms.label_asym_id 
_pdbx_unobs_or_zero_occ_atoms.label_comp_id 
_pdbx_unobs_or_zero_occ_atoms.label_seq_id 
_pdbx_unobs_or_zero_occ_atoms.label_atom_id 
1 1 Y 1 A GLN 161 ? CG  ? A GLN 147 CG  
2 1 Y 1 A GLN 161 ? CD  ? A GLN 147 CD  
3 1 Y 1 A GLN 161 ? OE1 ? A GLN 147 OE1 
4 1 Y 1 A GLN 161 ? NE2 ? A GLN 147 NE2 
# 
loop_
_pdbx_unobs_or_zero_occ_residues.id 
_pdbx_unobs_or_zero_occ_residues.PDB_model_num 
_pdbx_unobs_or_zero_occ_residues.polymer_flag 
_pdbx_unobs_or_zero_occ_residues.occupancy_flag 
_pdbx_unobs_or_zero_occ_residues.auth_asym_id 
_pdbx_unobs_or_zero_occ_residues.auth_comp_id 
_pdbx_unobs_or_zero_occ_residues.auth_seq_id 
_pdbx_unobs_or_zero_occ_residues.PDB_ins_code 
_pdbx_unobs_or_zero_occ_residues.label_asym_id 
_pdbx_unobs_or_zero_occ_residues.label_comp_id 
_pdbx_unobs_or_zero_occ_residues.label_seq_id 
1  1 Y 1 A HIS 162 ? A HIS 148 
2  1 Y 1 A TYR 163 ? A TYR 149 
3  1 Y 1 A VAL 164 ? A VAL 150 
4  1 Y 1 A THR 165 ? A THR 151 
5  1 Y 1 A ARG 166 ? A ARG 152 
6  1 Y 1 A LEU 167 ? A LEU 153 
7  1 Y 1 A GLY 168 ? A GLY 154 
8  1 Y 1 A HIS 169 ? A HIS 155 
9  1 Y 1 A ARG 170 ? A ARG 156 
10 1 Y 1 A PHE 171 ? A PHE 157 
# 
loop_
_chem_comp_atom.comp_id 
_chem_comp_atom.atom_id 
_chem_comp_atom.type_symbol 
_chem_comp_atom.pdbx_aromatic_flag 
_chem_comp_atom.pdbx_stereo_config 
_chem_comp_atom.pdbx_ordinal 
ACT C    C N N 1   
ACT O    O N N 2   
ACT OXT  O N N 3   
ACT CH3  C N N 4   
ACT H1   H N N 5   
ACT H2   H N N 6   
ACT H3   H N N 7   
ALA N    N N N 8   
ALA CA   C N S 9   
ALA C    C N N 10  
ALA O    O N N 11  
ALA CB   C N N 12  
ALA OXT  O N N 13  
ALA H    H N N 14  
ALA H2   H N N 15  
ALA HA   H N N 16  
ALA HB1  H N N 17  
ALA HB2  H N N 18  
ALA HB3  H N N 19  
ALA HXT  H N N 20  
ARG N    N N N 21  
ARG CA   C N S 22  
ARG C    C N N 23  
ARG O    O N N 24  
ARG CB   C N N 25  
ARG CG   C N N 26  
ARG CD   C N N 27  
ARG NE   N N N 28  
ARG CZ   C N N 29  
ARG NH1  N N N 30  
ARG NH2  N N N 31  
ARG OXT  O N N 32  
ARG H    H N N 33  
ARG H2   H N N 34  
ARG HA   H N N 35  
ARG HB2  H N N 36  
ARG HB3  H N N 37  
ARG HG2  H N N 38  
ARG HG3  H N N 39  
ARG HD2  H N N 40  
ARG HD3  H N N 41  
ARG HE   H N N 42  
ARG HH11 H N N 43  
ARG HH12 H N N 44  
ARG HH21 H N N 45  
ARG HH22 H N N 46  
ARG HXT  H N N 47  
ASN N    N N N 48  
ASN CA   C N S 49  
ASN C    C N N 50  
ASN O    O N N 51  
ASN CB   C N N 52  
ASN CG   C N N 53  
ASN OD1  O N N 54  
ASN ND2  N N N 55  
ASN OXT  O N N 56  
ASN H    H N N 57  
ASN H2   H N N 58  
ASN HA   H N N 59  
ASN HB2  H N N 60  
ASN HB3  H N N 61  
ASN HD21 H N N 62  
ASN HD22 H N N 63  
ASN HXT  H N N 64  
ASP N    N N N 65  
ASP CA   C N S 66  
ASP C    C N N 67  
ASP O    O N N 68  
ASP CB   C N N 69  
ASP CG   C N N 70  
ASP OD1  O N N 71  
ASP OD2  O N N 72  
ASP OXT  O N N 73  
ASP H    H N N 74  
ASP H2   H N N 75  
ASP HA   H N N 76  
ASP HB2  H N N 77  
ASP HB3  H N N 78  
ASP HD2  H N N 79  
ASP HXT  H N N 80  
CSO N    N N N 81  
CSO CA   C N R 82  
CSO CB   C N N 83  
CSO SG   S N N 84  
CSO C    C N N 85  
CSO O    O N N 86  
CSO OXT  O N N 87  
CSO OD   O N N 88  
CSO H    H N N 89  
CSO H2   H N N 90  
CSO HA   H N N 91  
CSO HB2  H N N 92  
CSO HB3  H N N 93  
CSO HXT  H N N 94  
CSO HD   H N N 95  
CYS N    N N N 96  
CYS CA   C N R 97  
CYS C    C N N 98  
CYS O    O N N 99  
CYS CB   C N N 100 
CYS SG   S N N 101 
CYS OXT  O N N 102 
CYS H    H N N 103 
CYS H2   H N N 104 
CYS HA   H N N 105 
CYS HB2  H N N 106 
CYS HB3  H N N 107 
CYS HG   H N N 108 
CYS HXT  H N N 109 
DMS S    S N N 110 
DMS O    O N N 111 
DMS C1   C N N 112 
DMS C2   C N N 113 
DMS H11  H N N 114 
DMS H12  H N N 115 
DMS H13  H N N 116 
DMS H21  H N N 117 
DMS H22  H N N 118 
DMS H23  H N N 119 
GLN N    N N N 120 
GLN CA   C N S 121 
GLN C    C N N 122 
GLN O    O N N 123 
GLN CB   C N N 124 
GLN CG   C N N 125 
GLN CD   C N N 126 
GLN OE1  O N N 127 
GLN NE2  N N N 128 
GLN OXT  O N N 129 
GLN H    H N N 130 
GLN H2   H N N 131 
GLN HA   H N N 132 
GLN HB2  H N N 133 
GLN HB3  H N N 134 
GLN HG2  H N N 135 
GLN HG3  H N N 136 
GLN HE21 H N N 137 
GLN HE22 H N N 138 
GLN HXT  H N N 139 
GLU N    N N N 140 
GLU CA   C N S 141 
GLU C    C N N 142 
GLU O    O N N 143 
GLU CB   C N N 144 
GLU CG   C N N 145 
GLU CD   C N N 146 
GLU OE1  O N N 147 
GLU OE2  O N N 148 
GLU OXT  O N N 149 
GLU H    H N N 150 
GLU H2   H N N 151 
GLU HA   H N N 152 
GLU HB2  H N N 153 
GLU HB3  H N N 154 
GLU HG2  H N N 155 
GLU HG3  H N N 156 
GLU HE2  H N N 157 
GLU HXT  H N N 158 
GLY N    N N N 159 
GLY CA   C N N 160 
GLY C    C N N 161 
GLY O    O N N 162 
GLY OXT  O N N 163 
GLY H    H N N 164 
GLY H2   H N N 165 
GLY HA2  H N N 166 
GLY HA3  H N N 167 
GLY HXT  H N N 168 
H0P N1   N N N 169 
H0P C4   C Y N 170 
H0P C5   C Y N 171 
H0P C6   C Y N 172 
H0P C7   C Y N 173 
H0P C8   C Y N 174 
H0P C10  C Y N 175 
H0P C13  C Y N 176 
H0P C1   C N N 177 
H0P C2   C N N 178 
H0P C3   C Y N 179 
H0P N2   N Y N 180 
H0P O1   O N N 181 
H0P C9   C Y N 182 
H0P C11  C Y N 183 
H0P C12  C Y N 184 
H0P O2   O N N 185 
H0P H1   H N N 186 
H0P H2   H N N 187 
H0P H3   H N N 188 
H0P H4   H N N 189 
H0P H5   H N N 190 
H0P H6   H N N 191 
H0P H7   H N N 192 
H0P H8   H N N 193 
H0P H9   H N N 194 
H0P H10  H N N 195 
H0P H11  H N N 196 
H0P H12  H N N 197 
HIS N    N N N 198 
HIS CA   C N S 199 
HIS C    C N N 200 
HIS O    O N N 201 
HIS CB   C N N 202 
HIS CG   C Y N 203 
HIS ND1  N Y N 204 
HIS CD2  C Y N 205 
HIS CE1  C Y N 206 
HIS NE2  N Y N 207 
HIS OXT  O N N 208 
HIS H    H N N 209 
HIS H2   H N N 210 
HIS HA   H N N 211 
HIS HB2  H N N 212 
HIS HB3  H N N 213 
HIS HD1  H N N 214 
HIS HD2  H N N 215 
HIS HE1  H N N 216 
HIS HE2  H N N 217 
HIS HXT  H N N 218 
HOH O    O N N 219 
HOH H1   H N N 220 
HOH H2   H N N 221 
HYP N    N N N 222 
HYP CA   C N S 223 
HYP C    C N N 224 
HYP O    O N N 225 
HYP CB   C N N 226 
HYP CG   C N R 227 
HYP CD   C N N 228 
HYP OD1  O N N 229 
HYP OXT  O N N 230 
HYP H    H N N 231 
HYP HA   H N N 232 
HYP HB2  H N N 233 
HYP HB3  H N N 234 
HYP HG   H N N 235 
HYP HD22 H N N 236 
HYP HD23 H N N 237 
HYP HD1  H N N 238 
HYP HXT  H N N 239 
ILE N    N N N 240 
ILE CA   C N S 241 
ILE C    C N N 242 
ILE O    O N N 243 
ILE CB   C N S 244 
ILE CG1  C N N 245 
ILE CG2  C N N 246 
ILE CD1  C N N 247 
ILE OXT  O N N 248 
ILE H    H N N 249 
ILE H2   H N N 250 
ILE HA   H N N 251 
ILE HB   H N N 252 
ILE HG12 H N N 253 
ILE HG13 H N N 254 
ILE HG21 H N N 255 
ILE HG22 H N N 256 
ILE HG23 H N N 257 
ILE HD11 H N N 258 
ILE HD12 H N N 259 
ILE HD13 H N N 260 
ILE HXT  H N N 261 
LEU N    N N N 262 
LEU CA   C N S 263 
LEU C    C N N 264 
LEU O    O N N 265 
LEU CB   C N N 266 
LEU CG   C N N 267 
LEU CD1  C N N 268 
LEU CD2  C N N 269 
LEU OXT  O N N 270 
LEU H    H N N 271 
LEU H2   H N N 272 
LEU HA   H N N 273 
LEU HB2  H N N 274 
LEU HB3  H N N 275 
LEU HG   H N N 276 
LEU HD11 H N N 277 
LEU HD12 H N N 278 
LEU HD13 H N N 279 
LEU HD21 H N N 280 
LEU HD22 H N N 281 
LEU HD23 H N N 282 
LEU HXT  H N N 283 
LYS N    N N N 284 
LYS CA   C N S 285 
LYS C    C N N 286 
LYS O    O N N 287 
LYS CB   C N N 288 
LYS CG   C N N 289 
LYS CD   C N N 290 
LYS CE   C N N 291 
LYS NZ   N N N 292 
LYS OXT  O N N 293 
LYS H    H N N 294 
LYS H2   H N N 295 
LYS HA   H N N 296 
LYS HB2  H N N 297 
LYS HB3  H N N 298 
LYS HG2  H N N 299 
LYS HG3  H N N 300 
LYS HD2  H N N 301 
LYS HD3  H N N 302 
LYS HE2  H N N 303 
LYS HE3  H N N 304 
LYS HZ1  H N N 305 
LYS HZ2  H N N 306 
LYS HZ3  H N N 307 
LYS HXT  H N N 308 
MET N    N N N 309 
MET CA   C N S 310 
MET C    C N N 311 
MET O    O N N 312 
MET CB   C N N 313 
MET CG   C N N 314 
MET SD   S N N 315 
MET CE   C N N 316 
MET OXT  O N N 317 
MET H    H N N 318 
MET H2   H N N 319 
MET HA   H N N 320 
MET HB2  H N N 321 
MET HB3  H N N 322 
MET HG2  H N N 323 
MET HG3  H N N 324 
MET HE1  H N N 325 
MET HE2  H N N 326 
MET HE3  H N N 327 
MET HXT  H N N 328 
PHE N    N N N 329 
PHE CA   C N S 330 
PHE C    C N N 331 
PHE O    O N N 332 
PHE CB   C N N 333 
PHE CG   C Y N 334 
PHE CD1  C Y N 335 
PHE CD2  C Y N 336 
PHE CE1  C Y N 337 
PHE CE2  C Y N 338 
PHE CZ   C Y N 339 
PHE OXT  O N N 340 
PHE H    H N N 341 
PHE H2   H N N 342 
PHE HA   H N N 343 
PHE HB2  H N N 344 
PHE HB3  H N N 345 
PHE HD1  H N N 346 
PHE HD2  H N N 347 
PHE HE1  H N N 348 
PHE HE2  H N N 349 
PHE HZ   H N N 350 
PHE HXT  H N N 351 
PRO N    N N N 352 
PRO CA   C N S 353 
PRO C    C N N 354 
PRO O    O N N 355 
PRO CB   C N N 356 
PRO CG   C N N 357 
PRO CD   C N N 358 
PRO OXT  O N N 359 
PRO H    H N N 360 
PRO HA   H N N 361 
PRO HB2  H N N 362 
PRO HB3  H N N 363 
PRO HG2  H N N 364 
PRO HG3  H N N 365 
PRO HD2  H N N 366 
PRO HD3  H N N 367 
PRO HXT  H N N 368 
SER N    N N N 369 
SER CA   C N S 370 
SER C    C N N 371 
SER O    O N N 372 
SER CB   C N N 373 
SER OG   O N N 374 
SER OXT  O N N 375 
SER H    H N N 376 
SER H2   H N N 377 
SER HA   H N N 378 
SER HB2  H N N 379 
SER HB3  H N N 380 
SER HG   H N N 381 
SER HXT  H N N 382 
THR N    N N N 383 
THR CA   C N S 384 
THR C    C N N 385 
THR O    O N N 386 
THR CB   C N R 387 
THR OG1  O N N 388 
THR CG2  C N N 389 
THR OXT  O N N 390 
THR H    H N N 391 
THR H2   H N N 392 
THR HA   H N N 393 
THR HB   H N N 394 
THR HG1  H N N 395 
THR HG21 H N N 396 
THR HG22 H N N 397 
THR HG23 H N N 398 
THR HXT  H N N 399 
TYR N    N N N 400 
TYR CA   C N S 401 
TYR C    C N N 402 
TYR O    O N N 403 
TYR CB   C N N 404 
TYR CG   C Y N 405 
TYR CD1  C Y N 406 
TYR CD2  C Y N 407 
TYR CE1  C Y N 408 
TYR CE2  C Y N 409 
TYR CZ   C Y N 410 
TYR OH   O N N 411 
TYR OXT  O N N 412 
TYR H    H N N 413 
TYR H2   H N N 414 
TYR HA   H N N 415 
TYR HB2  H N N 416 
TYR HB3  H N N 417 
TYR HD1  H N N 418 
TYR HD2  H N N 419 
TYR HE1  H N N 420 
TYR HE2  H N N 421 
TYR HH   H N N 422 
TYR HXT  H N N 423 
VAL N    N N N 424 
VAL CA   C N S 425 
VAL C    C N N 426 
VAL O    O N N 427 
VAL CB   C N N 428 
VAL CG1  C N N 429 
VAL CG2  C N N 430 
VAL OXT  O N N 431 
VAL H    H N N 432 
VAL H2   H N N 433 
VAL HA   H N N 434 
VAL HB   H N N 435 
VAL HG11 H N N 436 
VAL HG12 H N N 437 
VAL HG13 H N N 438 
VAL HG21 H N N 439 
VAL HG22 H N N 440 
VAL HG23 H N N 441 
VAL HXT  H N N 442 
# 
loop_
_chem_comp_bond.comp_id 
_chem_comp_bond.atom_id_1 
_chem_comp_bond.atom_id_2 
_chem_comp_bond.value_order 
_chem_comp_bond.pdbx_aromatic_flag 
_chem_comp_bond.pdbx_stereo_config 
_chem_comp_bond.pdbx_ordinal 
ACT C   O    doub N N 1   
ACT C   OXT  sing N N 2   
ACT C   CH3  sing N N 3   
ACT CH3 H1   sing N N 4   
ACT CH3 H2   sing N N 5   
ACT CH3 H3   sing N N 6   
ALA N   CA   sing N N 7   
ALA N   H    sing N N 8   
ALA N   H2   sing N N 9   
ALA CA  C    sing N N 10  
ALA CA  CB   sing N N 11  
ALA CA  HA   sing N N 12  
ALA C   O    doub N N 13  
ALA C   OXT  sing N N 14  
ALA CB  HB1  sing N N 15  
ALA CB  HB2  sing N N 16  
ALA CB  HB3  sing N N 17  
ALA OXT HXT  sing N N 18  
ARG N   CA   sing N N 19  
ARG N   H    sing N N 20  
ARG N   H2   sing N N 21  
ARG CA  C    sing N N 22  
ARG CA  CB   sing N N 23  
ARG CA  HA   sing N N 24  
ARG C   O    doub N N 25  
ARG C   OXT  sing N N 26  
ARG CB  CG   sing N N 27  
ARG CB  HB2  sing N N 28  
ARG CB  HB3  sing N N 29  
ARG CG  CD   sing N N 30  
ARG CG  HG2  sing N N 31  
ARG CG  HG3  sing N N 32  
ARG CD  NE   sing N N 33  
ARG CD  HD2  sing N N 34  
ARG CD  HD3  sing N N 35  
ARG NE  CZ   sing N N 36  
ARG NE  HE   sing N N 37  
ARG CZ  NH1  sing N N 38  
ARG CZ  NH2  doub N N 39  
ARG NH1 HH11 sing N N 40  
ARG NH1 HH12 sing N N 41  
ARG NH2 HH21 sing N N 42  
ARG NH2 HH22 sing N N 43  
ARG OXT HXT  sing N N 44  
ASN N   CA   sing N N 45  
ASN N   H    sing N N 46  
ASN N   H2   sing N N 47  
ASN CA  C    sing N N 48  
ASN CA  CB   sing N N 49  
ASN CA  HA   sing N N 50  
ASN C   O    doub N N 51  
ASN C   OXT  sing N N 52  
ASN CB  CG   sing N N 53  
ASN CB  HB2  sing N N 54  
ASN CB  HB3  sing N N 55  
ASN CG  OD1  doub N N 56  
ASN CG  ND2  sing N N 57  
ASN ND2 HD21 sing N N 58  
ASN ND2 HD22 sing N N 59  
ASN OXT HXT  sing N N 60  
ASP N   CA   sing N N 61  
ASP N   H    sing N N 62  
ASP N   H2   sing N N 63  
ASP CA  C    sing N N 64  
ASP CA  CB   sing N N 65  
ASP CA  HA   sing N N 66  
ASP C   O    doub N N 67  
ASP C   OXT  sing N N 68  
ASP CB  CG   sing N N 69  
ASP CB  HB2  sing N N 70  
ASP CB  HB3  sing N N 71  
ASP CG  OD1  doub N N 72  
ASP CG  OD2  sing N N 73  
ASP OD2 HD2  sing N N 74  
ASP OXT HXT  sing N N 75  
CSO N   CA   sing N N 76  
CSO N   H    sing N N 77  
CSO N   H2   sing N N 78  
CSO CA  CB   sing N N 79  
CSO CA  C    sing N N 80  
CSO CA  HA   sing N N 81  
CSO CB  SG   sing N N 82  
CSO CB  HB2  sing N N 83  
CSO CB  HB3  sing N N 84  
CSO SG  OD   sing N N 85  
CSO C   O    doub N N 86  
CSO C   OXT  sing N N 87  
CSO OXT HXT  sing N N 88  
CSO OD  HD   sing N N 89  
CYS N   CA   sing N N 90  
CYS N   H    sing N N 91  
CYS N   H2   sing N N 92  
CYS CA  C    sing N N 93  
CYS CA  CB   sing N N 94  
CYS CA  HA   sing N N 95  
CYS C   O    doub N N 96  
CYS C   OXT  sing N N 97  
CYS CB  SG   sing N N 98  
CYS CB  HB2  sing N N 99  
CYS CB  HB3  sing N N 100 
CYS SG  HG   sing N N 101 
CYS OXT HXT  sing N N 102 
DMS S   O    doub N N 103 
DMS S   C1   sing N N 104 
DMS S   C2   sing N N 105 
DMS C1  H11  sing N N 106 
DMS C1  H12  sing N N 107 
DMS C1  H13  sing N N 108 
DMS C2  H21  sing N N 109 
DMS C2  H22  sing N N 110 
DMS C2  H23  sing N N 111 
GLN N   CA   sing N N 112 
GLN N   H    sing N N 113 
GLN N   H2   sing N N 114 
GLN CA  C    sing N N 115 
GLN CA  CB   sing N N 116 
GLN CA  HA   sing N N 117 
GLN C   O    doub N N 118 
GLN C   OXT  sing N N 119 
GLN CB  CG   sing N N 120 
GLN CB  HB2  sing N N 121 
GLN CB  HB3  sing N N 122 
GLN CG  CD   sing N N 123 
GLN CG  HG2  sing N N 124 
GLN CG  HG3  sing N N 125 
GLN CD  OE1  doub N N 126 
GLN CD  NE2  sing N N 127 
GLN NE2 HE21 sing N N 128 
GLN NE2 HE22 sing N N 129 
GLN OXT HXT  sing N N 130 
GLU N   CA   sing N N 131 
GLU N   H    sing N N 132 
GLU N   H2   sing N N 133 
GLU CA  C    sing N N 134 
GLU CA  CB   sing N N 135 
GLU CA  HA   sing N N 136 
GLU C   O    doub N N 137 
GLU C   OXT  sing N N 138 
GLU CB  CG   sing N N 139 
GLU CB  HB2  sing N N 140 
GLU CB  HB3  sing N N 141 
GLU CG  CD   sing N N 142 
GLU CG  HG2  sing N N 143 
GLU CG  HG3  sing N N 144 
GLU CD  OE1  doub N N 145 
GLU CD  OE2  sing N N 146 
GLU OE2 HE2  sing N N 147 
GLU OXT HXT  sing N N 148 
GLY N   CA   sing N N 149 
GLY N   H    sing N N 150 
GLY N   H2   sing N N 151 
GLY CA  C    sing N N 152 
GLY CA  HA2  sing N N 153 
GLY CA  HA3  sing N N 154 
GLY C   O    doub N N 155 
GLY C   OXT  sing N N 156 
GLY OXT HXT  sing N N 157 
H0P C5  C4   doub Y N 158 
H0P C5  C6   sing Y N 159 
H0P C4  C3   sing Y N 160 
H0P O1  C2   doub N N 161 
H0P C6  N2   doub Y N 162 
H0P C2  N1   sing N N 163 
H0P C2  C1   sing N N 164 
H0P C3  N1   sing N N 165 
H0P C3  C7   doub Y N 166 
H0P C1  C8   sing N N 167 
H0P C9  C8   doub Y N 168 
H0P C9  C10  sing Y N 169 
H0P N2  C7   sing Y N 170 
H0P C8  C13  sing Y N 171 
H0P C10 C11  doub Y N 172 
H0P C13 C12  doub Y N 173 
H0P C11 C12  sing Y N 174 
H0P C12 O2   sing N N 175 
H0P N1  H1   sing N N 176 
H0P C4  H2   sing N N 177 
H0P C5  H3   sing N N 178 
H0P C6  H4   sing N N 179 
H0P C7  H5   sing N N 180 
H0P C10 H6   sing N N 181 
H0P C13 H7   sing N N 182 
H0P C1  H8   sing N N 183 
H0P C1  H9   sing N N 184 
H0P C9  H10  sing N N 185 
H0P C11 H11  sing N N 186 
H0P O2  H12  sing N N 187 
HIS N   CA   sing N N 188 
HIS N   H    sing N N 189 
HIS N   H2   sing N N 190 
HIS CA  C    sing N N 191 
HIS CA  CB   sing N N 192 
HIS CA  HA   sing N N 193 
HIS C   O    doub N N 194 
HIS C   OXT  sing N N 195 
HIS CB  CG   sing N N 196 
HIS CB  HB2  sing N N 197 
HIS CB  HB3  sing N N 198 
HIS CG  ND1  sing Y N 199 
HIS CG  CD2  doub Y N 200 
HIS ND1 CE1  doub Y N 201 
HIS ND1 HD1  sing N N 202 
HIS CD2 NE2  sing Y N 203 
HIS CD2 HD2  sing N N 204 
HIS CE1 NE2  sing Y N 205 
HIS CE1 HE1  sing N N 206 
HIS NE2 HE2  sing N N 207 
HIS OXT HXT  sing N N 208 
HOH O   H1   sing N N 209 
HOH O   H2   sing N N 210 
HYP N   CA   sing N N 211 
HYP N   CD   sing N N 212 
HYP N   H    sing N N 213 
HYP CA  C    sing N N 214 
HYP CA  CB   sing N N 215 
HYP CA  HA   sing N N 216 
HYP C   O    doub N N 217 
HYP C   OXT  sing N N 218 
HYP CB  CG   sing N N 219 
HYP CB  HB2  sing N N 220 
HYP CB  HB3  sing N N 221 
HYP CG  CD   sing N N 222 
HYP CG  OD1  sing N N 223 
HYP CG  HG   sing N N 224 
HYP CD  HD22 sing N N 225 
HYP CD  HD23 sing N N 226 
HYP OD1 HD1  sing N N 227 
HYP OXT HXT  sing N N 228 
ILE N   CA   sing N N 229 
ILE N   H    sing N N 230 
ILE N   H2   sing N N 231 
ILE CA  C    sing N N 232 
ILE CA  CB   sing N N 233 
ILE CA  HA   sing N N 234 
ILE C   O    doub N N 235 
ILE C   OXT  sing N N 236 
ILE CB  CG1  sing N N 237 
ILE CB  CG2  sing N N 238 
ILE CB  HB   sing N N 239 
ILE CG1 CD1  sing N N 240 
ILE CG1 HG12 sing N N 241 
ILE CG1 HG13 sing N N 242 
ILE CG2 HG21 sing N N 243 
ILE CG2 HG22 sing N N 244 
ILE CG2 HG23 sing N N 245 
ILE CD1 HD11 sing N N 246 
ILE CD1 HD12 sing N N 247 
ILE CD1 HD13 sing N N 248 
ILE OXT HXT  sing N N 249 
LEU N   CA   sing N N 250 
LEU N   H    sing N N 251 
LEU N   H2   sing N N 252 
LEU CA  C    sing N N 253 
LEU CA  CB   sing N N 254 
LEU CA  HA   sing N N 255 
LEU C   O    doub N N 256 
LEU C   OXT  sing N N 257 
LEU CB  CG   sing N N 258 
LEU CB  HB2  sing N N 259 
LEU CB  HB3  sing N N 260 
LEU CG  CD1  sing N N 261 
LEU CG  CD2  sing N N 262 
LEU CG  HG   sing N N 263 
LEU CD1 HD11 sing N N 264 
LEU CD1 HD12 sing N N 265 
LEU CD1 HD13 sing N N 266 
LEU CD2 HD21 sing N N 267 
LEU CD2 HD22 sing N N 268 
LEU CD2 HD23 sing N N 269 
LEU OXT HXT  sing N N 270 
LYS N   CA   sing N N 271 
LYS N   H    sing N N 272 
LYS N   H2   sing N N 273 
LYS CA  C    sing N N 274 
LYS CA  CB   sing N N 275 
LYS CA  HA   sing N N 276 
LYS C   O    doub N N 277 
LYS C   OXT  sing N N 278 
LYS CB  CG   sing N N 279 
LYS CB  HB2  sing N N 280 
LYS CB  HB3  sing N N 281 
LYS CG  CD   sing N N 282 
LYS CG  HG2  sing N N 283 
LYS CG  HG3  sing N N 284 
LYS CD  CE   sing N N 285 
LYS CD  HD2  sing N N 286 
LYS CD  HD3  sing N N 287 
LYS CE  NZ   sing N N 288 
LYS CE  HE2  sing N N 289 
LYS CE  HE3  sing N N 290 
LYS NZ  HZ1  sing N N 291 
LYS NZ  HZ2  sing N N 292 
LYS NZ  HZ3  sing N N 293 
LYS OXT HXT  sing N N 294 
MET N   CA   sing N N 295 
MET N   H    sing N N 296 
MET N   H2   sing N N 297 
MET CA  C    sing N N 298 
MET CA  CB   sing N N 299 
MET CA  HA   sing N N 300 
MET C   O    doub N N 301 
MET C   OXT  sing N N 302 
MET CB  CG   sing N N 303 
MET CB  HB2  sing N N 304 
MET CB  HB3  sing N N 305 
MET CG  SD   sing N N 306 
MET CG  HG2  sing N N 307 
MET CG  HG3  sing N N 308 
MET SD  CE   sing N N 309 
MET CE  HE1  sing N N 310 
MET CE  HE2  sing N N 311 
MET CE  HE3  sing N N 312 
MET OXT HXT  sing N N 313 
PHE N   CA   sing N N 314 
PHE N   H    sing N N 315 
PHE N   H2   sing N N 316 
PHE CA  C    sing N N 317 
PHE CA  CB   sing N N 318 
PHE CA  HA   sing N N 319 
PHE C   O    doub N N 320 
PHE C   OXT  sing N N 321 
PHE CB  CG   sing N N 322 
PHE CB  HB2  sing N N 323 
PHE CB  HB3  sing N N 324 
PHE CG  CD1  doub Y N 325 
PHE CG  CD2  sing Y N 326 
PHE CD1 CE1  sing Y N 327 
PHE CD1 HD1  sing N N 328 
PHE CD2 CE2  doub Y N 329 
PHE CD2 HD2  sing N N 330 
PHE CE1 CZ   doub Y N 331 
PHE CE1 HE1  sing N N 332 
PHE CE2 CZ   sing Y N 333 
PHE CE2 HE2  sing N N 334 
PHE CZ  HZ   sing N N 335 
PHE OXT HXT  sing N N 336 
PRO N   CA   sing N N 337 
PRO N   CD   sing N N 338 
PRO N   H    sing N N 339 
PRO CA  C    sing N N 340 
PRO CA  CB   sing N N 341 
PRO CA  HA   sing N N 342 
PRO C   O    doub N N 343 
PRO C   OXT  sing N N 344 
PRO CB  CG   sing N N 345 
PRO CB  HB2  sing N N 346 
PRO CB  HB3  sing N N 347 
PRO CG  CD   sing N N 348 
PRO CG  HG2  sing N N 349 
PRO CG  HG3  sing N N 350 
PRO CD  HD2  sing N N 351 
PRO CD  HD3  sing N N 352 
PRO OXT HXT  sing N N 353 
SER N   CA   sing N N 354 
SER N   H    sing N N 355 
SER N   H2   sing N N 356 
SER CA  C    sing N N 357 
SER CA  CB   sing N N 358 
SER CA  HA   sing N N 359 
SER C   O    doub N N 360 
SER C   OXT  sing N N 361 
SER CB  OG   sing N N 362 
SER CB  HB2  sing N N 363 
SER CB  HB3  sing N N 364 
SER OG  HG   sing N N 365 
SER OXT HXT  sing N N 366 
THR N   CA   sing N N 367 
THR N   H    sing N N 368 
THR N   H2   sing N N 369 
THR CA  C    sing N N 370 
THR CA  CB   sing N N 371 
THR CA  HA   sing N N 372 
THR C   O    doub N N 373 
THR C   OXT  sing N N 374 
THR CB  OG1  sing N N 375 
THR CB  CG2  sing N N 376 
THR CB  HB   sing N N 377 
THR OG1 HG1  sing N N 378 
THR CG2 HG21 sing N N 379 
THR CG2 HG22 sing N N 380 
THR CG2 HG23 sing N N 381 
THR OXT HXT  sing N N 382 
TYR N   CA   sing N N 383 
TYR N   H    sing N N 384 
TYR N   H2   sing N N 385 
TYR CA  C    sing N N 386 
TYR CA  CB   sing N N 387 
TYR CA  HA   sing N N 388 
TYR C   O    doub N N 389 
TYR C   OXT  sing N N 390 
TYR CB  CG   sing N N 391 
TYR CB  HB2  sing N N 392 
TYR CB  HB3  sing N N 393 
TYR CG  CD1  doub Y N 394 
TYR CG  CD2  sing Y N 395 
TYR CD1 CE1  sing Y N 396 
TYR CD1 HD1  sing N N 397 
TYR CD2 CE2  doub Y N 398 
TYR CD2 HD2  sing N N 399 
TYR CE1 CZ   doub Y N 400 
TYR CE1 HE1  sing N N 401 
TYR CE2 CZ   sing Y N 402 
TYR CE2 HE2  sing N N 403 
TYR CZ  OH   sing N N 404 
TYR OH  HH   sing N N 405 
TYR OXT HXT  sing N N 406 
VAL N   CA   sing N N 407 
VAL N   H    sing N N 408 
VAL N   H2   sing N N 409 
VAL CA  C    sing N N 410 
VAL CA  CB   sing N N 411 
VAL CA  HA   sing N N 412 
VAL C   O    doub N N 413 
VAL C   OXT  sing N N 414 
VAL CB  CG1  sing N N 415 
VAL CB  CG2  sing N N 416 
VAL CB  HB   sing N N 417 
VAL CG1 HG11 sing N N 418 
VAL CG1 HG12 sing N N 419 
VAL CG1 HG13 sing N N 420 
VAL CG2 HG21 sing N N 421 
VAL CG2 HG22 sing N N 422 
VAL CG2 HG23 sing N N 423 
VAL OXT HXT  sing N N 424 
# 
_pdbx_deposit_group.group_id            G_1002045 
_pdbx_deposit_group.group_description   
;human NUDT7 screened against the 3D-Fragment Consortium Library by X-ray Crystallography at the XChem facility of Diamond Light Source beamline I04-1
;
_pdbx_deposit_group.group_title         'PanDDA analysis group deposition of models with modelled events (e.g. bound ligands)' 
_pdbx_deposit_group.group_type          'changed state' 
# 
loop_
_pdbx_entity_nonpoly.entity_id 
_pdbx_entity_nonpoly.name 
_pdbx_entity_nonpoly.comp_id 
2 'ACETATE ION'                                   ACT 
3 'DIMETHYL SULFOXIDE'                            DMS 
4 '2-(3-hydroxyphenyl)-N-(pyridin-3-yl)acetamide' H0P 
5 water                                           HOH 
# 
_pdbx_related_exp_data_set.ordinal              1 
_pdbx_related_exp_data_set.data_reference       10.5281/zenodo.1244111 
_pdbx_related_exp_data_set.metadata_reference   10.5281/zenodo.1244111 
_pdbx_related_exp_data_set.data_set_type        'other data' 
_pdbx_related_exp_data_set.details              'Complete PanDDA analysis' 
# 
